data_6XV6
#
_entry.id   6XV6
#
_cell.length_a   89.689
_cell.length_b   136.310
_cell.length_c   90.096
_cell.angle_alpha   90.000
_cell.angle_beta   117.370
_cell.angle_gamma   90.000
#
_symmetry.space_group_name_H-M   'P 1 21 1'
#
loop_
_entity.id
_entity.type
_entity.pdbx_description
1 polymer 'NAD-dependent protein deacetylase sirtuin-6'
2 non-polymer '[(2R,3S,4R,5R)-5-(6-AMINOPURIN-9-YL)-3,4-DIHYDROXY-OXOLAN-2-YL]METHYL [HYDROXY-[[(2R,3S,4R,5S)-3,4,5-TRIHYDROXYOXOLAN-2-YL]METHOXY]PHOSPHORYL] HYDROGEN PHOSPHATE'
3 non-polymer 'ZINC ION'
4 non-polymer NICOTINAMIDE
5 non-polymer GLYCEROL
6 non-polymer 'SULFATE ION'
7 water water
#
_entity_poly.entity_id   1
_entity_poly.type   'polypeptide(L)'
_entity_poly.pdbx_seq_one_letter_code
;VNYAAGLSPYADKGKCGLPEIFDPPEELERKVWELARLVWQSSSVVFHTGAGISTASGIPDFRGPHGVWTMEERGLAPKF
DTTFESARPTQTHMALVQLERVGLLRFLVSQNVDGLHVRSGFPRDKLAELHGNMFVEECAKCKTQYVRDTVVGTMGLKAT
GRLCTVAKARGLRACRGELRDTILDWEDSLPDRDLALADEASRNADLSITLGTSLQIRPSGNLPLATKRRGGRLVIVNLQ
PTKHDRHADLRIHGYVDEVMTRLMKHLGLEIPAWDGPRVLERALPPLPRPPTPKLEPKEESPTRINGSIPAGPKQE
;
_entity_poly.pdbx_strand_id   A,B,C,D,E,F
#
loop_
_chem_comp.id
_chem_comp.type
_chem_comp.name
_chem_comp.formula
AR6 non-polymer '[(2R,3S,4R,5R)-5-(6-AMINOPURIN-9-YL)-3,4-DIHYDROXY-OXOLAN-2-YL]METHYL [HYDROXY-[[(2R,3S,4R,5S)-3,4,5-TRIHYDROXYOXOLAN-2-YL]METHOXY]PHOSPHORYL] HYDROGEN PHOSPHATE' 'C15 H23 N5 O14 P2'
GOL non-polymer GLYCEROL 'C3 H8 O3'
NCA non-polymer NICOTINAMIDE 'C6 H6 N2 O'
SO4 non-polymer 'SULFATE ION' 'O4 S -2'
ZN non-polymer 'ZINC ION' 'Zn 2'
#
# COMPACT_ATOMS: atom_id res chain seq x y z
N ASN A 2 -13.26 -18.53 -21.45
CA ASN A 2 -14.39 -19.45 -21.15
C ASN A 2 -15.11 -18.87 -19.92
N TYR A 3 -15.00 -19.53 -18.74
CA TYR A 3 -15.91 -19.31 -17.59
C TYR A 3 -15.88 -17.83 -17.19
N ALA A 4 -14.65 -17.33 -17.09
CA ALA A 4 -14.41 -15.92 -16.75
C ALA A 4 -15.11 -15.05 -17.80
N ALA A 5 -14.87 -15.31 -19.08
CA ALA A 5 -15.49 -14.48 -20.14
C ALA A 5 -17.01 -14.54 -20.03
N GLY A 6 -17.61 -15.70 -19.76
CA GLY A 6 -19.07 -15.80 -19.64
C GLY A 6 -19.67 -15.01 -18.48
N LEU A 7 -19.05 -15.01 -17.30
CA LEU A 7 -19.65 -14.31 -16.14
C LEU A 7 -19.19 -12.84 -16.11
N SER A 8 -18.20 -12.45 -16.91
CA SER A 8 -17.64 -11.09 -16.70
C SER A 8 -18.69 -9.98 -16.86
N PRO A 9 -19.54 -9.95 -17.90
CA PRO A 9 -20.58 -8.90 -18.01
C PRO A 9 -21.85 -9.14 -17.18
N TYR A 10 -22.22 -8.12 -16.39
CA TYR A 10 -23.43 -7.95 -15.54
C TYR A 10 -23.36 -8.69 -14.19
N ALA A 11 -22.34 -9.51 -13.94
CA ALA A 11 -22.30 -10.21 -12.64
C ALA A 11 -21.62 -9.32 -11.60
N ASP A 12 -22.04 -9.42 -10.34
CA ASP A 12 -21.40 -8.67 -9.24
C ASP A 12 -20.16 -9.48 -8.84
N LYS A 13 -18.99 -8.85 -8.90
CA LYS A 13 -17.70 -9.54 -8.63
C LYS A 13 -17.26 -9.39 -7.18
N GLY A 14 -17.93 -8.55 -6.39
CA GLY A 14 -17.63 -8.37 -4.94
C GLY A 14 -16.27 -7.73 -4.69
N LYS A 15 -15.69 -7.98 -3.51
CA LYS A 15 -14.42 -7.36 -3.06
C LYS A 15 -13.23 -8.21 -3.53
N CYS A 16 -12.41 -7.64 -4.42
CA CYS A 16 -11.25 -8.29 -5.08
C CYS A 16 -9.95 -7.78 -4.47
N GLY A 17 -8.95 -8.64 -4.30
CA GLY A 17 -7.58 -8.26 -3.97
C GLY A 17 -7.41 -7.76 -2.54
N LEU A 18 -8.26 -8.14 -1.61
CA LEU A 18 -8.00 -7.87 -0.16
C LEU A 18 -6.66 -8.52 0.19
N PRO A 19 -5.91 -7.95 1.14
CA PRO A 19 -4.63 -8.50 1.53
C PRO A 19 -4.78 -9.90 2.14
N GLU A 20 -3.78 -10.73 1.93
CA GLU A 20 -3.63 -12.05 2.59
C GLU A 20 -3.14 -11.85 4.01
N ILE A 21 -3.60 -12.70 4.91
CA ILE A 21 -3.18 -12.76 6.34
C ILE A 21 -2.56 -14.13 6.55
N PHE A 22 -1.43 -14.18 7.26
CA PHE A 22 -0.73 -15.41 7.66
C PHE A 22 -0.63 -15.45 9.17
N ASP A 23 -1.33 -16.40 9.80
CA ASP A 23 -1.09 -16.73 11.22
C ASP A 23 0.39 -17.11 11.36
N PRO A 24 1.11 -16.59 12.36
CA PRO A 24 2.49 -17.00 12.57
C PRO A 24 2.50 -18.48 13.01
N PRO A 25 3.66 -19.15 12.85
CA PRO A 25 3.76 -20.61 13.03
C PRO A 25 3.15 -21.18 14.31
N GLU A 26 3.46 -20.61 15.48
CA GLU A 26 3.00 -21.15 16.78
C GLU A 26 1.47 -21.03 16.83
N GLU A 27 0.91 -19.94 16.31
CA GLU A 27 -0.54 -19.69 16.34
C GLU A 27 -1.20 -20.64 15.34
N LEU A 28 -0.60 -20.81 14.15
CA LEU A 28 -1.11 -21.76 13.15
C LEU A 28 -1.16 -23.16 13.77
N GLU A 29 -0.10 -23.59 14.43
CA GLU A 29 -0.05 -24.96 15.03
C GLU A 29 -1.16 -25.10 16.09
N ARG A 30 -1.38 -24.08 16.92
CA ARG A 30 -2.43 -24.10 17.96
C ARG A 30 -3.79 -24.25 17.28
N LYS A 31 -4.04 -23.50 16.20
CA LYS A 31 -5.37 -23.50 15.55
C LYS A 31 -5.63 -24.84 14.86
N VAL A 32 -4.60 -25.44 14.26
CA VAL A 32 -4.82 -26.74 13.55
C VAL A 32 -5.06 -27.84 14.59
N TRP A 33 -4.41 -27.79 15.75
CA TRP A 33 -4.74 -28.71 16.87
C TRP A 33 -6.20 -28.50 17.28
N GLU A 34 -6.65 -27.24 17.38
CA GLU A 34 -8.06 -26.94 17.75
C GLU A 34 -9.01 -27.47 16.66
N LEU A 35 -8.63 -27.35 15.39
CA LEU A 35 -9.45 -27.93 14.29
C LEU A 35 -9.55 -29.46 14.48
N ALA A 36 -8.44 -30.14 14.75
CA ALA A 36 -8.47 -31.60 15.02
C ALA A 36 -9.43 -31.91 16.16
N ARG A 37 -9.39 -31.14 17.26
CA ARG A 37 -10.31 -31.33 18.41
C ARG A 37 -11.75 -31.24 17.92
N LEU A 38 -12.08 -30.24 17.10
CA LEU A 38 -13.48 -30.05 16.64
C LEU A 38 -13.91 -31.21 15.75
N VAL A 39 -13.00 -31.71 14.89
CA VAL A 39 -13.32 -32.86 14.01
C VAL A 39 -13.58 -34.10 14.88
N TRP A 40 -12.72 -34.35 15.87
CA TRP A 40 -12.85 -35.56 16.76
C TRP A 40 -14.19 -35.51 17.51
N GLN A 41 -14.62 -34.33 17.91
CA GLN A 41 -15.78 -34.14 18.82
C GLN A 41 -17.08 -33.99 18.04
N SER A 42 -17.05 -33.82 16.73
CA SER A 42 -18.26 -33.57 15.92
C SER A 42 -18.82 -34.88 15.34
N SER A 43 -20.14 -34.99 15.26
CA SER A 43 -20.91 -36.15 14.74
C SER A 43 -21.12 -36.03 13.24
N SER A 44 -21.35 -34.81 12.71
CA SER A 44 -21.73 -34.58 11.30
C SER A 44 -20.93 -33.37 10.78
N VAL A 45 -19.88 -33.63 10.01
CA VAL A 45 -18.93 -32.59 9.51
C VAL A 45 -19.23 -32.36 8.02
N VAL A 46 -19.45 -31.10 7.65
CA VAL A 46 -19.64 -30.68 6.25
C VAL A 46 -18.51 -29.72 5.87
N PHE A 47 -17.86 -30.00 4.74
CA PHE A 47 -16.82 -29.14 4.16
C PHE A 47 -17.48 -28.36 3.02
N HIS A 48 -17.04 -27.11 2.90
CA HIS A 48 -17.43 -26.15 1.86
C HIS A 48 -16.16 -25.68 1.17
N THR A 49 -16.01 -25.96 -0.13
CA THR A 49 -14.77 -25.62 -0.85
C THR A 49 -15.03 -24.59 -1.95
N GLY A 50 -14.05 -23.71 -2.14
CA GLY A 50 -14.02 -22.77 -3.26
C GLY A 50 -12.67 -22.79 -3.93
N ALA A 51 -12.40 -21.78 -4.75
CA ALA A 51 -11.32 -21.83 -5.75
C ALA A 51 -9.96 -21.88 -5.08
N GLY A 52 -9.85 -21.47 -3.83
CA GLY A 52 -8.56 -21.44 -3.14
C GLY A 52 -7.98 -22.85 -2.93
N ILE A 53 -8.80 -23.92 -2.98
CA ILE A 53 -8.25 -25.30 -2.82
C ILE A 53 -7.64 -25.81 -4.12
N SER A 54 -7.73 -25.09 -5.24
CA SER A 54 -7.15 -25.53 -6.53
C SER A 54 -6.01 -24.61 -6.99
N THR A 55 -5.71 -23.55 -6.24
CA THR A 55 -4.62 -22.63 -6.65
C THR A 55 -3.28 -23.37 -6.61
N ALA A 56 -3.06 -24.29 -5.67
CA ALA A 56 -1.78 -25.05 -5.57
C ALA A 56 -1.70 -26.14 -6.67
N SER A 57 -2.72 -26.31 -7.51
CA SER A 57 -2.64 -27.17 -8.73
C SER A 57 -2.54 -26.34 -10.01
N GLY A 58 -2.37 -25.03 -9.90
CA GLY A 58 -2.14 -24.14 -11.05
C GLY A 58 -3.37 -23.43 -11.57
N ILE A 59 -4.52 -23.54 -10.90
CA ILE A 59 -5.78 -22.90 -11.36
C ILE A 59 -6.01 -21.65 -10.51
N PRO A 60 -6.11 -20.45 -11.12
CA PRO A 60 -6.24 -19.22 -10.35
C PRO A 60 -7.63 -19.12 -9.69
N ASP A 61 -7.73 -18.40 -8.59
CA ASP A 61 -9.02 -18.09 -7.92
C ASP A 61 -9.63 -16.85 -8.57
N PHE A 62 -10.70 -16.30 -7.99
CA PHE A 62 -11.44 -15.16 -8.56
C PHE A 62 -11.01 -13.85 -7.91
N ARG A 63 -10.78 -13.83 -6.59
CA ARG A 63 -10.67 -12.56 -5.82
C ARG A 63 -9.35 -12.49 -5.05
N GLY A 64 -8.49 -13.50 -5.16
CA GLY A 64 -7.16 -13.44 -4.53
C GLY A 64 -6.32 -12.35 -5.19
N PRO A 65 -5.09 -12.13 -4.70
CA PRO A 65 -4.21 -11.11 -5.28
C PRO A 65 -4.02 -11.26 -6.80
N HIS A 66 -4.00 -12.50 -7.34
CA HIS A 66 -3.86 -12.73 -8.79
C HIS A 66 -5.11 -13.43 -9.31
N GLY A 67 -6.25 -13.22 -8.64
CA GLY A 67 -7.53 -13.83 -9.04
C GLY A 67 -7.99 -13.30 -10.38
N VAL A 68 -8.91 -14.01 -11.02
CA VAL A 68 -9.51 -13.59 -12.33
C VAL A 68 -9.97 -12.13 -12.23
N TRP A 69 -10.80 -11.79 -11.25
CA TRP A 69 -11.36 -10.41 -11.17
C TRP A 69 -10.30 -9.38 -10.78
N THR A 70 -9.45 -9.73 -9.83
CA THR A 70 -8.37 -8.83 -9.37
C THR A 70 -7.50 -8.46 -10.59
N MET A 71 -7.16 -9.44 -11.41
CA MET A 71 -6.27 -9.22 -12.58
C MET A 71 -7.02 -8.44 -13.67
N GLU A 72 -8.31 -8.71 -13.81
CA GLU A 72 -9.15 -8.03 -14.81
C GLU A 72 -9.12 -6.52 -14.56
N GLU A 73 -9.23 -6.12 -13.30
CA GLU A 73 -9.14 -4.71 -12.88
C GLU A 73 -7.86 -4.05 -13.38
N ARG A 74 -6.77 -4.80 -13.55
CA ARG A 74 -5.46 -4.29 -14.03
C ARG A 74 -5.33 -4.44 -15.54
N GLY A 75 -6.37 -4.92 -16.21
CA GLY A 75 -6.37 -5.26 -17.65
C GLY A 75 -5.48 -6.47 -17.94
N LEU A 76 -5.35 -7.37 -16.98
CA LEU A 76 -4.52 -8.60 -17.12
C LEU A 76 -5.42 -9.84 -17.08
N ALA A 77 -5.02 -10.83 -17.88
CA ALA A 77 -5.69 -12.14 -17.92
C ALA A 77 -5.22 -12.93 -16.70
N PRO A 78 -6.05 -13.86 -16.20
CA PRO A 78 -5.59 -14.74 -15.13
C PRO A 78 -4.54 -15.67 -15.77
N LYS A 79 -3.68 -16.23 -14.95
CA LYS A 79 -2.64 -17.17 -15.40
C LYS A 79 -2.96 -18.58 -14.86
N PHE A 80 -3.06 -19.53 -15.80
CA PHE A 80 -3.14 -20.98 -15.54
C PHE A 80 -1.74 -21.56 -15.66
N ASP A 81 -1.37 -22.49 -14.77
CA ASP A 81 -0.12 -23.27 -14.88
C ASP A 81 -0.45 -24.69 -15.32
N THR A 82 -1.68 -24.92 -15.78
CA THR A 82 -2.18 -26.24 -16.20
C THR A 82 -3.42 -26.02 -17.07
N THR A 83 -3.86 -27.07 -17.76
CA THR A 83 -5.22 -27.12 -18.34
C THR A 83 -6.13 -27.75 -17.30
N PHE A 84 -7.44 -27.61 -17.44
CA PHE A 84 -8.38 -28.33 -16.56
C PHE A 84 -8.12 -29.83 -16.68
N GLU A 85 -7.84 -30.33 -17.89
CA GLU A 85 -7.64 -31.78 -18.15
C GLU A 85 -6.36 -32.30 -17.51
N SER A 86 -5.30 -31.49 -17.49
CA SER A 86 -3.97 -31.92 -16.99
C SER A 86 -3.83 -31.64 -15.49
N ALA A 87 -4.75 -30.90 -14.87
CA ALA A 87 -4.68 -30.53 -13.44
C ALA A 87 -4.74 -31.82 -12.59
N ARG A 88 -3.94 -31.86 -11.52
CA ARG A 88 -4.03 -32.95 -10.55
C ARG A 88 -4.69 -32.41 -9.29
N PRO A 89 -5.43 -33.27 -8.55
CA PRO A 89 -5.98 -32.89 -7.27
C PRO A 89 -4.83 -32.53 -6.30
N THR A 90 -5.08 -31.51 -5.48
CA THR A 90 -4.13 -31.06 -4.46
C THR A 90 -4.14 -32.05 -3.29
N GLN A 91 -3.20 -31.86 -2.38
CA GLN A 91 -3.14 -32.57 -1.07
C GLN A 91 -4.49 -32.38 -0.36
N THR A 92 -5.09 -31.19 -0.45
CA THR A 92 -6.38 -30.89 0.20
C THR A 92 -7.47 -31.75 -0.45
N HIS A 93 -7.53 -31.82 -1.78
CA HIS A 93 -8.52 -32.65 -2.49
C HIS A 93 -8.41 -34.10 -2.00
N MET A 94 -7.21 -34.63 -1.92
CA MET A 94 -7.00 -36.06 -1.57
C MET A 94 -7.23 -36.26 -0.07
N ALA A 95 -6.95 -35.26 0.78
CA ALA A 95 -7.29 -35.33 2.21
C ALA A 95 -8.82 -35.46 2.36
N LEU A 96 -9.60 -34.71 1.60
CA LEU A 96 -11.07 -34.75 1.70
C LEU A 96 -11.58 -36.14 1.24
N VAL A 97 -10.94 -36.74 0.25
CA VAL A 97 -11.29 -38.12 -0.18
C VAL A 97 -11.14 -39.05 1.02
N GLN A 98 -10.02 -38.97 1.74
CA GLN A 98 -9.72 -39.89 2.86
C GLN A 98 -10.68 -39.60 4.01
N LEU A 99 -10.97 -38.33 4.31
CA LEU A 99 -11.88 -37.98 5.43
C LEU A 99 -13.25 -38.59 5.16
N GLU A 100 -13.73 -38.55 3.90
CA GLU A 100 -15.02 -39.21 3.54
C GLU A 100 -14.87 -40.73 3.75
N ARG A 101 -13.77 -41.32 3.31
CA ARG A 101 -13.62 -42.81 3.31
C ARG A 101 -13.68 -43.32 4.77
N VAL A 102 -13.17 -42.56 5.74
CA VAL A 102 -13.08 -43.03 7.15
C VAL A 102 -14.28 -42.50 7.96
N GLY A 103 -15.22 -41.81 7.33
CA GLY A 103 -16.48 -41.37 7.96
C GLY A 103 -16.32 -40.09 8.79
N LEU A 104 -15.26 -39.31 8.59
CA LEU A 104 -15.10 -38.03 9.35
C LEU A 104 -15.67 -36.84 8.54
N LEU A 105 -16.08 -37.05 7.31
CA LEU A 105 -16.73 -36.03 6.44
C LEU A 105 -18.09 -36.60 6.04
N ARG A 106 -19.19 -35.91 6.31
CA ARG A 106 -20.54 -36.41 5.97
C ARG A 106 -20.95 -35.92 4.59
N PHE A 107 -20.62 -34.68 4.24
CA PHE A 107 -21.01 -34.08 2.95
C PHE A 107 -20.00 -33.02 2.56
N LEU A 108 -19.91 -32.78 1.25
CA LEU A 108 -18.99 -31.80 0.65
C LEU A 108 -19.78 -30.91 -0.31
N VAL A 109 -19.76 -29.60 -0.06
CA VAL A 109 -20.41 -28.58 -0.90
C VAL A 109 -19.30 -27.78 -1.60
N SER A 110 -19.29 -27.76 -2.93
CA SER A 110 -18.23 -27.01 -3.65
C SER A 110 -18.86 -26.01 -4.60
N GLN A 111 -18.22 -24.85 -4.69
CA GLN A 111 -18.53 -23.82 -5.70
C GLN A 111 -17.65 -24.01 -6.93
N ASN A 112 -16.70 -24.96 -6.91
CA ASN A 112 -15.70 -25.11 -7.97
C ASN A 112 -16.29 -25.82 -9.19
N VAL A 113 -16.01 -25.30 -10.39
CA VAL A 113 -16.41 -25.94 -11.67
C VAL A 113 -15.21 -26.74 -12.23
N ASP A 114 -14.06 -26.77 -11.57
CA ASP A 114 -12.79 -27.32 -12.11
C ASP A 114 -12.83 -28.86 -12.24
N GLY A 115 -13.86 -29.55 -11.73
CA GLY A 115 -14.04 -31.01 -11.89
C GLY A 115 -13.08 -31.84 -11.04
N LEU A 116 -12.29 -31.25 -10.16
CA LEU A 116 -11.22 -31.97 -9.44
C LEU A 116 -11.78 -32.84 -8.31
N HIS A 117 -12.84 -32.44 -7.61
CA HIS A 117 -13.43 -33.32 -6.57
C HIS A 117 -13.85 -34.65 -7.22
N VAL A 118 -14.61 -34.59 -8.30
CA VAL A 118 -15.07 -35.81 -9.01
C VAL A 118 -13.83 -36.59 -9.48
N ARG A 119 -12.87 -35.92 -10.10
CA ARG A 119 -11.72 -36.61 -10.73
C ARG A 119 -10.81 -37.20 -9.66
N SER A 120 -10.83 -36.66 -8.44
CA SER A 120 -10.09 -37.17 -7.27
C SER A 120 -10.65 -38.52 -6.80
N GLY A 121 -11.85 -38.91 -7.22
CA GLY A 121 -12.51 -40.17 -6.83
C GLY A 121 -13.45 -39.95 -5.66
N PHE A 122 -13.76 -38.68 -5.32
CA PHE A 122 -14.70 -38.34 -4.23
C PHE A 122 -16.11 -38.77 -4.65
N PRO A 123 -16.88 -39.48 -3.81
CA PRO A 123 -18.16 -40.04 -4.24
C PRO A 123 -19.19 -38.94 -4.56
N ARG A 124 -19.82 -39.05 -5.72
CA ARG A 124 -20.76 -38.00 -6.22
C ARG A 124 -21.99 -37.91 -5.31
N ASP A 125 -22.39 -38.99 -4.65
CA ASP A 125 -23.61 -38.97 -3.81
C ASP A 125 -23.31 -38.25 -2.49
N LYS A 126 -22.05 -37.83 -2.22
CA LYS A 126 -21.79 -36.98 -1.02
C LYS A 126 -21.26 -35.60 -1.44
N LEU A 127 -21.49 -35.22 -2.69
CA LEU A 127 -20.97 -33.97 -3.26
C LEU A 127 -22.12 -33.15 -3.86
N ALA A 128 -22.19 -31.86 -3.51
CA ALA A 128 -23.03 -30.89 -4.23
C ALA A 128 -22.12 -29.92 -5.01
N GLU A 129 -22.24 -29.91 -6.34
CA GLU A 129 -21.47 -29.00 -7.21
C GLU A 129 -22.39 -27.84 -7.58
N LEU A 130 -22.44 -26.84 -6.72
CA LEU A 130 -23.52 -25.81 -6.77
C LEU A 130 -23.40 -24.97 -8.04
N HIS A 131 -22.21 -24.79 -8.62
CA HIS A 131 -22.03 -23.90 -9.79
C HIS A 131 -21.78 -24.71 -11.06
N GLY A 132 -21.80 -26.05 -10.98
CA GLY A 132 -21.56 -26.91 -12.14
C GLY A 132 -20.20 -27.54 -12.14
N ASN A 133 -19.91 -28.28 -13.21
CA ASN A 133 -18.67 -29.08 -13.40
C ASN A 133 -18.34 -29.00 -14.88
N MET A 134 -17.18 -28.46 -15.22
CA MET A 134 -16.74 -28.20 -16.62
C MET A 134 -16.77 -29.51 -17.41
N PHE A 135 -16.64 -30.66 -16.75
CA PHE A 135 -16.55 -31.99 -17.43
C PHE A 135 -17.92 -32.67 -17.55
N VAL A 136 -18.97 -32.10 -16.96
CA VAL A 136 -20.29 -32.81 -16.87
C VAL A 136 -21.31 -32.15 -17.80
N GLU A 137 -21.94 -32.96 -18.64
CA GLU A 137 -23.12 -32.51 -19.44
C GLU A 137 -24.32 -33.36 -19.04
N GLU A 138 -25.51 -32.79 -19.23
CA GLU A 138 -26.77 -33.36 -18.73
C GLU A 138 -27.81 -33.36 -19.85
N CYS A 139 -28.54 -34.46 -19.98
CA CYS A 139 -29.64 -34.61 -20.97
C CYS A 139 -30.83 -33.74 -20.54
N ALA A 140 -31.24 -32.80 -21.39
CA ALA A 140 -32.41 -31.93 -21.17
C ALA A 140 -33.69 -32.77 -21.00
N LYS A 141 -33.79 -33.95 -21.63
CA LYS A 141 -35.01 -34.82 -21.59
C LYS A 141 -35.01 -35.71 -20.34
N CYS A 142 -34.01 -36.58 -20.11
CA CYS A 142 -34.06 -37.63 -19.05
C CYS A 142 -33.22 -37.25 -17.82
N LYS A 143 -32.41 -36.17 -17.89
CA LYS A 143 -31.59 -35.64 -16.76
C LYS A 143 -30.36 -36.54 -16.50
N THR A 144 -30.10 -37.56 -17.32
CA THR A 144 -28.88 -38.38 -17.20
C THR A 144 -27.65 -37.47 -17.37
N GLN A 145 -26.67 -37.62 -16.49
CA GLN A 145 -25.40 -36.84 -16.54
C GLN A 145 -24.29 -37.71 -17.14
N TYR A 146 -23.39 -37.08 -17.87
CA TYR A 146 -22.20 -37.73 -18.47
C TYR A 146 -20.98 -37.00 -17.93
N VAL A 147 -20.11 -37.75 -17.27
CA VAL A 147 -18.82 -37.18 -16.76
C VAL A 147 -17.77 -37.48 -17.80
N ARG A 148 -17.34 -36.46 -18.56
CA ARG A 148 -16.41 -36.64 -19.69
C ARG A 148 -14.96 -36.51 -19.22
N ASP A 149 -14.06 -37.03 -20.02
CA ASP A 149 -12.60 -36.98 -19.78
C ASP A 149 -12.05 -35.65 -20.26
N THR A 150 -12.83 -34.82 -20.93
CA THR A 150 -12.41 -33.48 -21.40
C THR A 150 -13.49 -32.47 -21.07
N VAL A 151 -13.13 -31.18 -21.01
CA VAL A 151 -14.12 -30.13 -20.66
C VAL A 151 -15.16 -30.09 -21.77
N VAL A 152 -16.40 -29.96 -21.38
CA VAL A 152 -17.55 -29.71 -22.26
C VAL A 152 -17.37 -28.24 -22.69
N GLY A 153 -17.37 -28.00 -23.99
CA GLY A 153 -16.89 -26.71 -24.55
C GLY A 153 -17.91 -25.59 -24.44
N THR A 154 -19.00 -25.71 -23.69
CA THR A 154 -20.00 -24.62 -23.56
C THR A 154 -20.20 -24.27 -22.08
N MET A 155 -20.79 -23.10 -21.82
CA MET A 155 -21.18 -22.61 -20.48
C MET A 155 -22.53 -21.93 -20.59
N GLY A 156 -23.27 -21.84 -19.50
CA GLY A 156 -24.59 -21.19 -19.43
C GLY A 156 -25.70 -22.15 -19.79
N LEU A 157 -25.49 -23.46 -19.60
CA LEU A 157 -26.51 -24.52 -19.76
C LEU A 157 -26.98 -24.55 -21.23
N LYS A 158 -26.03 -24.45 -22.16
CA LYS A 158 -26.29 -24.50 -23.62
C LYS A 158 -26.11 -25.93 -24.14
N ALA A 159 -26.69 -26.22 -25.31
CA ALA A 159 -26.50 -27.48 -26.06
C ALA A 159 -25.01 -27.61 -26.39
N THR A 160 -24.43 -28.79 -26.15
CA THR A 160 -22.99 -29.07 -26.43
C THR A 160 -22.81 -29.59 -27.86
N GLY A 161 -23.89 -30.05 -28.48
CA GLY A 161 -23.88 -30.63 -29.83
C GLY A 161 -23.93 -32.15 -29.78
N ARG A 162 -23.83 -32.76 -28.59
CA ARG A 162 -23.91 -34.23 -28.43
C ARG A 162 -25.32 -34.59 -27.97
N LEU A 163 -25.72 -35.83 -28.22
CA LEU A 163 -27.07 -36.32 -27.90
C LEU A 163 -26.97 -37.44 -26.87
N CYS A 164 -28.03 -37.62 -26.09
CA CYS A 164 -28.14 -38.65 -25.04
C CYS A 164 -28.14 -40.03 -25.69
N THR A 165 -27.51 -41.01 -25.03
CA THR A 165 -27.30 -42.38 -25.56
C THR A 165 -28.00 -43.41 -24.65
N VAL A 166 -28.85 -43.00 -23.72
CA VAL A 166 -29.53 -43.93 -22.78
C VAL A 166 -30.59 -44.70 -23.57
N ALA A 167 -30.69 -46.01 -23.34
CA ALA A 167 -31.82 -46.88 -23.75
C ALA A 167 -32.91 -46.85 -22.67
N CYS A 175 -32.76 -42.38 -26.23
CA CYS A 175 -33.34 -41.11 -25.72
C CYS A 175 -33.13 -39.99 -26.73
N ARG A 176 -31.88 -39.76 -27.16
CA ARG A 176 -31.48 -38.75 -28.15
C ARG A 176 -31.77 -37.32 -27.63
N GLY A 177 -32.09 -37.14 -26.35
CA GLY A 177 -32.19 -35.80 -25.73
C GLY A 177 -30.94 -34.95 -25.97
N GLU A 178 -31.11 -33.62 -25.97
CA GLU A 178 -30.02 -32.64 -26.17
C GLU A 178 -29.17 -32.61 -24.89
N LEU A 179 -27.87 -32.84 -25.00
CA LEU A 179 -26.94 -32.71 -23.85
C LEU A 179 -26.60 -31.23 -23.70
N ARG A 180 -26.59 -30.76 -22.46
CA ARG A 180 -26.23 -29.35 -22.14
C ARG A 180 -25.17 -29.33 -21.06
N ASP A 181 -24.34 -28.29 -21.05
CA ASP A 181 -23.34 -28.09 -19.97
C ASP A 181 -24.11 -27.83 -18.68
N THR A 182 -23.40 -27.87 -17.55
CA THR A 182 -23.98 -27.66 -16.20
C THR A 182 -23.39 -26.40 -15.59
N ILE A 183 -22.69 -25.58 -16.38
CA ILE A 183 -22.05 -24.33 -15.87
C ILE A 183 -23.10 -23.20 -15.82
N LEU A 184 -23.53 -22.82 -14.62
CA LEU A 184 -24.42 -21.66 -14.38
C LEU A 184 -23.74 -20.38 -14.92
N ASP A 185 -24.49 -19.54 -15.61
CA ASP A 185 -24.12 -18.13 -15.88
C ASP A 185 -24.71 -17.27 -14.74
N TRP A 186 -24.39 -15.99 -14.62
CA TRP A 186 -24.84 -15.17 -13.47
C TRP A 186 -26.35 -15.26 -13.23
N GLU A 187 -27.16 -15.23 -14.27
CA GLU A 187 -28.63 -15.17 -14.04
C GLU A 187 -29.26 -16.55 -13.80
N ASP A 188 -28.47 -17.63 -13.79
CA ASP A 188 -29.05 -18.99 -13.64
C ASP A 188 -29.26 -19.30 -12.15
N SER A 189 -30.41 -19.88 -11.82
CA SER A 189 -30.72 -20.47 -10.49
C SER A 189 -29.87 -21.74 -10.29
N LEU A 190 -29.53 -22.04 -9.05
CA LEU A 190 -28.68 -23.20 -8.70
C LEU A 190 -29.44 -24.49 -9.00
N PRO A 191 -28.75 -25.61 -9.35
CA PRO A 191 -29.44 -26.89 -9.57
C PRO A 191 -30.23 -27.23 -8.30
N ASP A 192 -31.51 -27.56 -8.43
CA ASP A 192 -32.43 -27.65 -7.26
C ASP A 192 -32.05 -28.83 -6.37
N ARG A 193 -31.69 -29.97 -6.96
CA ARG A 193 -31.33 -31.19 -6.20
C ARG A 193 -30.06 -30.90 -5.37
N ASP A 194 -28.98 -30.44 -6.02
CA ASP A 194 -27.69 -30.16 -5.34
C ASP A 194 -27.94 -29.13 -4.22
N LEU A 195 -28.69 -28.05 -4.48
CA LEU A 195 -28.88 -26.98 -3.47
C LEU A 195 -29.67 -27.55 -2.28
N ALA A 196 -30.72 -28.33 -2.55
CA ALA A 196 -31.56 -28.92 -1.47
C ALA A 196 -30.68 -29.83 -0.60
N LEU A 197 -29.85 -30.68 -1.23
CA LEU A 197 -28.95 -31.59 -0.49
C LEU A 197 -27.95 -30.76 0.31
N ALA A 198 -27.36 -29.72 -0.28
CA ALA A 198 -26.34 -28.90 0.39
C ALA A 198 -26.96 -28.18 1.60
N ASP A 199 -28.17 -27.66 1.41
CA ASP A 199 -28.89 -26.93 2.50
C ASP A 199 -29.19 -27.90 3.64
N GLU A 200 -29.73 -29.08 3.33
CA GLU A 200 -30.04 -30.13 4.34
C GLU A 200 -28.76 -30.51 5.08
N ALA A 201 -27.68 -30.81 4.36
CA ALA A 201 -26.39 -31.24 4.99
C ALA A 201 -25.89 -30.13 5.91
N SER A 202 -25.97 -28.86 5.47
CA SER A 202 -25.43 -27.71 6.25
C SER A 202 -26.27 -27.52 7.52
N ARG A 203 -27.59 -27.64 7.43
CA ARG A 203 -28.52 -27.48 8.59
C ARG A 203 -28.30 -28.62 9.61
N ASN A 204 -28.01 -29.84 9.13
CA ASN A 204 -27.85 -31.08 9.93
C ASN A 204 -26.44 -31.17 10.55
N ALA A 205 -25.45 -30.44 10.03
CA ALA A 205 -24.06 -30.52 10.49
C ALA A 205 -23.94 -29.97 11.91
N ASP A 206 -23.09 -30.54 12.75
CA ASP A 206 -22.65 -29.84 13.99
C ASP A 206 -21.34 -29.11 13.72
N LEU A 207 -20.69 -29.35 12.59
CA LEU A 207 -19.44 -28.63 12.22
C LEU A 207 -19.41 -28.38 10.70
N SER A 208 -19.28 -27.10 10.30
CA SER A 208 -19.05 -26.68 8.90
C SER A 208 -17.63 -26.12 8.85
N ILE A 209 -16.83 -26.59 7.89
CA ILE A 209 -15.44 -26.11 7.66
C ILE A 209 -15.40 -25.57 6.23
N THR A 210 -15.05 -24.29 6.07
CA THR A 210 -14.89 -23.66 4.74
C THR A 210 -13.39 -23.65 4.42
N LEU A 211 -13.07 -23.99 3.17
CA LEU A 211 -11.68 -24.04 2.68
C LEU A 211 -11.59 -23.24 1.38
N GLY A 212 -10.76 -22.20 1.36
CA GLY A 212 -10.46 -21.48 0.11
C GLY A 212 -11.69 -20.92 -0.55
N THR A 213 -12.63 -20.37 0.21
CA THR A 213 -13.73 -19.56 -0.35
C THR A 213 -13.85 -18.26 0.44
N SER A 214 -14.08 -17.15 -0.27
CA SER A 214 -14.28 -15.80 0.31
C SER A 214 -15.73 -15.66 0.79
N LEU A 215 -16.62 -16.63 0.44
CA LEU A 215 -18.04 -16.72 0.87
C LEU A 215 -18.83 -15.49 0.41
N GLN A 216 -18.42 -14.87 -0.70
CA GLN A 216 -19.04 -13.61 -1.19
C GLN A 216 -20.24 -13.91 -2.09
N ILE A 217 -20.40 -15.14 -2.60
CA ILE A 217 -21.43 -15.44 -3.63
C ILE A 217 -22.56 -16.21 -2.95
N ARG A 218 -23.78 -15.68 -3.06
CA ARG A 218 -25.04 -16.22 -2.48
C ARG A 218 -25.64 -17.15 -3.53
N PRO A 219 -26.39 -18.22 -3.14
CA PRO A 219 -26.55 -18.59 -1.73
C PRO A 219 -25.45 -19.51 -1.18
N SER A 220 -24.53 -19.95 -2.03
CA SER A 220 -23.44 -20.90 -1.69
C SER A 220 -22.69 -20.43 -0.45
N GLY A 221 -22.31 -19.15 -0.40
CA GLY A 221 -21.48 -18.58 0.66
C GLY A 221 -22.21 -18.49 1.98
N ASN A 222 -23.54 -18.61 2.01
CA ASN A 222 -24.35 -18.49 3.24
C ASN A 222 -24.67 -19.88 3.84
N LEU A 223 -24.46 -20.95 3.09
CA LEU A 223 -24.80 -22.31 3.57
C LEU A 223 -24.07 -22.63 4.86
N PRO A 224 -22.77 -22.27 5.03
CA PRO A 224 -22.09 -22.59 6.29
C PRO A 224 -22.77 -21.94 7.51
N LEU A 225 -23.46 -20.83 7.30
CA LEU A 225 -24.20 -20.12 8.39
C LEU A 225 -25.38 -20.97 8.85
N ALA A 226 -25.97 -21.78 7.98
CA ALA A 226 -27.09 -22.67 8.36
C ALA A 226 -26.67 -23.55 9.54
N THR A 227 -25.41 -23.98 9.54
CA THR A 227 -24.83 -24.81 10.61
C THR A 227 -24.85 -24.01 11.92
N LYS A 228 -24.41 -22.75 11.87
CA LYS A 228 -24.29 -21.85 13.05
C LYS A 228 -25.69 -21.57 13.59
N ARG A 229 -26.64 -21.24 12.71
CA ARG A 229 -28.03 -20.90 13.10
C ARG A 229 -28.62 -22.04 13.94
N ARG A 230 -28.20 -23.29 13.73
CA ARG A 230 -28.77 -24.45 14.47
C ARG A 230 -27.89 -24.85 15.66
N GLY A 231 -26.87 -24.06 16.02
CA GLY A 231 -26.03 -24.32 17.21
C GLY A 231 -24.75 -25.08 16.90
N GLY A 232 -24.50 -25.41 15.62
CA GLY A 232 -23.24 -26.03 15.18
C GLY A 232 -22.10 -25.03 15.17
N ARG A 233 -20.88 -25.52 14.98
CA ARG A 233 -19.67 -24.67 14.95
C ARG A 233 -19.24 -24.42 13.50
N LEU A 234 -18.54 -23.31 13.27
CA LEU A 234 -18.08 -22.86 11.94
C LEU A 234 -16.58 -22.57 12.01
N VAL A 235 -15.83 -23.19 11.11
CA VAL A 235 -14.38 -22.95 10.93
C VAL A 235 -14.20 -22.39 9.52
N ILE A 236 -13.45 -21.31 9.41
CA ILE A 236 -13.11 -20.69 8.11
C ILE A 236 -11.61 -20.79 7.95
N VAL A 237 -11.18 -21.45 6.87
CA VAL A 237 -9.75 -21.53 6.49
C VAL A 237 -9.61 -20.74 5.20
N ASN A 238 -8.81 -19.67 5.23
CA ASN A 238 -8.75 -18.74 4.07
C ASN A 238 -7.60 -17.76 4.28
N LEU A 239 -6.87 -17.43 3.22
CA LEU A 239 -5.76 -16.45 3.32
C LEU A 239 -6.34 -15.03 3.43
N GLN A 240 -7.39 -14.72 2.69
CA GLN A 240 -8.05 -13.39 2.77
C GLN A 240 -9.13 -13.41 3.83
N PRO A 241 -9.53 -12.22 4.33
CA PRO A 241 -10.80 -12.08 5.06
C PRO A 241 -11.93 -12.66 4.20
N THR A 242 -13.02 -13.06 4.84
CA THR A 242 -14.24 -13.55 4.15
C THR A 242 -15.42 -12.74 4.64
N LYS A 243 -16.51 -12.77 3.88
CA LYS A 243 -17.78 -12.12 4.23
C LYS A 243 -18.22 -12.51 5.65
N HIS A 244 -18.01 -13.75 6.10
CA HIS A 244 -18.65 -14.28 7.32
C HIS A 244 -17.65 -14.49 8.44
N ASP A 245 -16.50 -13.83 8.40
CA ASP A 245 -15.48 -13.92 9.47
C ASP A 245 -16.12 -13.75 10.86
N ARG A 246 -17.09 -12.84 11.02
CA ARG A 246 -17.66 -12.55 12.37
C ARG A 246 -18.36 -13.80 12.92
N HIS A 247 -18.81 -14.74 12.09
CA HIS A 247 -19.59 -15.92 12.56
C HIS A 247 -18.70 -17.12 12.88
N ALA A 248 -17.40 -17.08 12.57
CA ALA A 248 -16.52 -18.26 12.72
C ALA A 248 -16.19 -18.47 14.19
N ASP A 249 -16.22 -19.72 14.66
CA ASP A 249 -15.70 -20.12 15.98
C ASP A 249 -14.18 -20.18 15.91
N LEU A 250 -13.66 -20.47 14.72
CA LEU A 250 -12.19 -20.65 14.52
C LEU A 250 -11.89 -20.15 13.11
N ARG A 251 -10.89 -19.28 13.02
CA ARG A 251 -10.42 -18.66 11.78
C ARG A 251 -8.97 -19.04 11.58
N ILE A 252 -8.65 -19.69 10.47
CA ILE A 252 -7.25 -20.11 10.20
C ILE A 252 -6.82 -19.38 8.93
N HIS A 253 -5.75 -18.58 9.03
CA HIS A 253 -5.13 -17.85 7.91
C HIS A 253 -3.84 -18.56 7.57
N GLY A 254 -3.88 -19.44 6.56
CA GLY A 254 -2.72 -20.18 6.09
C GLY A 254 -3.06 -20.87 4.78
N TYR A 255 -2.06 -21.44 4.12
CA TYR A 255 -2.26 -22.27 2.93
C TYR A 255 -3.07 -23.50 3.32
N VAL A 256 -4.16 -23.74 2.61
CA VAL A 256 -5.08 -24.86 2.93
C VAL A 256 -4.31 -26.19 2.88
N ASP A 257 -3.34 -26.36 1.98
CA ASP A 257 -2.58 -27.64 1.95
C ASP A 257 -1.78 -27.81 3.23
N GLU A 258 -1.19 -26.73 3.75
CA GLU A 258 -0.42 -26.82 5.03
C GLU A 258 -1.38 -27.17 6.16
N VAL A 259 -2.54 -26.52 6.21
CA VAL A 259 -3.55 -26.77 7.27
C VAL A 259 -4.01 -28.23 7.16
N MET A 260 -4.37 -28.69 5.97
CA MET A 260 -4.99 -30.03 5.81
C MET A 260 -3.95 -31.12 6.03
N THR A 261 -2.68 -30.94 5.60
CA THR A 261 -1.63 -31.98 5.85
C THR A 261 -1.36 -32.07 7.35
N ARG A 262 -1.29 -30.94 8.06
CA ARG A 262 -1.08 -30.96 9.53
C ARG A 262 -2.30 -31.60 10.22
N LEU A 263 -3.51 -31.27 9.78
CA LEU A 263 -4.74 -31.89 10.34
C LEU A 263 -4.67 -33.40 10.17
N MET A 264 -4.34 -33.89 8.99
CA MET A 264 -4.34 -35.34 8.70
C MET A 264 -3.29 -36.01 9.60
N LYS A 265 -2.14 -35.36 9.85
CA LYS A 265 -1.11 -35.90 10.76
C LYS A 265 -1.69 -36.02 12.17
N HIS A 266 -2.38 -34.99 12.68
CA HIS A 266 -3.02 -35.05 14.01
C HIS A 266 -4.03 -36.21 14.04
N LEU A 267 -4.81 -36.41 12.98
CA LEU A 267 -5.86 -37.47 12.95
C LEU A 267 -5.23 -38.85 12.75
N GLY A 268 -3.94 -38.95 12.44
CA GLY A 268 -3.26 -40.23 12.17
C GLY A 268 -3.71 -40.83 10.84
N LEU A 269 -4.06 -39.99 9.86
CA LEU A 269 -4.59 -40.46 8.56
C LEU A 269 -3.59 -40.13 7.45
N GLU A 270 -3.42 -41.04 6.50
CA GLU A 270 -2.52 -40.85 5.34
C GLU A 270 -3.33 -40.15 4.24
N ILE A 271 -2.69 -39.32 3.45
CA ILE A 271 -3.33 -38.75 2.24
C ILE A 271 -3.14 -39.75 1.12
N PRO A 272 -4.22 -40.32 0.55
CA PRO A 272 -4.08 -41.38 -0.44
C PRO A 272 -3.51 -40.90 -1.77
N ALA A 273 -2.91 -41.84 -2.49
CA ALA A 273 -2.33 -41.66 -3.84
C ALA A 273 -3.49 -41.38 -4.80
N TRP A 274 -3.29 -40.54 -5.79
CA TRP A 274 -4.31 -40.33 -6.84
C TRP A 274 -3.99 -41.25 -8.01
N ASP A 275 -4.94 -42.12 -8.39
CA ASP A 275 -4.68 -43.09 -9.50
C ASP A 275 -5.09 -42.48 -10.85
N GLY A 276 -5.05 -41.15 -10.99
CA GLY A 276 -5.46 -40.48 -12.23
C GLY A 276 -6.97 -40.32 -12.22
N PRO A 277 -7.57 -39.68 -13.24
CA PRO A 277 -9.00 -39.34 -13.18
C PRO A 277 -9.88 -40.59 -13.01
N ARG A 278 -10.74 -40.60 -12.01
CA ARG A 278 -11.67 -41.72 -11.73
C ARG A 278 -12.96 -41.15 -11.21
N VAL A 279 -14.08 -41.72 -11.62
CA VAL A 279 -15.45 -41.27 -11.24
C VAL A 279 -16.05 -42.32 -10.32
N LEU A 280 -16.47 -41.91 -9.13
CA LEU A 280 -17.16 -42.80 -8.18
C LEU A 280 -18.54 -42.24 -7.93
N GLU A 281 -19.58 -42.94 -8.36
CA GLU A 281 -21.00 -42.47 -8.23
C GLU A 281 -21.44 -42.54 -6.76
N ARG A 282 -21.11 -43.63 -6.06
CA ARG A 282 -21.66 -43.88 -4.70
C ARG A 282 -20.53 -44.20 -3.72
N ALA A 283 -20.62 -43.60 -2.54
CA ALA A 283 -19.69 -43.79 -1.41
C ALA A 283 -19.59 -45.29 -1.08
N LEU A 284 -18.37 -45.78 -0.90
CA LEU A 284 -18.04 -47.21 -0.59
C LEU A 284 -18.12 -47.35 0.92
N PRO A 285 -18.19 -48.58 1.49
CA PRO A 285 -18.44 -48.68 2.92
C PRO A 285 -17.27 -48.05 3.68
N PRO A 286 -17.51 -47.41 4.83
CA PRO A 286 -16.47 -46.70 5.55
C PRO A 286 -15.31 -47.56 6.05
N LEU A 287 -14.10 -47.03 5.91
CA LEU A 287 -12.84 -47.70 6.30
C LEU A 287 -12.61 -47.50 7.79
N PRO A 288 -11.72 -48.31 8.38
CA PRO A 288 -11.31 -48.13 9.78
C PRO A 288 -10.57 -46.79 9.94
N ARG A 289 -10.62 -46.21 11.14
CA ARG A 289 -9.79 -45.03 11.47
C ARG A 289 -9.19 -45.19 12.87
N PRO A 290 -8.16 -44.40 13.19
CA PRO A 290 -7.50 -44.51 14.47
C PRO A 290 -8.48 -44.24 15.61
N PRO A 291 -8.25 -44.82 16.80
CA PRO A 291 -9.04 -44.44 17.96
C PRO A 291 -8.72 -42.98 18.32
N THR A 292 -9.59 -42.36 19.07
CA THR A 292 -9.61 -40.89 19.33
C THR A 292 -8.83 -40.56 20.59
N PRO A 293 -8.15 -39.40 20.65
CA PRO A 293 -7.45 -39.00 21.88
C PRO A 293 -8.45 -38.67 22.99
N LYS A 294 -7.98 -38.75 24.24
CA LYS A 294 -8.68 -38.22 25.43
C LYS A 294 -8.43 -36.71 25.45
N LEU A 295 -9.46 -35.91 25.18
CA LEU A 295 -9.31 -34.44 25.18
C LEU A 295 -9.78 -33.93 26.55
N GLU A 296 -8.84 -33.36 27.31
CA GLU A 296 -8.97 -32.92 28.73
C GLU A 296 -8.66 -34.09 29.69
N ASP B 12 21.62 -9.30 -13.91
CA ASP B 12 20.86 -9.14 -15.20
C ASP B 12 19.74 -10.20 -15.23
N LYS B 13 18.49 -9.75 -15.34
CA LYS B 13 17.26 -10.57 -15.22
C LYS B 13 16.74 -10.98 -16.61
N GLY B 14 17.38 -10.53 -17.69
CA GLY B 14 17.09 -10.97 -19.07
C GLY B 14 15.71 -10.55 -19.53
N LYS B 15 15.14 -11.26 -20.51
CA LYS B 15 13.84 -10.93 -21.16
C LYS B 15 12.69 -11.56 -20.37
N CYS B 16 11.84 -10.73 -19.78
CA CYS B 16 10.71 -11.10 -18.90
C CYS B 16 9.40 -10.94 -19.65
N GLY B 17 8.47 -11.88 -19.47
CA GLY B 17 7.07 -11.70 -19.90
C GLY B 17 6.89 -11.84 -21.40
N LEU B 18 7.77 -12.58 -22.09
CA LEU B 18 7.53 -12.92 -23.51
C LEU B 18 6.19 -13.63 -23.61
N PRO B 19 5.46 -13.46 -24.73
CA PRO B 19 4.17 -14.13 -24.90
C PRO B 19 4.33 -15.65 -24.92
N GLU B 20 3.32 -16.34 -24.40
CA GLU B 20 3.25 -17.81 -24.40
C GLU B 20 2.80 -18.29 -25.78
N ILE B 21 3.29 -19.45 -26.19
CA ILE B 21 2.90 -20.15 -27.44
C ILE B 21 2.27 -21.48 -27.03
N PHE B 22 1.16 -21.84 -27.68
CA PHE B 22 0.46 -23.12 -27.51
C PHE B 22 0.40 -23.81 -28.86
N ASP B 23 1.11 -24.91 -29.00
CA ASP B 23 0.91 -25.84 -30.14
C ASP B 23 -0.55 -26.29 -30.13
N PRO B 24 -1.25 -26.27 -31.28
CA PRO B 24 -2.61 -26.79 -31.32
C PRO B 24 -2.58 -28.30 -31.07
N PRO B 25 -3.71 -28.88 -30.63
CA PRO B 25 -3.74 -30.26 -30.14
C PRO B 25 -3.11 -31.33 -31.08
N GLU B 26 -3.44 -31.31 -32.37
CA GLU B 26 -2.93 -32.32 -33.33
C GLU B 26 -1.41 -32.18 -33.42
N GLU B 27 -0.90 -30.96 -33.44
CA GLU B 27 0.55 -30.69 -33.57
C GLU B 27 1.23 -31.11 -32.26
N LEU B 28 0.61 -30.80 -31.11
CA LEU B 28 1.16 -31.19 -29.79
C LEU B 28 1.28 -32.72 -29.77
N GLU B 29 0.24 -33.44 -30.19
CA GLU B 29 0.26 -34.92 -30.15
C GLU B 29 1.38 -35.44 -31.05
N ARG B 30 1.55 -34.87 -32.24
CA ARG B 30 2.62 -35.28 -33.20
C ARG B 30 3.98 -35.08 -32.53
N LYS B 31 4.18 -33.95 -31.87
CA LYS B 31 5.51 -33.59 -31.28
C LYS B 31 5.82 -34.52 -30.11
N VAL B 32 4.83 -34.88 -29.30
CA VAL B 32 5.10 -35.75 -28.11
C VAL B 32 5.40 -37.17 -28.62
N TRP B 33 4.76 -37.62 -29.69
CA TRP B 33 5.12 -38.91 -30.35
C TRP B 33 6.58 -38.82 -30.83
N GLU B 34 6.98 -37.72 -31.42
CA GLU B 34 8.37 -37.54 -31.92
C GLU B 34 9.33 -37.53 -30.72
N LEU B 35 8.95 -36.92 -29.60
CA LEU B 35 9.79 -36.96 -28.37
C LEU B 35 9.95 -38.43 -27.93
N ALA B 36 8.86 -39.21 -27.87
CA ALA B 36 8.96 -40.65 -27.53
C ALA B 36 9.96 -41.35 -28.48
N ARG B 37 9.88 -41.09 -29.79
CA ARG B 37 10.83 -41.70 -30.78
C ARG B 37 12.27 -41.34 -30.39
N LEU B 38 12.54 -40.08 -30.05
CA LEU B 38 13.92 -39.65 -29.71
C LEU B 38 14.39 -40.34 -28.42
N VAL B 39 13.50 -40.50 -27.44
CA VAL B 39 13.85 -41.19 -26.16
C VAL B 39 14.18 -42.66 -26.48
N TRP B 40 13.37 -43.32 -27.29
CA TRP B 40 13.58 -44.76 -27.62
C TRP B 40 14.91 -44.95 -28.36
N GLN B 41 15.31 -43.99 -29.20
CA GLN B 41 16.48 -44.09 -30.09
C GLN B 41 17.76 -43.62 -29.40
N SER B 42 17.68 -42.94 -28.26
CA SER B 42 18.86 -42.32 -27.61
C SER B 42 19.36 -43.23 -26.50
N SER B 43 20.67 -43.33 -26.32
CA SER B 43 21.37 -44.16 -25.31
C SER B 43 21.58 -43.38 -24.00
N SER B 44 21.88 -42.07 -24.08
CA SER B 44 22.22 -41.23 -22.92
C SER B 44 21.36 -39.96 -22.96
N VAL B 45 20.30 -39.96 -22.14
CA VAL B 45 19.30 -38.88 -22.11
C VAL B 45 19.53 -38.05 -20.85
N VAL B 46 19.68 -36.74 -21.02
CA VAL B 46 19.86 -35.77 -19.92
C VAL B 46 18.68 -34.81 -19.96
N PHE B 47 18.05 -34.63 -18.80
CA PHE B 47 16.96 -33.64 -18.64
C PHE B 47 17.55 -32.43 -17.91
N HIS B 48 17.05 -31.27 -18.30
CA HIS B 48 17.41 -29.95 -17.74
C HIS B 48 16.10 -29.30 -17.28
N THR B 49 15.98 -29.02 -15.98
CA THR B 49 14.71 -28.46 -15.45
C THR B 49 14.96 -27.06 -14.90
N GLY B 50 13.95 -26.21 -15.08
CA GLY B 50 13.87 -24.91 -14.45
C GLY B 50 12.52 -24.70 -13.82
N ALA B 51 12.24 -23.46 -13.49
CA ALA B 51 11.16 -23.08 -12.55
C ALA B 51 9.79 -23.47 -13.14
N GLY B 52 9.69 -23.65 -14.45
CA GLY B 52 8.41 -23.97 -15.09
C GLY B 52 7.88 -25.34 -14.68
N ILE B 53 8.71 -26.25 -14.17
CA ILE B 53 8.23 -27.60 -13.77
C ILE B 53 7.62 -27.53 -12.36
N SER B 54 7.69 -26.40 -11.66
CA SER B 54 7.12 -26.28 -10.28
C SER B 54 5.96 -25.27 -10.25
N THR B 55 5.62 -24.64 -11.36
CA THR B 55 4.49 -23.68 -11.39
C THR B 55 3.18 -24.41 -11.09
N ALA B 56 2.99 -25.64 -11.57
CA ALA B 56 1.76 -26.44 -11.30
C ALA B 56 1.71 -26.95 -9.85
N SER B 57 2.74 -26.74 -9.03
CA SER B 57 2.70 -27.01 -7.56
C SER B 57 2.62 -25.72 -6.74
N GLY B 58 2.41 -24.56 -7.39
CA GLY B 58 2.10 -23.29 -6.74
C GLY B 58 3.31 -22.38 -6.52
N ILE B 59 4.44 -22.70 -7.13
CA ILE B 59 5.69 -21.92 -7.00
C ILE B 59 5.87 -21.12 -8.29
N PRO B 60 5.94 -19.78 -8.23
CA PRO B 60 6.02 -18.97 -9.45
C PRO B 60 7.39 -19.13 -10.13
N ASP B 61 7.44 -18.90 -11.43
CA ASP B 61 8.71 -18.87 -12.18
C ASP B 61 9.29 -17.46 -12.11
N PHE B 62 10.36 -17.18 -12.87
CA PHE B 62 11.07 -15.87 -12.84
C PHE B 62 10.62 -14.99 -13.99
N ARG B 63 10.39 -15.54 -15.18
CA ARG B 63 10.24 -14.74 -16.44
C ARG B 63 8.94 -15.03 -17.16
N GLY B 64 8.09 -15.89 -16.62
CA GLY B 64 6.75 -16.11 -17.19
C GLY B 64 5.90 -14.85 -17.05
N PRO B 65 4.67 -14.84 -17.61
CA PRO B 65 3.78 -13.68 -17.49
C PRO B 65 3.63 -13.17 -16.05
N HIS B 66 3.59 -14.05 -15.04
CA HIS B 66 3.47 -13.67 -13.63
C HIS B 66 4.72 -14.11 -12.87
N GLY B 67 5.84 -14.20 -13.57
CA GLY B 67 7.13 -14.56 -12.93
C GLY B 67 7.60 -13.52 -11.94
N VAL B 68 8.54 -13.86 -11.08
CA VAL B 68 9.13 -12.94 -10.06
C VAL B 68 9.58 -11.64 -10.75
N TRP B 69 10.41 -11.72 -11.79
CA TRP B 69 11.00 -10.49 -12.42
C TRP B 69 9.92 -9.78 -13.25
N THR B 70 9.06 -10.52 -13.95
CA THR B 70 7.98 -9.93 -14.77
C THR B 70 7.08 -9.11 -13.85
N MET B 71 6.75 -9.61 -12.67
CA MET B 71 5.81 -8.93 -11.75
C MET B 71 6.50 -7.72 -11.12
N GLU B 72 7.80 -7.80 -10.81
CA GLU B 72 8.55 -6.60 -10.35
C GLU B 72 8.43 -5.47 -11.40
N GLU B 73 8.67 -5.78 -12.67
CA GLU B 73 8.57 -4.80 -13.79
C GLU B 73 7.15 -4.24 -13.88
N ARG B 74 6.13 -5.02 -13.51
CA ARG B 74 4.71 -4.60 -13.58
C ARG B 74 4.35 -3.74 -12.36
N GLY B 75 5.24 -3.67 -11.36
CA GLY B 75 4.94 -2.99 -10.08
C GLY B 75 4.03 -3.85 -9.24
N LEU B 76 4.01 -5.20 -9.47
CA LEU B 76 3.21 -6.16 -8.68
C LEU B 76 4.15 -7.16 -7.98
N ALA B 77 3.63 -8.15 -7.27
CA ALA B 77 4.46 -9.16 -6.58
C ALA B 77 4.18 -10.53 -7.22
N PRO B 78 5.16 -11.45 -7.22
CA PRO B 78 4.87 -12.85 -7.56
C PRO B 78 3.99 -13.42 -6.44
N LYS B 79 3.23 -14.45 -6.76
CA LYS B 79 2.32 -15.13 -5.82
C LYS B 79 2.78 -16.58 -5.64
N PHE B 80 2.90 -17.03 -4.39
CA PHE B 80 3.01 -18.45 -3.98
C PHE B 80 1.64 -18.97 -3.57
N ASP B 81 1.31 -20.20 -3.98
CA ASP B 81 0.07 -20.89 -3.56
C ASP B 81 0.42 -21.97 -2.53
N THR B 82 1.67 -21.99 -2.06
CA THR B 82 2.19 -23.01 -1.11
C THR B 82 3.43 -22.44 -0.43
N THR B 83 3.93 -23.11 0.61
CA THR B 83 5.30 -22.88 1.12
C THR B 83 6.22 -23.87 0.42
N PHE B 84 7.54 -23.66 0.50
CA PHE B 84 8.49 -24.68 -0.02
C PHE B 84 8.27 -25.99 0.74
N GLU B 85 8.00 -25.93 2.05
CA GLU B 85 7.83 -27.14 2.89
C GLU B 85 6.55 -27.90 2.54
N SER B 86 5.48 -27.20 2.19
CA SER B 86 4.16 -27.83 1.93
C SER B 86 4.01 -28.21 0.46
N ALA B 87 4.88 -27.75 -0.43
CA ALA B 87 4.78 -28.04 -1.89
C ALA B 87 4.91 -29.56 -2.12
N ARG B 88 4.16 -30.09 -3.06
CA ARG B 88 4.32 -31.52 -3.47
C ARG B 88 4.94 -31.54 -4.87
N PRO B 89 5.68 -32.60 -5.21
CA PRO B 89 6.20 -32.78 -6.55
C PRO B 89 5.06 -32.86 -7.56
N THR B 90 5.28 -32.28 -8.75
CA THR B 90 4.31 -32.33 -9.86
C THR B 90 4.36 -33.71 -10.51
N GLN B 91 3.41 -33.95 -11.41
CA GLN B 91 3.40 -35.13 -12.31
C GLN B 91 4.76 -35.19 -13.06
N THR B 92 5.31 -34.05 -13.47
CA THR B 92 6.61 -33.99 -14.18
C THR B 92 7.72 -34.48 -13.25
N HIS B 93 7.75 -34.01 -12.00
CA HIS B 93 8.78 -34.42 -11.02
C HIS B 93 8.74 -35.95 -10.88
N MET B 94 7.54 -36.52 -10.73
CA MET B 94 7.41 -37.98 -10.47
C MET B 94 7.66 -38.77 -11.76
N ALA B 95 7.36 -38.20 -12.93
CA ALA B 95 7.72 -38.84 -14.22
C ALA B 95 9.25 -38.98 -14.32
N LEU B 96 9.98 -37.94 -13.94
CA LEU B 96 11.46 -37.97 -14.01
C LEU B 96 12.00 -39.03 -13.05
N VAL B 97 11.37 -39.19 -11.87
CA VAL B 97 11.77 -40.26 -10.91
C VAL B 97 11.67 -41.61 -11.64
N GLN B 98 10.56 -41.86 -12.32
CA GLN B 98 10.33 -43.17 -12.98
C GLN B 98 11.30 -43.35 -14.16
N LEU B 99 11.54 -42.31 -14.94
CA LEU B 99 12.45 -42.41 -16.11
C LEU B 99 13.85 -42.81 -15.61
N GLU B 100 14.30 -42.25 -14.48
CA GLU B 100 15.60 -42.64 -13.88
C GLU B 100 15.51 -44.10 -13.43
N ARG B 101 14.41 -44.49 -12.78
CA ARG B 101 14.30 -45.85 -12.17
C ARG B 101 14.42 -46.91 -13.26
N VAL B 102 13.88 -46.66 -14.47
CA VAL B 102 13.88 -47.68 -15.55
C VAL B 102 15.08 -47.49 -16.49
N GLY B 103 15.98 -46.55 -16.21
CA GLY B 103 17.26 -46.35 -16.92
C GLY B 103 17.09 -45.56 -18.21
N LEU B 104 16.00 -44.82 -18.40
CA LEU B 104 15.81 -44.01 -19.62
C LEU B 104 16.32 -42.58 -19.44
N LEU B 105 16.65 -42.18 -18.21
CA LEU B 105 17.22 -40.87 -17.87
C LEU B 105 18.58 -41.17 -17.26
N ARG B 106 19.64 -40.58 -17.82
CA ARG B 106 21.02 -40.82 -17.33
C ARG B 106 21.38 -39.81 -16.25
N PHE B 107 20.97 -38.57 -16.42
CA PHE B 107 21.32 -37.49 -15.48
C PHE B 107 20.26 -36.40 -15.57
N LEU B 108 20.14 -35.64 -14.48
CA LEU B 108 19.16 -34.54 -14.35
C LEU B 108 19.91 -33.30 -13.82
N VAL B 109 19.81 -32.22 -14.58
CA VAL B 109 20.42 -30.90 -14.24
C VAL B 109 19.28 -29.94 -13.92
N SER B 110 19.24 -29.38 -12.72
CA SER B 110 18.17 -28.44 -12.34
C SER B 110 18.76 -27.11 -11.89
N GLN B 111 18.09 -26.04 -12.27
CA GLN B 111 18.34 -24.68 -11.78
C GLN B 111 17.48 -24.39 -10.56
N ASN B 112 16.59 -25.29 -10.17
CA ASN B 112 15.55 -25.03 -9.14
C ASN B 112 16.14 -25.15 -7.74
N VAL B 113 15.84 -24.20 -6.86
CA VAL B 113 16.25 -24.25 -5.42
C VAL B 113 15.10 -24.80 -4.56
N ASP B 114 13.97 -25.16 -5.16
CA ASP B 114 12.73 -25.54 -4.44
C ASP B 114 12.85 -26.87 -3.67
N GLY B 115 13.92 -27.67 -3.89
CA GLY B 115 14.14 -28.92 -3.15
C GLY B 115 13.20 -30.06 -3.55
N LEU B 116 12.41 -29.91 -4.61
CA LEU B 116 11.38 -30.90 -4.98
C LEU B 116 11.99 -32.14 -5.65
N HIS B 117 13.05 -32.00 -6.44
CA HIS B 117 13.68 -33.21 -7.04
C HIS B 117 14.15 -34.13 -5.92
N VAL B 118 14.89 -33.61 -4.95
CA VAL B 118 15.39 -34.42 -3.81
C VAL B 118 14.18 -34.99 -3.06
N ARG B 119 13.18 -34.17 -2.77
CA ARG B 119 12.08 -34.60 -1.88
C ARG B 119 11.21 -35.62 -2.61
N SER B 120 11.19 -35.61 -3.94
CA SER B 120 10.48 -36.59 -4.80
C SER B 120 11.11 -38.00 -4.69
N GLY B 121 12.32 -38.13 -4.15
CA GLY B 121 13.04 -39.41 -4.02
C GLY B 121 13.97 -39.65 -5.20
N PHE B 122 14.24 -38.62 -5.99
CA PHE B 122 15.18 -38.71 -7.12
C PHE B 122 16.60 -38.87 -6.58
N PRO B 123 17.41 -39.82 -7.08
CA PRO B 123 18.72 -40.10 -6.49
C PRO B 123 19.69 -38.92 -6.65
N ARG B 124 20.32 -38.51 -5.55
CA ARG B 124 21.18 -37.30 -5.52
C ARG B 124 22.41 -37.51 -6.39
N ASP B 125 22.88 -38.75 -6.58
CA ASP B 125 24.10 -39.01 -7.39
C ASP B 125 23.76 -38.89 -8.89
N LYS B 126 22.48 -38.70 -9.27
CA LYS B 126 22.17 -38.43 -10.70
C LYS B 126 21.58 -37.03 -10.86
N LEU B 127 21.79 -36.15 -9.89
CA LEU B 127 21.20 -34.80 -9.87
C LEU B 127 22.30 -33.76 -9.68
N ALA B 128 22.31 -32.73 -10.51
CA ALA B 128 23.08 -31.49 -10.28
C ALA B 128 22.10 -30.37 -9.96
N GLU B 129 22.22 -29.78 -8.78
CA GLU B 129 21.42 -28.62 -8.32
C GLU B 129 22.33 -27.40 -8.47
N LEU B 130 22.35 -26.83 -9.67
CA LEU B 130 23.35 -25.80 -10.07
C LEU B 130 23.20 -24.52 -9.25
N HIS B 131 22.01 -24.19 -8.75
CA HIS B 131 21.77 -22.90 -8.06
C HIS B 131 21.52 -23.13 -6.56
N GLY B 132 21.63 -24.38 -6.10
CA GLY B 132 21.44 -24.71 -4.68
C GLY B 132 20.09 -25.36 -4.39
N ASN B 133 19.83 -25.60 -3.11
CA ASN B 133 18.63 -26.32 -2.60
C ASN B 133 18.30 -25.67 -1.26
N MET B 134 17.10 -25.09 -1.13
CA MET B 134 16.66 -24.32 0.06
C MET B 134 16.78 -25.20 1.31
N PHE B 135 16.74 -26.54 1.17
CA PHE B 135 16.70 -27.48 2.31
C PHE B 135 18.10 -28.01 2.65
N VAL B 136 19.11 -27.66 1.87
CA VAL B 136 20.46 -28.27 2.02
C VAL B 136 21.44 -27.26 2.60
N GLU B 137 22.13 -27.64 3.67
CA GLU B 137 23.27 -26.87 4.21
C GLU B 137 24.53 -27.71 4.10
N GLU B 138 25.67 -27.03 4.03
CA GLU B 138 26.97 -27.65 3.74
C GLU B 138 28.00 -27.14 4.75
N CYS B 139 28.83 -28.05 5.26
CA CYS B 139 29.92 -27.73 6.20
C CYS B 139 31.04 -27.01 5.43
N ALA B 140 31.38 -25.79 5.85
CA ALA B 140 32.47 -24.98 5.23
C ALA B 140 33.81 -25.72 5.34
N LYS B 141 34.00 -26.56 6.38
CA LYS B 141 35.28 -27.28 6.65
C LYS B 141 35.35 -28.59 5.84
N CYS B 142 34.42 -29.55 6.02
CA CYS B 142 34.54 -30.91 5.43
C CYS B 142 33.66 -31.09 4.17
N LYS B 143 32.79 -30.13 3.84
CA LYS B 143 31.92 -30.14 2.63
C LYS B 143 30.77 -31.16 2.76
N THR B 144 30.58 -31.79 3.92
CA THR B 144 29.43 -32.68 4.17
C THR B 144 28.14 -31.88 4.01
N GLN B 145 27.17 -32.41 3.27
CA GLN B 145 25.85 -31.77 3.07
C GLN B 145 24.81 -32.43 3.99
N TYR B 146 23.86 -31.64 4.47
CA TYR B 146 22.72 -32.10 5.28
C TYR B 146 21.44 -31.70 4.56
N VAL B 147 20.59 -32.67 4.27
CA VAL B 147 19.26 -32.39 3.67
C VAL B 147 18.26 -32.30 4.84
N ARG B 148 17.78 -31.10 5.13
CA ARG B 148 16.85 -30.87 6.26
C ARG B 148 15.41 -31.02 5.80
N ASP B 149 14.53 -31.21 6.78
CA ASP B 149 13.07 -31.37 6.57
C ASP B 149 12.42 -29.98 6.44
N THR B 150 13.14 -28.90 6.72
CA THR B 150 12.62 -27.50 6.62
C THR B 150 13.68 -26.67 5.91
N VAL B 151 13.29 -25.53 5.36
CA VAL B 151 14.20 -24.62 4.63
C VAL B 151 15.28 -24.16 5.62
N VAL B 152 16.50 -24.16 5.17
CA VAL B 152 17.61 -23.56 5.96
C VAL B 152 17.41 -22.04 5.78
N GLY B 153 17.36 -21.30 6.87
CA GLY B 153 16.77 -19.96 6.90
C GLY B 153 17.68 -18.87 6.35
N THR B 154 18.77 -19.17 5.64
CA THR B 154 19.66 -18.16 5.03
C THR B 154 19.82 -18.41 3.52
N MET B 155 20.35 -17.42 2.81
CA MET B 155 20.66 -17.48 1.35
C MET B 155 21.98 -16.73 1.14
N GLY B 156 22.70 -17.04 0.07
CA GLY B 156 23.98 -16.38 -0.26
C GLY B 156 25.15 -17.03 0.43
N LEU B 157 25.03 -18.32 0.78
CA LEU B 157 26.12 -19.15 1.35
C LEU B 157 26.57 -18.55 2.70
N LYS B 158 25.61 -18.17 3.54
CA LYS B 158 25.84 -17.64 4.91
C LYS B 158 25.77 -18.77 5.95
N ALA B 159 26.33 -18.53 7.14
CA ALA B 159 26.24 -19.41 8.32
C ALA B 159 24.78 -19.54 8.71
N THR B 160 24.29 -20.76 8.95
CA THR B 160 22.88 -21.02 9.33
C THR B 160 22.72 -20.95 10.85
N GLY B 161 23.81 -21.07 11.59
CA GLY B 161 23.82 -21.12 13.06
C GLY B 161 24.03 -22.53 13.57
N ARG B 162 24.00 -23.55 12.70
CA ARG B 162 24.24 -24.96 13.13
C ARG B 162 25.68 -25.34 12.82
N LEU B 163 26.17 -26.36 13.50
CA LEU B 163 27.56 -26.85 13.34
C LEU B 163 27.54 -28.28 12.82
N CYS B 164 28.59 -28.68 12.13
CA CYS B 164 28.75 -30.02 11.54
C CYS B 164 28.84 -31.06 12.66
N THR B 165 28.23 -32.24 12.45
CA THR B 165 28.12 -33.31 13.47
C THR B 165 28.82 -34.58 12.99
N VAL B 166 29.62 -34.53 11.92
CA VAL B 166 30.36 -35.73 11.41
C VAL B 166 31.48 -36.05 12.40
N ALA B 167 31.70 -37.32 12.70
CA ALA B 167 32.79 -37.84 13.56
C ALA B 167 34.12 -37.13 13.22
N ALA B 174 34.28 -34.73 16.64
CA ALA B 174 33.20 -34.09 15.87
C ALA B 174 33.74 -32.84 15.15
N CYS B 175 33.53 -32.77 13.83
CA CYS B 175 34.10 -31.74 12.89
C CYS B 175 33.82 -30.33 13.41
N ARG B 176 32.57 -30.04 13.76
CA ARG B 176 32.10 -28.74 14.33
C ARG B 176 32.29 -27.60 13.31
N GLY B 177 32.59 -27.90 12.03
CA GLY B 177 32.59 -26.89 10.96
C GLY B 177 31.29 -26.08 10.90
N GLU B 178 31.37 -24.86 10.37
CA GLU B 178 30.21 -23.94 10.22
C GLU B 178 29.34 -24.43 9.07
N LEU B 179 28.06 -24.70 9.31
CA LEU B 179 27.12 -25.08 8.24
C LEU B 179 26.66 -23.81 7.56
N ARG B 180 26.59 -23.84 6.22
CA ARG B 180 26.14 -22.69 5.41
C ARG B 180 25.07 -23.16 4.43
N ASP B 181 24.18 -22.27 4.03
CA ASP B 181 23.19 -22.56 2.98
C ASP B 181 23.95 -22.78 1.66
N THR B 182 23.26 -23.31 0.65
CA THR B 182 23.86 -23.61 -0.67
C THR B 182 23.20 -22.73 -1.73
N ILE B 183 22.43 -21.71 -1.32
CA ILE B 183 21.73 -20.80 -2.28
C ILE B 183 22.71 -19.74 -2.80
N LEU B 184 23.12 -19.87 -4.05
CA LEU B 184 23.98 -18.88 -4.75
C LEU B 184 23.25 -17.53 -4.77
N ASP B 185 23.98 -16.45 -4.51
CA ASP B 185 23.56 -15.06 -4.84
C ASP B 185 24.12 -14.76 -6.24
N TRP B 186 23.75 -13.63 -6.86
CA TRP B 186 24.12 -13.34 -8.27
C TRP B 186 25.64 -13.52 -8.48
N GLU B 187 26.47 -13.09 -7.53
CA GLU B 187 27.96 -13.01 -7.76
C GLU B 187 28.60 -14.39 -7.59
N ASP B 188 27.91 -15.38 -7.00
CA ASP B 188 28.54 -16.64 -6.55
C ASP B 188 28.80 -17.56 -7.75
N SER B 189 29.99 -18.18 -7.76
CA SER B 189 30.38 -19.29 -8.67
C SER B 189 29.54 -20.53 -8.38
N LEU B 190 29.26 -21.32 -9.41
CA LEU B 190 28.41 -22.54 -9.29
C LEU B 190 29.16 -23.58 -8.47
N PRO B 191 28.47 -24.46 -7.72
CA PRO B 191 29.15 -25.53 -6.97
C PRO B 191 29.97 -26.36 -7.97
N ASP B 192 31.25 -26.60 -7.70
CA ASP B 192 32.21 -27.15 -8.70
C ASP B 192 31.82 -28.60 -9.05
N ARG B 193 31.45 -29.41 -8.05
CA ARG B 193 31.07 -30.82 -8.26
C ARG B 193 29.83 -30.89 -9.18
N ASP B 194 28.74 -30.21 -8.81
CA ASP B 194 27.46 -30.22 -9.56
C ASP B 194 27.73 -29.72 -10.99
N LEU B 195 28.48 -28.63 -11.16
CA LEU B 195 28.71 -28.06 -12.52
C LEU B 195 29.54 -29.02 -13.35
N ALA B 196 30.57 -29.64 -12.79
CA ALA B 196 31.44 -30.59 -13.51
C ALA B 196 30.60 -31.77 -13.97
N LEU B 197 29.76 -32.31 -13.08
CA LEU B 197 28.91 -33.47 -13.43
C LEU B 197 27.93 -33.03 -14.52
N ALA B 198 27.31 -31.86 -14.39
CA ALA B 198 26.28 -31.39 -15.34
C ALA B 198 26.92 -31.19 -16.72
N ASP B 199 28.11 -30.60 -16.74
CA ASP B 199 28.82 -30.33 -18.01
C ASP B 199 29.17 -31.67 -18.69
N GLU B 200 29.74 -32.62 -17.94
CA GLU B 200 30.11 -33.95 -18.46
C GLU B 200 28.86 -34.64 -19.02
N ALA B 201 27.77 -34.70 -18.23
CA ALA B 201 26.53 -35.39 -18.63
C ALA B 201 26.02 -34.76 -19.94
N SER B 202 26.01 -33.41 -20.01
CA SER B 202 25.39 -32.69 -21.14
C SER B 202 26.24 -32.92 -22.39
N ARG B 203 27.57 -32.87 -22.27
CA ARG B 203 28.43 -32.95 -23.48
C ARG B 203 28.43 -34.40 -23.98
N ASN B 204 28.25 -35.40 -23.10
CA ASN B 204 28.26 -36.83 -23.49
C ASN B 204 26.87 -37.33 -23.89
N ALA B 205 25.80 -36.57 -23.68
CA ALA B 205 24.41 -37.06 -23.95
C ALA B 205 24.23 -37.16 -25.47
N ASP B 206 23.43 -38.10 -25.94
CA ASP B 206 22.95 -38.03 -27.36
C ASP B 206 21.59 -37.33 -27.41
N LEU B 207 20.94 -37.10 -26.27
CA LEU B 207 19.67 -36.33 -26.21
C LEU B 207 19.61 -35.49 -24.93
N SER B 208 19.44 -34.17 -25.09
CA SER B 208 19.14 -33.21 -24.00
C SER B 208 17.69 -32.75 -24.16
N ILE B 209 16.90 -32.86 -23.10
CA ILE B 209 15.49 -32.37 -23.06
C ILE B 209 15.40 -31.30 -21.98
N THR B 210 14.98 -30.09 -22.34
CA THR B 210 14.81 -28.97 -21.39
C THR B 210 13.31 -28.88 -21.09
N LEU B 211 12.99 -28.68 -19.81
CA LEU B 211 11.60 -28.60 -19.33
C LEU B 211 11.48 -27.34 -18.49
N GLY B 212 10.64 -26.38 -18.91
CA GLY B 212 10.28 -25.23 -18.07
C GLY B 212 11.50 -24.42 -17.68
N THR B 213 12.41 -24.19 -18.63
CA THR B 213 13.47 -23.18 -18.47
C THR B 213 13.53 -22.29 -19.71
N SER B 214 13.75 -21.00 -19.52
CA SER B 214 13.89 -20.02 -20.62
C SER B 214 15.33 -20.05 -21.16
N LEU B 215 16.24 -20.74 -20.46
CA LEU B 215 17.66 -20.95 -20.85
C LEU B 215 18.43 -19.60 -20.92
N GLN B 216 18.00 -18.62 -20.16
CA GLN B 216 18.55 -17.25 -20.22
C GLN B 216 19.73 -17.07 -19.27
N ILE B 217 19.92 -17.96 -18.29
CA ILE B 217 20.98 -17.77 -17.26
C ILE B 217 22.16 -18.68 -17.57
N ARG B 218 23.35 -18.12 -17.68
CA ARG B 218 24.62 -18.83 -17.97
C ARG B 218 25.25 -19.22 -16.64
N PRO B 219 26.03 -20.31 -16.55
CA PRO B 219 26.22 -21.27 -17.65
C PRO B 219 25.12 -22.34 -17.78
N SER B 220 24.20 -22.39 -16.82
CA SER B 220 23.13 -23.42 -16.74
C SER B 220 22.39 -23.54 -18.09
N GLY B 221 21.96 -22.41 -18.65
CA GLY B 221 21.13 -22.36 -19.87
C GLY B 221 21.89 -22.77 -21.12
N ASN B 222 23.22 -22.84 -21.07
CA ASN B 222 24.04 -23.21 -22.26
C ASN B 222 24.40 -24.70 -22.24
N LEU B 223 24.21 -25.39 -21.12
CA LEU B 223 24.58 -26.81 -20.99
C LEU B 223 23.86 -27.64 -22.06
N PRO B 224 22.55 -27.43 -22.32
CA PRO B 224 21.88 -28.24 -23.34
C PRO B 224 22.49 -28.07 -24.74
N LEU B 225 23.10 -26.90 -25.02
CA LEU B 225 23.82 -26.65 -26.29
C LEU B 225 25.03 -27.58 -26.43
N ALA B 226 25.69 -27.91 -25.32
CA ALA B 226 26.88 -28.78 -25.34
C ALA B 226 26.51 -30.09 -26.01
N THR B 227 25.29 -30.59 -25.79
CA THR B 227 24.78 -31.83 -26.40
C THR B 227 24.75 -31.65 -27.93
N LYS B 228 24.21 -30.52 -28.40
CA LYS B 228 24.03 -30.22 -29.84
C LYS B 228 25.40 -30.05 -30.49
N ARG B 229 26.30 -29.31 -29.87
CA ARG B 229 27.67 -29.02 -30.40
C ARG B 229 28.37 -30.35 -30.71
N ARG B 230 28.06 -31.43 -29.99
CA ARG B 230 28.74 -32.74 -30.21
C ARG B 230 27.91 -33.67 -31.11
N GLY B 231 26.83 -33.18 -31.73
CA GLY B 231 26.02 -33.97 -32.68
C GLY B 231 24.83 -34.68 -32.02
N GLY B 232 24.60 -34.47 -30.71
CA GLY B 232 23.40 -34.97 -30.02
C GLY B 232 22.17 -34.18 -30.40
N ARG B 233 20.99 -34.62 -30.02
CA ARG B 233 19.71 -33.94 -30.33
C ARG B 233 19.25 -33.11 -29.11
N LEU B 234 18.45 -32.08 -29.38
CA LEU B 234 18.00 -31.10 -28.37
C LEU B 234 16.50 -30.91 -28.53
N VAL B 235 15.77 -31.11 -27.43
CA VAL B 235 14.31 -30.89 -27.35
C VAL B 235 14.09 -29.84 -26.28
N ILE B 236 13.28 -28.83 -26.61
CA ILE B 236 12.94 -27.74 -25.67
C ILE B 236 11.44 -27.83 -25.45
N VAL B 237 11.03 -28.00 -24.20
CA VAL B 237 9.60 -27.98 -23.80
C VAL B 237 9.41 -26.74 -22.95
N ASN B 238 8.57 -25.81 -23.40
CA ASN B 238 8.46 -24.49 -22.75
C ASN B 238 7.28 -23.73 -23.36
N LEU B 239 6.55 -22.98 -22.55
CA LEU B 239 5.42 -22.16 -23.03
C LEU B 239 5.95 -20.92 -23.75
N GLN B 240 7.02 -20.31 -23.24
CA GLN B 240 7.62 -19.12 -23.87
C GLN B 240 8.70 -19.56 -24.84
N PRO B 241 9.07 -18.65 -25.78
CA PRO B 241 10.34 -18.77 -26.49
C PRO B 241 11.48 -18.92 -25.48
N THR B 242 12.58 -19.53 -25.91
CA THR B 242 13.81 -19.68 -25.10
C THR B 242 14.95 -19.08 -25.90
N LYS B 243 16.03 -18.78 -25.19
CA LYS B 243 17.26 -18.23 -25.82
C LYS B 243 17.72 -19.11 -26.98
N HIS B 244 17.57 -20.45 -26.90
CA HIS B 244 18.25 -21.40 -27.82
C HIS B 244 17.26 -22.10 -28.74
N ASP B 245 16.07 -21.55 -28.93
CA ASP B 245 15.03 -22.14 -29.82
C ASP B 245 15.63 -22.57 -31.18
N ARG B 246 16.49 -21.75 -31.79
CA ARG B 246 16.96 -22.03 -33.17
C ARG B 246 17.78 -23.33 -33.19
N HIS B 247 18.36 -23.76 -32.07
CA HIS B 247 19.27 -24.94 -32.03
C HIS B 247 18.51 -26.23 -31.74
N ALA B 248 17.22 -26.17 -31.38
CA ALA B 248 16.41 -27.35 -31.01
C ALA B 248 16.06 -28.13 -32.26
N ASP B 249 16.10 -29.46 -32.16
CA ASP B 249 15.53 -30.39 -33.16
C ASP B 249 14.02 -30.37 -33.03
N LEU B 250 13.51 -30.12 -31.84
CA LEU B 250 12.07 -30.22 -31.56
C LEU B 250 11.75 -29.22 -30.45
N ARG B 251 10.73 -28.41 -30.67
CA ARG B 251 10.26 -27.38 -29.72
C ARG B 251 8.80 -27.72 -29.43
N ILE B 252 8.47 -27.95 -28.16
CA ILE B 252 7.09 -28.32 -27.76
C ILE B 252 6.57 -27.20 -26.87
N HIS B 253 5.49 -26.57 -27.31
CA HIS B 253 4.86 -25.40 -26.63
C HIS B 253 3.57 -25.91 -26.01
N GLY B 254 3.65 -26.23 -24.71
CA GLY B 254 2.54 -26.77 -23.93
C GLY B 254 2.96 -26.86 -22.47
N TYR B 255 2.00 -27.19 -21.62
CA TYR B 255 2.25 -27.42 -20.17
C TYR B 255 3.08 -28.69 -20.07
N VAL B 256 4.17 -28.58 -19.34
CA VAL B 256 5.13 -29.71 -19.17
C VAL B 256 4.40 -30.93 -18.58
N ASP B 257 3.43 -30.76 -17.68
CA ASP B 257 2.72 -31.93 -17.10
C ASP B 257 1.92 -32.64 -18.21
N GLU B 258 1.30 -31.90 -19.13
CA GLU B 258 0.56 -32.53 -20.24
C GLU B 258 1.54 -33.27 -21.16
N VAL B 259 2.67 -32.65 -21.47
CA VAL B 259 3.71 -33.27 -22.32
C VAL B 259 4.22 -34.55 -21.64
N MET B 260 4.59 -34.48 -20.36
CA MET B 260 5.25 -35.61 -19.68
C MET B 260 4.23 -36.74 -19.44
N THR B 261 2.96 -36.46 -19.13
CA THR B 261 1.96 -37.54 -18.93
C THR B 261 1.72 -38.26 -20.26
N ARG B 262 1.62 -37.52 -21.37
CA ARG B 262 1.44 -38.15 -22.70
C ARG B 262 2.70 -38.95 -23.07
N LEU B 263 3.89 -38.41 -22.81
CA LEU B 263 5.15 -39.16 -23.08
C LEU B 263 5.15 -40.47 -22.31
N MET B 264 4.82 -40.45 -21.01
CA MET B 264 4.89 -41.67 -20.16
C MET B 264 3.88 -42.69 -20.71
N LYS B 265 2.70 -42.26 -21.18
CA LYS B 265 1.73 -43.18 -21.81
C LYS B 265 2.35 -43.82 -23.06
N HIS B 266 2.97 -43.05 -23.95
CA HIS B 266 3.67 -43.61 -25.15
C HIS B 266 4.74 -44.63 -24.72
N LEU B 267 5.51 -44.34 -23.67
CA LEU B 267 6.61 -45.24 -23.21
C LEU B 267 6.05 -46.46 -22.46
N GLY B 268 4.74 -46.48 -22.14
CA GLY B 268 4.13 -47.59 -21.39
C GLY B 268 4.55 -47.58 -19.93
N LEU B 269 4.84 -46.40 -19.37
CA LEU B 269 5.35 -46.27 -17.98
C LEU B 269 4.30 -45.58 -17.11
N GLU B 270 4.16 -46.02 -15.87
CA GLU B 270 3.26 -45.40 -14.87
C GLU B 270 4.02 -44.27 -14.18
N ILE B 271 3.34 -43.22 -13.77
CA ILE B 271 3.94 -42.18 -12.90
C ILE B 271 3.77 -42.65 -11.47
N PRO B 272 4.86 -42.91 -10.72
CA PRO B 272 4.75 -43.47 -9.39
C PRO B 272 4.18 -42.49 -8.35
N ALA B 273 3.60 -43.08 -7.31
CA ALA B 273 3.04 -42.40 -6.11
C ALA B 273 4.19 -41.69 -5.39
N TRP B 274 3.92 -40.53 -4.82
CA TRP B 274 4.88 -39.86 -3.92
C TRP B 274 4.62 -40.28 -2.47
N ASP B 275 5.62 -40.84 -1.81
CA ASP B 275 5.51 -41.32 -0.40
C ASP B 275 5.80 -40.19 0.59
N GLY B 276 5.67 -38.92 0.21
CA GLY B 276 6.06 -37.78 1.06
C GLY B 276 7.56 -37.55 0.98
N PRO B 277 8.11 -36.53 1.65
CA PRO B 277 9.51 -36.19 1.50
C PRO B 277 10.44 -37.34 1.86
N ARG B 278 11.34 -37.72 0.95
CA ARG B 278 12.28 -38.84 1.14
C ARG B 278 13.57 -38.52 0.38
N VAL B 279 14.71 -38.84 0.99
CA VAL B 279 16.05 -38.57 0.44
C VAL B 279 16.69 -39.88 0.00
N LEU B 280 17.06 -39.99 -1.25
CA LEU B 280 17.80 -41.15 -1.80
C LEU B 280 19.16 -40.66 -2.26
N GLU B 281 20.23 -41.12 -1.62
CA GLU B 281 21.61 -40.68 -1.93
C GLU B 281 22.06 -41.28 -3.26
N ARG B 282 21.81 -42.56 -3.49
CA ARG B 282 22.40 -43.31 -4.64
C ARG B 282 21.32 -44.04 -5.43
N ALA B 283 21.40 -43.95 -6.74
CA ALA B 283 20.53 -44.62 -7.72
C ALA B 283 20.73 -46.13 -7.56
N LEU B 284 19.71 -46.91 -7.85
CA LEU B 284 19.75 -48.41 -7.96
C LEU B 284 19.99 -48.81 -9.40
N PRO B 285 20.34 -50.09 -9.67
CA PRO B 285 20.32 -50.63 -11.03
C PRO B 285 18.91 -50.48 -11.58
N PRO B 286 18.76 -50.32 -12.90
CA PRO B 286 17.44 -50.08 -13.48
C PRO B 286 16.40 -51.19 -13.21
N LEU B 287 15.17 -50.77 -12.97
CA LEU B 287 13.96 -51.63 -12.96
C LEU B 287 13.64 -52.07 -14.39
N PRO B 288 12.85 -53.14 -14.54
CA PRO B 288 12.42 -53.59 -15.86
C PRO B 288 11.59 -52.51 -16.57
N ARG B 289 11.68 -52.45 -17.90
CA ARG B 289 10.88 -51.50 -18.69
C ARG B 289 10.35 -52.20 -19.93
N PRO B 290 9.30 -51.63 -20.55
CA PRO B 290 8.66 -52.28 -21.67
C PRO B 290 9.66 -52.48 -22.81
N PRO B 291 9.48 -53.50 -23.65
CA PRO B 291 10.26 -53.61 -24.88
C PRO B 291 9.89 -52.44 -25.80
N THR B 292 10.77 -52.11 -26.73
CA THR B 292 10.75 -50.85 -27.53
C THR B 292 10.02 -51.09 -28.84
N PRO B 293 9.30 -50.11 -29.41
CA PRO B 293 8.65 -50.32 -30.69
C PRO B 293 9.67 -50.38 -31.84
N LYS B 294 9.26 -51.00 -32.94
CA LYS B 294 9.97 -50.96 -34.24
C LYS B 294 9.61 -49.62 -34.87
N LEU B 295 10.58 -48.73 -34.99
CA LEU B 295 10.37 -47.40 -35.64
C LEU B 295 10.87 -47.53 -37.10
N GLU B 296 9.97 -47.35 -38.07
CA GLU B 296 10.22 -47.64 -39.53
C GLU B 296 10.71 -49.10 -39.76
N VAL C 1 -15.18 19.13 -5.59
CA VAL C 1 -15.05 20.03 -4.35
C VAL C 1 -13.62 20.56 -4.20
N ASN C 2 -12.66 20.16 -5.04
CA ASN C 2 -11.20 20.52 -4.94
C ASN C 2 -10.74 20.63 -3.48
N ALA C 5 -5.14 22.13 0.03
CA ALA C 5 -4.48 22.92 1.09
C ALA C 5 -5.58 23.65 1.87
N GLY C 6 -5.35 23.94 3.16
CA GLY C 6 -6.42 24.33 4.10
C GLY C 6 -7.16 23.13 4.68
N LEU C 7 -7.05 21.94 4.08
CA LEU C 7 -7.67 20.68 4.59
C LEU C 7 -6.93 20.22 5.85
N SER C 8 -7.67 19.74 6.85
CA SER C 8 -7.11 19.03 8.04
C SER C 8 -6.16 17.93 7.59
N PRO C 9 -4.95 17.78 8.17
CA PRO C 9 -4.08 16.63 7.87
C PRO C 9 -4.68 15.28 8.28
N TYR C 10 -5.68 15.30 9.17
CA TYR C 10 -6.32 14.09 9.77
C TYR C 10 -7.45 13.63 8.82
N ALA C 11 -7.80 14.47 7.84
CA ALA C 11 -8.92 14.22 6.90
C ALA C 11 -8.49 13.14 5.90
N ASP C 12 -9.44 12.29 5.50
CA ASP C 12 -9.24 11.27 4.44
C ASP C 12 -9.40 11.92 3.07
N LYS C 13 -8.35 11.84 2.24
CA LYS C 13 -8.27 12.39 0.86
C LYS C 13 -8.29 11.23 -0.17
N GLY C 14 -9.06 10.20 0.15
CA GLY C 14 -9.08 8.87 -0.47
C GLY C 14 -7.73 8.15 -0.34
N LYS C 15 -7.47 7.23 -1.26
CA LYS C 15 -6.27 6.35 -1.29
C LYS C 15 -5.11 7.06 -2.00
N CYS C 16 -4.07 7.37 -1.25
CA CYS C 16 -2.87 8.12 -1.65
C CYS C 16 -1.70 7.16 -1.71
N GLY C 17 -0.87 7.29 -2.75
CA GLY C 17 0.43 6.60 -2.87
C GLY C 17 0.28 5.12 -3.13
N LEU C 18 -0.82 4.66 -3.73
CA LEU C 18 -0.92 3.27 -4.19
C LEU C 18 0.21 3.05 -5.18
N PRO C 19 0.74 1.81 -5.26
CA PRO C 19 1.78 1.50 -6.23
C PRO C 19 1.27 1.67 -7.66
N GLU C 20 2.18 2.08 -8.53
CA GLU C 20 1.94 2.17 -9.98
C GLU C 20 2.05 0.79 -10.58
N ILE C 21 1.24 0.50 -11.60
CA ILE C 21 1.28 -0.77 -12.37
C ILE C 21 1.60 -0.43 -13.82
N PHE C 22 2.41 -1.24 -14.50
CA PHE C 22 2.95 -0.98 -15.86
C PHE C 22 2.67 -2.18 -16.75
N ASP C 23 1.87 -1.97 -17.79
CA ASP C 23 1.79 -2.93 -18.91
C ASP C 23 3.17 -3.06 -19.54
N PRO C 24 3.69 -4.28 -19.73
CA PRO C 24 4.95 -4.43 -20.47
C PRO C 24 4.73 -4.06 -21.93
N PRO C 25 5.80 -3.74 -22.67
CA PRO C 25 5.70 -3.19 -24.03
C PRO C 25 4.78 -3.93 -25.02
N GLU C 26 4.89 -5.25 -25.13
CA GLU C 26 4.09 -6.03 -26.12
C GLU C 26 2.61 -5.93 -25.71
N GLU C 27 2.33 -5.99 -24.41
CA GLU C 27 0.92 -5.95 -23.91
C GLU C 27 0.38 -4.52 -24.12
N LEU C 28 1.21 -3.53 -23.83
CA LEU C 28 0.83 -2.11 -24.00
C LEU C 28 0.48 -1.90 -25.48
N GLU C 29 1.32 -2.39 -26.39
CA GLU C 29 1.08 -2.21 -27.85
C GLU C 29 -0.25 -2.84 -28.24
N ARG C 30 -0.56 -4.04 -27.74
CA ARG C 30 -1.84 -4.73 -28.04
C ARG C 30 -3.01 -3.86 -27.57
N LYS C 31 -2.91 -3.31 -26.36
CA LYS C 31 -4.03 -2.54 -25.77
C LYS C 31 -4.22 -1.20 -26.50
N VAL C 32 -3.15 -0.57 -26.95
CA VAL C 32 -3.27 0.73 -27.68
C VAL C 32 -3.88 0.47 -29.05
N TRP C 33 -3.57 -0.66 -29.70
CA TRP C 33 -4.25 -1.07 -30.95
C TRP C 33 -5.74 -1.25 -30.66
N GLU C 34 -6.08 -1.88 -29.54
CA GLU C 34 -7.51 -2.09 -29.16
C GLU C 34 -8.16 -0.73 -28.89
N LEU C 35 -7.45 0.22 -28.28
CA LEU C 35 -8.00 1.58 -28.06
C LEU C 35 -8.28 2.23 -29.41
N ALA C 36 -7.34 2.15 -30.36
CA ALA C 36 -7.56 2.69 -31.72
C ALA C 36 -8.84 2.06 -32.34
N ARG C 37 -9.02 0.75 -32.20
CA ARG C 37 -10.22 0.05 -32.75
C ARG C 37 -11.47 0.68 -32.14
N LEU C 38 -11.49 0.89 -30.81
CA LEU C 38 -12.69 1.45 -30.14
C LEU C 38 -12.95 2.87 -30.61
N VAL C 39 -11.90 3.67 -30.80
CA VAL C 39 -12.07 5.07 -31.29
C VAL C 39 -12.63 5.03 -32.72
N TRP C 40 -12.08 4.19 -33.61
CA TRP C 40 -12.53 4.10 -35.02
C TRP C 40 -14.01 3.70 -35.08
N GLN C 41 -14.44 2.82 -34.18
CA GLN C 41 -15.78 2.18 -34.25
C GLN C 41 -16.83 2.96 -33.48
N SER C 42 -16.44 3.96 -32.68
CA SER C 42 -17.40 4.70 -31.81
C SER C 42 -17.90 5.96 -32.52
N SER C 43 -19.17 6.30 -32.31
CA SER C 43 -19.86 7.48 -32.88
C SER C 43 -19.66 8.71 -31.98
N SER C 44 -19.65 8.55 -30.66
CA SER C 44 -19.62 9.66 -29.69
C SER C 44 -18.62 9.31 -28.59
N VAL C 45 -17.42 9.90 -28.67
CA VAL C 45 -16.30 9.64 -27.74
C VAL C 45 -16.19 10.79 -26.75
N VAL C 46 -16.19 10.50 -25.45
CA VAL C 46 -15.98 11.51 -24.39
C VAL C 46 -14.71 11.15 -23.62
N PHE C 47 -13.82 12.11 -23.45
CA PHE C 47 -12.59 11.96 -22.63
C PHE C 47 -12.85 12.64 -21.30
N HIS C 48 -12.29 12.04 -20.26
CA HIS C 48 -12.32 12.49 -18.86
C HIS C 48 -10.87 12.63 -18.39
N THR C 49 -10.43 13.83 -18.03
CA THR C 49 -9.01 14.05 -17.67
C THR C 49 -8.90 14.49 -16.21
N GLY C 50 -7.82 14.07 -15.58
CA GLY C 50 -7.40 14.53 -14.25
C GLY C 50 -5.94 14.86 -14.22
N ALA C 51 -5.39 15.01 -13.03
CA ALA C 51 -4.10 15.69 -12.82
C ALA C 51 -2.96 14.89 -13.47
N GLY C 52 -3.15 13.60 -13.71
CA GLY C 52 -2.06 12.79 -14.31
C GLY C 52 -1.70 13.21 -15.73
N ILE C 53 -2.56 13.95 -16.44
CA ILE C 53 -2.22 14.39 -17.83
C ILE C 53 -1.34 15.65 -17.80
N SER C 54 -1.06 16.24 -16.62
CA SER C 54 -0.21 17.46 -16.52
C SER C 54 1.06 17.18 -15.73
N THR C 55 1.27 15.96 -15.24
CA THR C 55 2.50 15.63 -14.49
C THR C 55 3.72 15.75 -15.41
N ALA C 56 3.61 15.38 -16.70
CA ALA C 56 4.74 15.46 -17.65
C ALA C 56 5.00 16.92 -18.08
N SER C 57 4.21 17.91 -17.63
CA SER C 57 4.51 19.35 -17.82
C SER C 57 5.00 20.00 -16.52
N GLY C 58 5.25 19.20 -15.47
CA GLY C 58 5.87 19.68 -14.22
C GLY C 58 4.88 20.00 -13.12
N ILE C 59 3.60 19.68 -13.29
CA ILE C 59 2.55 19.96 -12.27
C ILE C 59 2.25 18.65 -11.55
N PRO C 60 2.42 18.58 -10.22
CA PRO C 60 2.25 17.31 -9.50
C PRO C 60 0.76 16.94 -9.43
N ASP C 61 0.47 15.65 -9.28
CA ASP C 61 -0.93 15.19 -9.05
C ASP C 61 -1.18 15.20 -7.52
N PHE C 62 -2.31 14.64 -7.09
CA PHE C 62 -2.77 14.69 -5.68
C PHE C 62 -2.40 13.36 -4.97
N ARG C 63 -2.56 12.22 -5.65
CA ARG C 63 -2.52 10.89 -4.98
C ARG C 63 -1.46 9.97 -5.57
N GLY C 64 -0.70 10.42 -6.55
CA GLY C 64 0.43 9.64 -7.09
C GLY C 64 1.50 9.45 -6.03
N PRO C 65 2.56 8.67 -6.33
CA PRO C 65 3.65 8.47 -5.37
C PRO C 65 4.23 9.78 -4.83
N HIS C 66 4.30 10.84 -5.64
CA HIS C 66 4.81 12.16 -5.24
C HIS C 66 3.69 13.18 -5.33
N GLY C 67 2.44 12.75 -5.19
CA GLY C 67 1.25 13.62 -5.19
C GLY C 67 1.25 14.51 -3.99
N VAL C 68 0.45 15.58 -4.04
CA VAL C 68 0.27 16.56 -2.93
C VAL C 68 0.04 15.79 -1.61
N TRP C 69 -0.95 14.91 -1.56
CA TRP C 69 -1.40 14.26 -0.30
C TRP C 69 -0.37 13.23 0.14
N THR C 70 0.15 12.48 -0.83
CA THR C 70 1.15 11.43 -0.57
C THR C 70 2.37 12.08 0.09
N MET C 71 2.83 13.22 -0.44
CA MET C 71 4.05 13.88 0.06
C MET C 71 3.75 14.50 1.45
N GLU C 72 2.58 15.09 1.62
CA GLU C 72 2.18 15.70 2.90
C GLU C 72 2.28 14.66 4.04
N GLU C 73 1.76 13.45 3.80
CA GLU C 73 1.80 12.33 4.78
C GLU C 73 3.24 12.02 5.20
N ARG C 74 4.22 12.23 4.32
CA ARG C 74 5.63 11.90 4.56
C ARG C 74 6.37 13.09 5.16
N GLY C 75 5.68 14.23 5.37
CA GLY C 75 6.30 15.48 5.81
C GLY C 75 7.17 16.09 4.73
N LEU C 76 6.80 15.87 3.47
CA LEU C 76 7.43 16.52 2.29
C LEU C 76 6.38 17.43 1.62
N ALA C 77 6.80 18.20 0.64
CA ALA C 77 5.91 19.13 -0.12
C ALA C 77 5.74 18.57 -1.51
N PRO C 78 4.63 18.86 -2.21
CA PRO C 78 4.55 18.56 -3.63
C PRO C 78 5.55 19.51 -4.34
N LYS C 79 6.08 19.07 -5.47
CA LYS C 79 7.11 19.82 -6.21
C LYS C 79 6.50 20.22 -7.55
N PHE C 80 6.56 21.51 -7.85
CA PHE C 80 6.29 22.08 -9.19
C PHE C 80 7.63 22.28 -9.92
N ASP C 81 7.68 21.90 -11.19
CA ASP C 81 8.86 22.17 -12.06
C ASP C 81 8.55 23.32 -13.01
N THR C 82 7.44 24.03 -12.76
CA THR C 82 6.97 25.15 -13.59
C THR C 82 6.01 25.99 -12.74
N THR C 83 5.65 27.18 -13.21
CA THR C 83 4.44 27.89 -12.72
C THR C 83 3.26 27.49 -13.59
N PHE C 84 2.04 27.75 -13.14
CA PHE C 84 0.85 27.56 -14.00
C PHE C 84 1.01 28.39 -15.28
N GLU C 85 1.53 29.62 -15.18
CA GLU C 85 1.67 30.55 -16.33
C GLU C 85 2.71 30.05 -17.32
N SER C 86 3.80 29.44 -16.85
CA SER C 86 4.91 29.00 -17.73
C SER C 86 4.72 27.56 -18.23
N ALA C 87 3.74 26.82 -17.70
CA ALA C 87 3.50 25.42 -18.08
C ALA C 87 3.11 25.36 -19.57
N ARG C 88 3.56 24.34 -20.28
CA ARG C 88 3.10 24.09 -21.65
C ARG C 88 2.20 22.87 -21.64
N PRO C 89 1.23 22.78 -22.57
CA PRO C 89 0.43 21.58 -22.73
C PRO C 89 1.31 20.39 -23.07
N THR C 90 0.95 19.22 -22.53
CA THR C 90 1.62 17.95 -22.85
C THR C 90 1.25 17.47 -24.26
N GLN C 91 1.94 16.46 -24.71
CA GLN C 91 1.59 15.68 -25.94
C GLN C 91 0.13 15.21 -25.83
N THR C 92 -0.31 14.79 -24.65
CA THR C 92 -1.70 14.34 -24.43
C THR C 92 -2.65 15.51 -24.64
N HIS C 93 -2.37 16.68 -24.06
CA HIS C 93 -3.21 17.88 -24.24
C HIS C 93 -3.38 18.16 -25.73
N MET C 94 -2.28 18.17 -26.48
CA MET C 94 -2.30 18.54 -27.92
C MET C 94 -2.91 17.42 -28.75
N ALA C 95 -2.77 16.15 -28.34
CA ALA C 95 -3.47 15.02 -29.00
C ALA C 95 -4.98 15.23 -28.89
N LEU C 96 -5.47 15.63 -27.72
CA LEU C 96 -6.92 15.84 -27.52
C LEU C 96 -7.41 16.98 -28.42
N VAL C 97 -6.59 18.02 -28.59
CA VAL C 97 -6.95 19.14 -29.51
C VAL C 97 -7.18 18.55 -30.91
N GLN C 98 -6.26 17.71 -31.38
CA GLN C 98 -6.33 17.16 -32.75
C GLN C 98 -7.52 16.19 -32.87
N LEU C 99 -7.75 15.36 -31.86
CA LEU C 99 -8.90 14.41 -31.91
C LEU C 99 -10.20 15.19 -32.05
N GLU C 100 -10.36 16.31 -31.33
CA GLU C 100 -11.56 17.17 -31.48
C GLU C 100 -11.60 17.74 -32.90
N ARG C 101 -10.47 18.22 -33.42
CA ARG C 101 -10.43 18.92 -34.73
C ARG C 101 -10.88 17.96 -35.83
N VAL C 102 -10.57 16.66 -35.74
CA VAL C 102 -10.89 15.69 -36.84
C VAL C 102 -12.19 14.95 -36.53
N GLY C 103 -12.89 15.30 -35.45
CA GLY C 103 -14.23 14.76 -35.14
C GLY C 103 -14.19 13.39 -34.48
N LEU C 104 -13.06 13.01 -33.87
CA LEU C 104 -12.99 11.72 -33.13
C LEU C 104 -13.26 11.94 -31.64
N LEU C 105 -13.41 13.17 -31.17
CA LEU C 105 -13.72 13.49 -29.76
C LEU C 105 -14.97 14.34 -29.76
N ARG C 106 -16.03 13.97 -29.05
CA ARG C 106 -17.28 14.76 -29.01
C ARG C 106 -17.24 15.75 -27.84
N PHE C 107 -16.69 15.36 -26.70
CA PHE C 107 -16.71 16.21 -25.48
C PHE C 107 -15.54 15.82 -24.59
N LEU C 108 -15.09 16.77 -23.79
CA LEU C 108 -13.98 16.63 -22.83
C LEU C 108 -14.43 17.15 -21.46
N VAL C 109 -14.35 16.28 -20.46
CA VAL C 109 -14.66 16.58 -19.04
C VAL C 109 -13.35 16.58 -18.26
N SER C 110 -13.00 17.68 -17.62
CA SER C 110 -11.73 17.73 -16.84
C SER C 110 -12.01 18.13 -15.40
N GLN C 111 -11.27 17.53 -14.50
CA GLN C 111 -11.18 17.92 -13.07
C GLN C 111 -10.03 18.89 -12.85
N ASN C 112 -9.23 19.19 -13.87
CA ASN C 112 -7.98 19.99 -13.72
C ASN C 112 -8.30 21.47 -13.66
N VAL C 113 -7.67 22.18 -12.71
CA VAL C 113 -7.77 23.66 -12.60
C VAL C 113 -6.55 24.32 -13.27
N ASP C 114 -5.64 23.56 -13.87
CA ASP C 114 -4.34 24.07 -14.38
C ASP C 114 -4.51 25.00 -15.62
N GLY C 115 -5.70 25.10 -16.21
CA GLY C 115 -5.98 25.98 -17.35
C GLY C 115 -5.36 25.51 -18.66
N LEU C 116 -4.76 24.32 -18.73
CA LEU C 116 -3.97 23.91 -19.92
C LEU C 116 -4.90 23.48 -21.07
N HIS C 117 -6.05 22.87 -20.82
CA HIS C 117 -6.97 22.53 -21.92
C HIS C 117 -7.35 23.81 -22.68
N VAL C 118 -7.82 24.83 -21.95
CA VAL C 118 -8.19 26.12 -22.58
C VAL C 118 -6.96 26.70 -23.29
N ARG C 119 -5.81 26.72 -22.62
CA ARG C 119 -4.63 27.43 -23.17
C ARG C 119 -4.07 26.66 -24.37
N SER C 120 -4.33 25.35 -24.47
CA SER C 120 -3.95 24.49 -25.61
C SER C 120 -4.75 24.86 -26.87
N GLY C 121 -5.85 25.61 -26.74
CA GLY C 121 -6.73 25.98 -27.88
C GLY C 121 -7.88 25.01 -28.04
N PHE C 122 -8.15 24.19 -27.03
CA PHE C 122 -9.30 23.26 -27.05
C PHE C 122 -10.60 24.08 -26.95
N PRO C 123 -11.61 23.83 -27.81
CA PRO C 123 -12.80 24.69 -27.82
C PRO C 123 -13.61 24.60 -26.53
N ARG C 124 -13.91 25.75 -25.93
CA ARG C 124 -14.57 25.82 -24.61
C ARG C 124 -15.99 25.24 -24.69
N ASP C 125 -16.66 25.26 -25.86
CA ASP C 125 -18.03 24.74 -25.97
C ASP C 125 -18.01 23.21 -26.01
N LYS C 126 -16.84 22.57 -26.04
CA LYS C 126 -16.80 21.09 -25.91
C LYS C 126 -16.03 20.68 -24.64
N LEU C 127 -15.93 21.59 -23.68
CA LEU C 127 -15.15 21.37 -22.44
C LEU C 127 -16.02 21.65 -21.22
N ALA C 128 -16.05 20.72 -20.26
CA ALA C 128 -16.58 20.98 -18.90
C ALA C 128 -15.40 21.01 -17.93
N GLU C 129 -15.20 22.14 -17.25
CA GLU C 129 -14.15 22.31 -16.23
C GLU C 129 -14.82 22.20 -14.86
N LEU C 130 -15.01 20.97 -14.39
CA LEU C 130 -15.90 20.69 -13.23
C LEU C 130 -15.37 21.36 -11.95
N HIS C 131 -14.04 21.55 -11.81
CA HIS C 131 -13.45 22.04 -10.55
C HIS C 131 -12.96 23.48 -10.70
N GLY C 132 -13.13 24.09 -11.88
CA GLY C 132 -12.72 25.47 -12.14
C GLY C 132 -11.45 25.53 -12.96
N ASN C 133 -10.95 26.75 -13.12
CA ASN C 133 -9.80 27.10 -13.99
C ASN C 133 -9.09 28.26 -13.30
N MET C 134 -7.83 28.07 -12.94
CA MET C 134 -7.02 29.05 -12.17
C MET C 134 -7.01 30.40 -12.89
N PHE C 135 -7.21 30.40 -14.22
CA PHE C 135 -7.07 31.63 -15.07
C PHE C 135 -8.42 32.29 -15.29
N VAL C 136 -9.53 31.69 -14.84
CA VAL C 136 -10.88 32.17 -15.20
C VAL C 136 -11.54 32.82 -14.00
N GLU C 137 -12.04 34.05 -14.17
CA GLU C 137 -12.89 34.71 -13.15
C GLU C 137 -14.25 34.98 -13.80
N GLU C 138 -15.26 35.05 -12.95
CA GLU C 138 -16.68 35.09 -13.38
C GLU C 138 -17.39 36.20 -12.61
N CYS C 139 -18.22 36.96 -13.30
CA CYS C 139 -19.04 38.04 -12.72
C CYS C 139 -20.16 37.42 -11.89
N ALA C 140 -20.22 37.73 -10.59
CA ALA C 140 -21.29 37.28 -9.67
C ALA C 140 -22.66 37.75 -10.15
N LYS C 141 -22.76 38.91 -10.84
CA LYS C 141 -24.06 39.49 -11.31
C LYS C 141 -24.47 38.87 -12.66
N CYS C 142 -23.68 38.99 -13.74
CA CYS C 142 -24.11 38.62 -15.13
C CYS C 142 -23.56 37.26 -15.58
N LYS C 143 -22.65 36.65 -14.82
CA LYS C 143 -22.07 35.29 -15.09
C LYS C 143 -21.07 35.33 -16.26
N THR C 144 -20.74 36.50 -16.81
CA THR C 144 -19.70 36.61 -17.87
C THR C 144 -18.37 36.09 -17.29
N GLN C 145 -17.67 35.26 -18.05
CA GLN C 145 -16.35 34.72 -17.66
C GLN C 145 -15.24 35.46 -18.41
N TYR C 146 -14.10 35.63 -17.76
CA TYR C 146 -12.89 36.25 -18.32
C TYR C 146 -11.76 35.25 -18.21
N VAL C 147 -11.14 34.91 -19.34
CA VAL C 147 -9.97 34.01 -19.35
C VAL C 147 -8.74 34.89 -19.34
N ARG C 148 -8.03 34.96 -18.21
CA ARG C 148 -6.85 35.84 -18.06
C ARG C 148 -5.58 35.12 -18.45
N ASP C 149 -4.54 35.90 -18.73
CA ASP C 149 -3.21 35.42 -19.13
C ASP C 149 -2.39 35.06 -17.88
N THR C 150 -2.89 35.37 -16.68
CA THR C 150 -2.20 35.04 -15.40
C THR C 150 -3.24 34.44 -14.47
N VAL C 151 -2.77 33.69 -13.48
CA VAL C 151 -3.70 33.03 -12.53
C VAL C 151 -4.41 34.14 -11.77
N VAL C 152 -5.71 33.96 -11.58
CA VAL C 152 -6.55 34.80 -10.72
C VAL C 152 -6.10 34.44 -9.30
N GLY C 153 -5.75 35.43 -8.51
CA GLY C 153 -4.99 35.20 -7.28
C GLY C 153 -5.83 34.75 -6.11
N THR C 154 -7.09 34.30 -6.29
CA THR C 154 -7.92 33.78 -5.18
C THR C 154 -8.43 32.38 -5.51
N MET C 155 -8.93 31.65 -4.51
CA MET C 155 -9.56 30.32 -4.65
C MET C 155 -10.74 30.26 -3.69
N GLY C 156 -11.72 29.39 -3.96
CA GLY C 156 -12.92 29.25 -3.12
C GLY C 156 -14.02 30.22 -3.51
N LEU C 157 -14.01 30.69 -4.77
CA LEU C 157 -15.09 31.55 -5.34
C LEU C 157 -15.16 32.88 -4.57
N LYS C 158 -14.00 33.48 -4.31
CA LYS C 158 -13.87 34.79 -3.61
C LYS C 158 -13.75 35.92 -4.64
N ALA C 159 -14.02 37.15 -4.20
CA ALA C 159 -13.81 38.39 -4.99
C ALA C 159 -12.33 38.51 -5.33
N THR C 160 -11.99 38.78 -6.59
CA THR C 160 -10.57 38.90 -7.05
C THR C 160 -10.08 40.34 -6.87
N GLY C 161 -11.01 41.29 -6.74
CA GLY C 161 -10.70 42.73 -6.66
C GLY C 161 -11.03 43.43 -7.95
N ARG C 162 -11.33 42.70 -9.04
CA ARG C 162 -11.66 43.32 -10.35
C ARG C 162 -13.17 43.34 -10.51
N LEU C 163 -13.65 44.23 -11.38
CA LEU C 163 -15.09 44.42 -11.64
C LEU C 163 -15.39 44.08 -13.09
N CYS C 164 -16.63 43.67 -13.35
CA CYS C 164 -17.12 43.29 -14.70
C CYS C 164 -17.10 44.51 -15.60
N THR C 165 -16.77 44.33 -16.88
CA THR C 165 -16.59 45.42 -17.88
C THR C 165 -17.59 45.23 -19.02
N VAL C 166 -18.59 44.37 -18.90
CA VAL C 166 -19.58 44.13 -19.99
C VAL C 166 -20.50 45.36 -20.06
N ALA C 167 -20.81 45.80 -21.28
CA ALA C 167 -21.69 46.95 -21.60
C ALA C 167 -22.49 46.62 -22.87
N ALA C 174 -22.52 49.92 -17.97
CA ALA C 174 -21.53 48.89 -17.58
C ALA C 174 -22.09 48.06 -16.40
N CYS C 175 -21.80 46.75 -16.39
CA CYS C 175 -22.28 45.80 -15.36
C CYS C 175 -21.68 46.14 -13.99
N ARG C 176 -20.35 46.21 -13.91
CA ARG C 176 -19.59 46.51 -12.66
C ARG C 176 -19.81 45.44 -11.58
N GLY C 177 -20.41 44.30 -11.90
CA GLY C 177 -20.49 43.14 -10.98
C GLY C 177 -19.12 42.74 -10.43
N GLU C 178 -19.12 42.09 -9.28
CA GLU C 178 -17.90 41.59 -8.59
C GLU C 178 -17.39 40.35 -9.33
N LEU C 179 -16.15 40.37 -9.80
CA LEU C 179 -15.52 39.17 -10.41
C LEU C 179 -15.04 38.26 -9.28
N ARG C 180 -15.28 36.96 -9.44
CA ARG C 180 -14.83 35.94 -8.47
C ARG C 180 -14.06 34.84 -9.20
N ASP C 181 -13.15 34.17 -8.49
CA ASP C 181 -12.44 32.99 -9.05
C ASP C 181 -13.48 31.89 -9.25
N THR C 182 -13.11 30.83 -9.97
CA THR C 182 -14.00 29.69 -10.27
C THR C 182 -13.46 28.42 -9.61
N ILE C 183 -12.50 28.55 -8.69
CA ILE C 183 -11.87 27.38 -8.01
C ILE C 183 -12.74 26.92 -6.84
N LEU C 184 -13.39 25.76 -7.00
CA LEU C 184 -14.16 25.11 -5.90
C LEU C 184 -13.26 24.84 -4.70
N ASP C 185 -13.71 25.19 -3.49
CA ASP C 185 -13.01 24.76 -2.25
C ASP C 185 -13.82 23.61 -1.66
N TRP C 186 -13.41 23.18 -0.46
CA TRP C 186 -14.06 22.09 0.30
C TRP C 186 -15.58 22.32 0.40
N GLU C 187 -16.06 23.56 0.57
CA GLU C 187 -17.48 23.89 0.85
C GLU C 187 -18.37 23.66 -0.43
N ASP C 188 -17.77 23.57 -1.63
CA ASP C 188 -18.48 24.03 -2.86
C ASP C 188 -19.01 22.81 -3.62
N SER C 189 -20.28 22.83 -4.03
CA SER C 189 -20.85 21.93 -5.08
C SER C 189 -20.31 22.30 -6.47
N LEU C 190 -20.38 21.39 -7.45
CA LEU C 190 -19.94 21.63 -8.84
C LEU C 190 -20.81 22.71 -9.50
N PRO C 191 -20.26 23.50 -10.45
CA PRO C 191 -21.09 24.38 -11.29
C PRO C 191 -22.17 23.51 -11.95
N ASP C 192 -23.44 23.91 -11.84
CA ASP C 192 -24.59 23.09 -12.33
C ASP C 192 -24.55 22.99 -13.87
N ARG C 193 -24.20 24.05 -14.59
CA ARG C 193 -24.13 24.05 -16.06
C ARG C 193 -23.06 23.04 -16.51
N ASP C 194 -21.81 23.16 -16.04
CA ASP C 194 -20.72 22.23 -16.45
C ASP C 194 -21.10 20.79 -16.09
N LEU C 195 -21.65 20.54 -14.90
CA LEU C 195 -21.99 19.15 -14.49
C LEU C 195 -23.12 18.61 -15.39
N ALA C 196 -24.13 19.42 -15.70
CA ALA C 196 -25.26 18.97 -16.57
C ALA C 196 -24.71 18.66 -17.95
N LEU C 197 -23.84 19.50 -18.51
CA LEU C 197 -23.23 19.23 -19.84
C LEU C 197 -22.41 17.94 -19.76
N ALA C 198 -21.61 17.77 -18.70
CA ALA C 198 -20.72 16.59 -18.57
C ALA C 198 -21.59 15.33 -18.45
N ASP C 199 -22.65 15.40 -17.67
CA ASP C 199 -23.57 14.24 -17.47
C ASP C 199 -24.25 13.89 -18.80
N GLU C 200 -24.78 14.87 -19.52
CA GLU C 200 -25.41 14.66 -20.85
C GLU C 200 -24.39 14.02 -21.79
N ALA C 201 -23.18 14.59 -21.90
CA ALA C 201 -22.15 14.06 -22.83
C ALA C 201 -21.83 12.62 -22.45
N SER C 202 -21.68 12.33 -21.16
CA SER C 202 -21.30 10.98 -20.67
C SER C 202 -22.43 9.98 -20.98
N ARG C 203 -23.68 10.35 -20.77
CA ARG C 203 -24.86 9.47 -21.03
C ARG C 203 -25.01 9.21 -22.53
N ASN C 204 -24.70 10.20 -23.39
CA ASN C 204 -24.83 10.14 -24.87
C ASN C 204 -23.64 9.38 -25.51
N ALA C 205 -22.51 9.27 -24.83
CA ALA C 205 -21.29 8.65 -25.37
C ALA C 205 -21.51 7.15 -25.60
N ASP C 206 -20.95 6.60 -26.67
CA ASP C 206 -20.80 5.12 -26.77
C ASP C 206 -19.41 4.73 -26.28
N LEU C 207 -18.50 5.69 -26.07
CA LEU C 207 -17.15 5.40 -25.53
C LEU C 207 -16.71 6.54 -24.60
N SER C 208 -16.40 6.22 -23.34
CA SER C 208 -15.79 7.15 -22.37
C SER C 208 -14.35 6.66 -22.11
N ILE C 209 -13.37 7.56 -22.25
CA ILE C 209 -11.93 7.26 -21.99
C ILE C 209 -11.47 8.16 -20.85
N THR C 210 -10.97 7.58 -19.76
CA THR C 210 -10.41 8.37 -18.63
C THR C 210 -8.88 8.36 -18.77
N LEU C 211 -8.27 9.52 -18.53
CA LEU C 211 -6.81 9.72 -18.64
C LEU C 211 -6.32 10.37 -17.37
N GLY C 212 -5.44 9.72 -16.62
CA GLY C 212 -4.73 10.37 -15.52
C GLY C 212 -5.68 10.90 -14.45
N THR C 213 -6.73 10.15 -14.15
CA THR C 213 -7.57 10.42 -12.96
C THR C 213 -7.76 9.11 -12.19
N SER C 214 -7.72 9.21 -10.86
CA SER C 214 -7.92 8.06 -9.95
C SER C 214 -9.43 7.83 -9.76
N LEU C 215 -10.28 8.77 -10.22
CA LEU C 215 -11.78 8.68 -10.21
C LEU C 215 -12.30 8.62 -8.76
N GLN C 216 -11.57 9.15 -7.79
CA GLN C 216 -11.89 9.02 -6.35
C GLN C 216 -12.83 10.13 -5.89
N ILE C 217 -12.98 11.21 -6.66
CA ILE C 217 -13.77 12.41 -6.23
C ILE C 217 -15.11 12.38 -6.96
N ARG C 218 -16.20 12.40 -6.18
CA ARG C 218 -17.59 12.38 -6.67
C ARG C 218 -18.05 13.82 -6.80
N PRO C 219 -18.97 14.15 -7.73
CA PRO C 219 -19.48 13.21 -8.72
C PRO C 219 -18.63 13.07 -10.00
N SER C 220 -17.57 13.85 -10.13
CA SER C 220 -16.68 13.90 -11.31
C SER C 220 -16.23 12.50 -11.72
N GLY C 221 -15.76 11.72 -10.75
CA GLY C 221 -15.19 10.38 -10.99
C GLY C 221 -16.23 9.36 -11.38
N ASN C 222 -17.52 9.64 -11.21
CA ASN C 222 -18.63 8.69 -11.52
C ASN C 222 -19.20 8.95 -12.90
N LEU C 223 -18.90 10.09 -13.52
CA LEU C 223 -19.49 10.46 -14.82
C LEU C 223 -19.18 9.39 -15.86
N PRO C 224 -17.95 8.82 -15.94
CA PRO C 224 -17.67 7.82 -16.97
C PRO C 224 -18.59 6.59 -16.86
N LEU C 225 -19.07 6.29 -15.65
CA LEU C 225 -20.01 5.16 -15.41
C LEU C 225 -21.36 5.43 -16.10
N ALA C 226 -21.77 6.70 -16.26
CA ALA C 226 -23.03 7.03 -16.96
C ALA C 226 -22.99 6.43 -18.37
N THR C 227 -21.82 6.43 -19.01
CA THR C 227 -21.63 5.82 -20.35
C THR C 227 -21.92 4.31 -20.28
N LYS C 228 -21.38 3.65 -19.26
CA LYS C 228 -21.52 2.17 -19.05
C LYS C 228 -22.99 1.84 -18.81
N ARG C 229 -23.64 2.58 -17.91
CA ARG C 229 -25.04 2.34 -17.52
C ARG C 229 -25.94 2.34 -18.77
N ARG C 230 -25.58 3.07 -19.82
CA ARG C 230 -26.42 3.15 -21.06
C ARG C 230 -25.91 2.19 -22.15
N GLY C 231 -24.97 1.28 -21.84
CA GLY C 231 -24.50 0.27 -22.80
C GLY C 231 -23.24 0.68 -23.57
N GLY C 232 -22.70 1.87 -23.31
CA GLY C 232 -21.43 2.32 -23.90
C GLY C 232 -20.24 1.62 -23.27
N ARG C 233 -19.05 1.80 -23.83
CA ARG C 233 -17.82 1.16 -23.31
C ARG C 233 -16.99 2.18 -22.52
N LEU C 234 -16.12 1.68 -21.64
CA LEU C 234 -15.28 2.49 -20.73
C LEU C 234 -13.84 2.02 -20.85
N VAL C 235 -12.94 2.95 -21.13
CA VAL C 235 -11.48 2.73 -21.13
C VAL C 235 -10.89 3.58 -19.99
N ILE C 236 -10.05 2.97 -19.18
CA ILE C 236 -9.34 3.68 -18.10
C ILE C 236 -7.85 3.60 -18.42
N VAL C 237 -7.20 4.77 -18.51
CA VAL C 237 -5.73 4.86 -18.69
C VAL C 237 -5.20 5.53 -17.44
N ASN C 238 -4.36 4.84 -16.69
CA ASN C 238 -3.86 5.37 -15.40
C ASN C 238 -2.70 4.49 -14.91
N LEU C 239 -1.69 5.08 -14.28
CA LEU C 239 -0.56 4.29 -13.70
C LEU C 239 -1.03 3.58 -12.42
N GLN C 240 -1.77 4.29 -11.57
CA GLN C 240 -2.31 3.67 -10.34
C GLN C 240 -3.65 3.00 -10.64
N PRO C 241 -4.10 2.09 -9.74
CA PRO C 241 -5.49 1.66 -9.72
C PRO C 241 -6.40 2.88 -9.66
N THR C 242 -7.64 2.73 -10.09
CA THR C 242 -8.70 3.75 -9.95
C THR C 242 -9.89 3.13 -9.22
N LYS C 243 -10.77 3.97 -8.70
CA LYS C 243 -12.00 3.53 -8.00
C LYS C 243 -12.81 2.60 -8.88
N HIS C 244 -12.85 2.80 -10.21
CA HIS C 244 -13.83 2.12 -11.10
C HIS C 244 -13.17 1.12 -12.01
N ASP C 245 -11.98 0.62 -11.66
CA ASP C 245 -11.27 -0.39 -12.46
C ASP C 245 -12.21 -1.55 -12.82
N ARG C 246 -13.08 -1.99 -11.92
CA ARG C 246 -13.92 -3.19 -12.19
C ARG C 246 -14.85 -2.94 -13.39
N HIS C 247 -15.19 -1.69 -13.71
CA HIS C 247 -16.16 -1.38 -14.80
C HIS C 247 -15.50 -1.19 -16.15
N ALA C 248 -14.17 -1.15 -16.24
CA ALA C 248 -13.46 -0.82 -17.50
C ALA C 248 -13.55 -2.00 -18.49
N ASP C 249 -13.87 -1.72 -19.74
CA ASP C 249 -13.83 -2.70 -20.85
C ASP C 249 -12.39 -2.87 -21.29
N LEU C 250 -11.59 -1.83 -21.10
CA LEU C 250 -10.16 -1.85 -21.47
C LEU C 250 -9.43 -1.03 -20.42
N ARG C 251 -8.39 -1.62 -19.82
CA ARG C 251 -7.63 -0.97 -18.74
C ARG C 251 -6.19 -0.89 -19.20
N ILE C 252 -5.66 0.33 -19.29
CA ILE C 252 -4.26 0.54 -19.73
C ILE C 252 -3.49 1.12 -18.53
N HIS C 253 -2.42 0.44 -18.15
CA HIS C 253 -1.48 0.87 -17.11
C HIS C 253 -0.21 1.41 -17.78
N GLY C 254 -0.13 2.71 -17.96
CA GLY C 254 1.01 3.28 -18.71
C GLY C 254 1.01 4.77 -18.64
N TYR C 255 2.11 5.39 -19.04
CA TYR C 255 2.23 6.87 -19.14
C TYR C 255 1.27 7.32 -20.23
N VAL C 256 0.40 8.26 -19.89
CA VAL C 256 -0.64 8.75 -20.81
C VAL C 256 0.02 9.32 -22.08
N ASP C 257 1.18 9.99 -21.99
CA ASP C 257 1.80 10.54 -23.22
C ASP C 257 2.24 9.40 -24.14
N GLU C 258 2.74 8.30 -23.59
CA GLU C 258 3.17 7.15 -24.41
C GLU C 258 1.94 6.54 -25.07
N VAL C 259 0.86 6.37 -24.32
CA VAL C 259 -0.40 5.80 -24.85
C VAL C 259 -0.93 6.70 -25.95
N MET C 260 -1.02 8.00 -25.70
CA MET C 260 -1.70 8.92 -26.65
C MET C 260 -0.83 9.11 -27.88
N THR C 261 0.51 9.15 -27.77
CA THR C 261 1.37 9.28 -29.01
C THR C 261 1.27 8.02 -29.85
N ARG C 262 1.24 6.83 -29.25
CA ARG C 262 1.08 5.57 -29.99
C ARG C 262 -0.32 5.54 -30.63
N LEU C 263 -1.35 5.96 -29.91
CA LEU C 263 -2.73 6.02 -30.47
C LEU C 263 -2.75 6.91 -31.70
N MET C 264 -2.17 8.10 -31.60
CA MET C 264 -2.21 9.08 -32.72
C MET C 264 -1.47 8.47 -33.93
N LYS C 265 -0.38 7.74 -33.72
CA LYS C 265 0.33 7.05 -34.83
C LYS C 265 -0.59 6.02 -35.48
N HIS C 266 -1.27 5.19 -34.72
CA HIS C 266 -2.26 4.21 -35.29
C HIS C 266 -3.33 4.96 -36.08
N LEU C 267 -3.84 6.08 -35.56
CA LEU C 267 -4.93 6.83 -36.25
C LEU C 267 -4.40 7.60 -37.46
N GLY C 268 -3.08 7.69 -37.65
CA GLY C 268 -2.46 8.42 -38.76
C GLY C 268 -2.55 9.91 -38.57
N LEU C 269 -2.59 10.39 -37.32
CA LEU C 269 -2.80 11.81 -37.00
C LEU C 269 -1.52 12.40 -36.40
N GLU C 270 -1.19 13.64 -36.76
CA GLU C 270 -0.03 14.36 -36.19
C GLU C 270 -0.51 15.03 -34.91
N ILE C 271 0.35 15.18 -33.92
CA ILE C 271 0.07 16.03 -32.75
C ILE C 271 0.44 17.46 -33.13
N PRO C 272 -0.50 18.40 -33.12
CA PRO C 272 -0.24 19.75 -33.62
C PRO C 272 0.68 20.55 -32.69
N ALA C 273 1.35 21.53 -33.30
CA ALA C 273 2.25 22.50 -32.66
C ALA C 273 1.42 23.36 -31.70
N TRP C 274 1.97 23.72 -30.56
CA TRP C 274 1.34 24.71 -29.68
C TRP C 274 2.03 26.05 -29.94
N ASP C 275 1.31 27.07 -30.40
CA ASP C 275 1.98 28.40 -30.65
C ASP C 275 2.22 29.14 -29.32
N GLY C 276 1.45 28.80 -28.30
CA GLY C 276 1.40 29.57 -27.04
C GLY C 276 -0.05 29.72 -26.63
N PRO C 277 -0.33 30.36 -25.49
CA PRO C 277 -1.69 30.39 -24.95
C PRO C 277 -2.68 31.04 -25.92
N ARG C 278 -3.77 30.34 -26.21
CA ARG C 278 -4.83 30.80 -27.13
C ARG C 278 -6.16 30.28 -26.61
N VAL C 279 -7.20 31.09 -26.69
CA VAL C 279 -8.57 30.75 -26.22
C VAL C 279 -9.46 30.60 -27.44
N LEU C 280 -10.13 29.47 -27.56
CA LEU C 280 -11.11 29.21 -28.63
C LEU C 280 -12.45 28.97 -27.99
N GLU C 281 -13.43 29.85 -28.20
CA GLU C 281 -14.76 29.74 -27.57
C GLU C 281 -15.54 28.60 -28.20
N ARG C 282 -15.52 28.46 -29.54
CA ARG C 282 -16.42 27.54 -30.26
C ARG C 282 -15.62 26.65 -31.21
N ALA C 283 -15.96 25.37 -31.20
CA ALA C 283 -15.36 24.32 -32.07
C ALA C 283 -15.55 24.72 -33.53
N LEU C 284 -14.51 24.56 -34.34
CA LEU C 284 -14.52 24.80 -35.82
C LEU C 284 -15.04 23.56 -36.54
N PRO C 285 -15.45 23.68 -37.80
CA PRO C 285 -15.97 22.49 -38.50
C PRO C 285 -14.85 21.44 -38.58
N PRO C 286 -15.20 20.16 -38.55
CA PRO C 286 -14.20 19.10 -38.50
C PRO C 286 -13.31 19.00 -39.75
N LEU C 287 -12.03 18.74 -39.51
CA LEU C 287 -11.00 18.58 -40.55
C LEU C 287 -11.07 17.17 -41.13
N PRO C 288 -10.45 16.95 -42.30
CA PRO C 288 -10.34 15.60 -42.88
C PRO C 288 -9.53 14.68 -41.96
N ARG C 289 -9.79 13.38 -42.00
CA ARG C 289 -8.96 12.39 -41.26
C ARG C 289 -8.75 11.14 -42.13
N PRO C 290 -7.71 10.36 -41.84
CA PRO C 290 -7.40 9.19 -42.64
C PRO C 290 -8.58 8.23 -42.68
N PRO C 291 -8.72 7.46 -43.77
CA PRO C 291 -9.77 6.46 -43.83
C PRO C 291 -9.45 5.35 -42.81
N THR C 292 -10.48 4.63 -42.42
CA THR C 292 -10.49 3.65 -41.32
C THR C 292 -10.01 2.30 -41.83
N PRO C 293 -9.22 1.55 -41.04
CA PRO C 293 -8.80 0.19 -41.42
C PRO C 293 -10.00 -0.76 -41.40
N LYS C 294 -9.86 -1.87 -42.13
CA LYS C 294 -10.75 -3.05 -42.03
C LYS C 294 -10.39 -3.78 -40.72
N LEU C 295 -11.29 -3.74 -39.74
CA LEU C 295 -11.03 -4.22 -38.35
C LEU C 295 -11.79 -5.54 -38.11
N TYR D 10 -28.29 -9.84 22.37
CA TYR D 10 -28.23 -9.31 20.99
C TYR D 10 -29.05 -8.01 20.92
N ALA D 11 -29.12 -7.34 19.76
CA ALA D 11 -29.46 -5.90 19.62
C ALA D 11 -29.35 -5.48 18.15
N ASP D 12 -30.03 -4.42 17.71
CA ASP D 12 -29.76 -3.72 16.42
C ASP D 12 -28.57 -2.76 16.63
N LYS D 13 -27.52 -2.91 15.82
CA LYS D 13 -26.22 -2.22 16.00
C LYS D 13 -26.17 -0.98 15.09
N GLY D 14 -27.15 -0.73 14.23
CA GLY D 14 -27.21 0.45 13.33
C GLY D 14 -26.05 0.50 12.33
N LYS D 15 -25.67 1.70 11.87
CA LYS D 15 -24.62 1.91 10.85
C LYS D 15 -23.25 2.04 11.54
N CYS D 16 -22.37 1.09 11.27
CA CYS D 16 -21.02 0.96 11.87
C CYS D 16 -19.96 1.35 10.85
N GLY D 17 -18.92 2.07 11.27
CA GLY D 17 -17.71 2.30 10.47
C GLY D 17 -17.94 3.29 9.34
N LEU D 18 -18.90 4.20 9.46
CA LEU D 18 -19.01 5.32 8.49
C LEU D 18 -17.69 6.07 8.49
N PRO D 19 -17.29 6.65 7.35
CA PRO D 19 -16.06 7.43 7.28
C PRO D 19 -16.14 8.67 8.18
N GLU D 20 -14.99 9.04 8.73
CA GLU D 20 -14.82 10.24 9.58
C GLU D 20 -14.75 11.48 8.69
N ILE D 21 -15.22 12.60 9.19
CA ILE D 21 -15.10 13.94 8.54
C ILE D 21 -14.27 14.81 9.49
N PHE D 22 -13.33 15.57 8.94
CA PHE D 22 -12.54 16.61 9.62
C PHE D 22 -12.78 17.93 8.90
N ASP D 23 -13.41 18.86 9.61
CA ASP D 23 -13.46 20.26 9.19
C ASP D 23 -12.03 20.75 8.98
N PRO D 24 -11.75 21.48 7.89
CA PRO D 24 -10.47 22.17 7.74
C PRO D 24 -10.23 23.11 8.90
N PRO D 25 -8.96 23.37 9.31
CA PRO D 25 -8.67 24.17 10.49
C PRO D 25 -9.35 25.54 10.57
N GLU D 26 -9.36 26.32 9.48
CA GLU D 26 -9.98 27.68 9.48
C GLU D 26 -11.47 27.53 9.74
N GLU D 27 -12.10 26.52 9.15
CA GLU D 27 -13.57 26.30 9.29
C GLU D 27 -13.84 25.81 10.72
N LEU D 28 -13.00 24.91 11.25
CA LEU D 28 -13.14 24.41 12.65
C LEU D 28 -13.07 25.61 13.60
N GLU D 29 -12.10 26.50 13.40
CA GLU D 29 -11.92 27.68 14.29
C GLU D 29 -13.18 28.56 14.23
N ARG D 30 -13.72 28.79 13.03
CA ARG D 30 -14.93 29.62 12.83
C ARG D 30 -16.09 28.97 13.57
N LYS D 31 -16.25 27.67 13.47
CA LYS D 31 -17.42 26.95 14.07
C LYS D 31 -17.33 26.97 15.60
N VAL D 32 -16.12 26.85 16.16
CA VAL D 32 -16.00 26.88 17.64
C VAL D 32 -16.29 28.30 18.15
N TRP D 33 -15.89 29.34 17.41
CA TRP D 33 -16.30 30.73 17.73
C TRP D 33 -17.84 30.84 17.70
N GLU D 34 -18.48 30.24 16.71
CA GLU D 34 -19.96 30.26 16.59
C GLU D 34 -20.57 29.50 17.77
N LEU D 35 -19.96 28.39 18.19
CA LEU D 35 -20.45 27.64 19.37
C LEU D 35 -20.36 28.54 20.61
N ALA D 36 -19.24 29.23 20.81
CA ALA D 36 -19.11 30.18 21.95
C ALA D 36 -20.25 31.22 21.88
N ARG D 37 -20.53 31.79 20.71
CA ARG D 37 -21.64 32.77 20.55
C ARG D 37 -22.95 32.14 21.02
N LEU D 38 -23.25 30.91 20.63
CA LEU D 38 -24.53 30.26 21.01
C LEU D 38 -24.58 30.01 22.51
N VAL D 39 -23.46 29.64 23.13
CA VAL D 39 -23.41 29.41 24.59
C VAL D 39 -23.68 30.75 25.30
N TRP D 40 -23.03 31.83 24.86
CA TRP D 40 -23.18 33.17 25.51
C TRP D 40 -24.64 33.65 25.42
N GLN D 41 -25.31 33.34 24.32
CA GLN D 41 -26.68 33.87 24.02
C GLN D 41 -27.78 32.97 24.58
N SER D 42 -27.47 31.77 25.04
CA SER D 42 -28.49 30.80 25.50
C SER D 42 -28.64 30.86 27.03
N SER D 43 -29.88 30.70 27.51
CA SER D 43 -30.26 30.70 28.95
C SER D 43 -30.14 29.30 29.56
N SER D 44 -30.49 28.25 28.82
CA SER D 44 -30.58 26.85 29.31
C SER D 44 -29.87 25.92 28.32
N VAL D 45 -28.63 25.54 28.66
CA VAL D 45 -27.75 24.73 27.78
C VAL D 45 -27.71 23.29 28.32
N VAL D 46 -28.03 22.33 27.46
CA VAL D 46 -27.99 20.88 27.82
C VAL D 46 -26.97 20.19 26.91
N PHE D 47 -26.06 19.44 27.50
CA PHE D 47 -25.06 18.63 26.78
C PHE D 47 -25.53 17.18 26.79
N HIS D 48 -25.27 16.51 25.68
CA HIS D 48 -25.59 15.09 25.43
C HIS D 48 -24.30 14.39 25.05
N THR D 49 -23.85 13.40 25.84
CA THR D 49 -22.54 12.77 25.59
C THR D 49 -22.73 11.29 25.27
N GLY D 50 -21.87 10.79 24.39
CA GLY D 50 -21.73 9.36 24.09
C GLY D 50 -20.29 8.95 24.11
N ALA D 51 -20.02 7.78 23.57
CA ALA D 51 -18.76 7.04 23.80
C ALA D 51 -17.58 7.80 23.21
N GLY D 52 -17.81 8.70 22.25
CA GLY D 52 -16.71 9.43 21.61
C GLY D 52 -15.97 10.38 22.57
N ILE D 53 -16.57 10.75 23.71
CA ILE D 53 -15.88 11.64 24.68
C ILE D 53 -14.93 10.82 25.58
N SER D 54 -14.91 9.48 25.47
CA SER D 54 -14.01 8.64 26.30
C SER D 54 -12.98 7.89 25.46
N THR D 55 -13.00 8.05 24.14
CA THR D 55 -11.99 7.37 23.27
C THR D 55 -10.59 7.90 23.58
N ALA D 56 -10.43 9.20 23.88
CA ALA D 56 -9.12 9.80 24.21
C ALA D 56 -8.64 9.37 25.62
N SER D 57 -9.43 8.62 26.40
CA SER D 57 -8.98 8.00 27.67
C SER D 57 -8.76 6.47 27.52
N GLY D 58 -8.82 5.95 26.28
CA GLY D 58 -8.47 4.54 25.98
C GLY D 58 -9.68 3.59 25.93
N ILE D 59 -10.90 4.12 25.95
CA ILE D 59 -12.13 3.30 25.92
C ILE D 59 -12.70 3.38 24.52
N PRO D 60 -12.86 2.25 23.80
CA PRO D 60 -13.32 2.31 22.41
C PRO D 60 -14.81 2.70 22.35
N ASP D 61 -15.24 3.29 21.24
CA ASP D 61 -16.66 3.57 20.99
C ASP D 61 -17.32 2.32 20.36
N PHE D 62 -18.56 2.45 19.91
CA PHE D 62 -19.35 1.32 19.36
C PHE D 62 -19.28 1.30 17.82
N ARG D 63 -19.34 2.47 17.17
CA ARG D 63 -19.59 2.54 15.71
C ARG D 63 -18.49 3.30 14.98
N GLY D 64 -17.44 3.75 15.67
CA GLY D 64 -16.30 4.38 15.00
C GLY D 64 -15.56 3.35 14.15
N PRO D 65 -14.52 3.78 13.41
CA PRO D 65 -13.72 2.86 12.60
C PRO D 65 -13.23 1.62 13.37
N HIS D 66 -12.87 1.74 14.65
CA HIS D 66 -12.42 0.59 15.47
C HIS D 66 -13.38 0.40 16.63
N GLY D 67 -14.65 0.79 16.45
CA GLY D 67 -15.70 0.62 17.48
C GLY D 67 -15.97 -0.84 17.76
N VAL D 68 -16.59 -1.13 18.89
CA VAL D 68 -17.00 -2.51 19.29
C VAL D 68 -17.71 -3.19 18.12
N TRP D 69 -18.78 -2.61 17.59
CA TRP D 69 -19.62 -3.28 16.55
C TRP D 69 -18.87 -3.30 15.21
N THR D 70 -18.15 -2.24 14.85
CA THR D 70 -17.38 -2.17 13.59
C THR D 70 -16.38 -3.33 13.58
N MET D 71 -15.68 -3.55 14.70
CA MET D 71 -14.65 -4.62 14.75
C MET D 71 -15.33 -6.00 14.76
N GLU D 72 -16.44 -6.14 15.48
CA GLU D 72 -17.20 -7.42 15.56
C GLU D 72 -17.62 -7.84 14.14
N GLU D 73 -18.09 -6.92 13.32
CA GLU D 73 -18.47 -7.18 11.89
C GLU D 73 -17.31 -7.83 11.14
N ARG D 74 -16.06 -7.53 11.49
CA ARG D 74 -14.86 -8.03 10.80
C ARG D 74 -14.33 -9.29 11.48
N GLY D 75 -14.98 -9.75 12.55
CA GLY D 75 -14.51 -10.87 13.39
C GLY D 75 -13.29 -10.49 14.19
N LEU D 76 -13.17 -9.21 14.54
CA LEU D 76 -12.08 -8.68 15.41
C LEU D 76 -12.67 -8.16 16.72
N ALA D 77 -11.81 -7.80 17.65
CA ALA D 77 -12.21 -7.33 18.98
C ALA D 77 -11.96 -5.83 19.07
N PRO D 78 -12.76 -5.08 19.86
CA PRO D 78 -12.40 -3.70 20.18
C PRO D 78 -11.16 -3.78 21.08
N LYS D 79 -10.39 -2.70 21.14
CA LYS D 79 -9.21 -2.64 22.04
C LYS D 79 -9.47 -1.59 23.13
N PHE D 80 -9.27 -1.97 24.38
CA PHE D 80 -9.16 -1.06 25.56
C PHE D 80 -7.69 -0.79 25.83
N ASP D 81 -7.33 0.47 26.11
CA ASP D 81 -5.96 0.86 26.52
C ASP D 81 -5.95 1.14 28.02
N THR D 82 -7.03 0.82 28.72
CA THR D 82 -7.18 1.03 30.18
C THR D 82 -8.25 0.09 30.69
N THR D 83 -8.40 -0.03 32.01
CA THR D 83 -9.62 -0.61 32.63
C THR D 83 -10.59 0.52 32.91
N PHE D 84 -11.86 0.21 33.14
CA PHE D 84 -12.84 1.23 33.60
C PHE D 84 -12.32 1.87 34.90
N GLU D 85 -11.74 1.07 35.81
CA GLU D 85 -11.26 1.56 37.13
C GLU D 85 -10.06 2.49 36.98
N SER D 86 -9.16 2.22 36.04
CA SER D 86 -7.91 2.99 35.88
C SER D 86 -8.10 4.18 34.92
N ALA D 87 -9.20 4.25 34.19
CA ALA D 87 -9.45 5.34 33.22
C ALA D 87 -9.54 6.67 33.97
N ARG D 88 -9.04 7.74 33.37
CA ARG D 88 -9.16 9.11 33.90
C ARG D 88 -10.10 9.87 32.99
N PRO D 89 -10.80 10.89 33.54
CA PRO D 89 -11.63 11.79 32.73
C PRO D 89 -10.78 12.52 31.69
N THR D 90 -11.34 12.71 30.50
CA THR D 90 -10.73 13.50 29.42
C THR D 90 -10.82 15.01 29.74
N GLN D 91 -10.12 15.81 28.94
CA GLN D 91 -10.27 17.28 28.94
C GLN D 91 -11.75 17.66 28.75
N THR D 92 -12.47 16.92 27.92
CA THR D 92 -13.92 17.16 27.67
C THR D 92 -14.69 16.93 28.97
N HIS D 93 -14.45 15.83 29.66
CA HIS D 93 -15.13 15.52 30.94
C HIS D 93 -14.92 16.69 31.90
N MET D 94 -13.68 17.14 32.05
CA MET D 94 -13.34 18.19 33.06
C MET D 94 -13.86 19.57 32.60
N ALA D 95 -13.93 19.82 31.29
CA ALA D 95 -14.56 21.06 30.77
C ALA D 95 -16.04 21.10 31.16
N LEU D 96 -16.73 19.97 31.06
CA LEU D 96 -18.17 19.91 31.41
C LEU D 96 -18.34 20.16 32.93
N VAL D 97 -17.42 19.67 33.74
CA VAL D 97 -17.47 19.94 35.21
C VAL D 97 -17.44 21.47 35.41
N GLN D 98 -16.52 22.16 34.74
CA GLN D 98 -16.34 23.62 34.92
C GLN D 98 -17.56 24.37 34.39
N LEU D 99 -18.10 23.96 33.23
CA LEU D 99 -19.28 24.66 32.66
C LEU D 99 -20.44 24.57 33.65
N GLU D 100 -20.64 23.42 34.30
CA GLU D 100 -21.70 23.27 35.33
C GLU D 100 -21.38 24.20 36.51
N ARG D 101 -20.13 24.25 36.95
CA ARG D 101 -19.76 25.01 38.18
C ARG D 101 -20.06 26.50 37.99
N VAL D 102 -19.89 27.04 36.76
CA VAL D 102 -20.06 28.49 36.52
C VAL D 102 -21.48 28.76 35.97
N GLY D 103 -22.34 27.75 35.88
CA GLY D 103 -23.76 27.92 35.52
C GLY D 103 -24.00 28.03 34.03
N LEU D 104 -23.05 27.62 33.19
CA LEU D 104 -23.25 27.67 31.72
C LEU D 104 -23.81 26.35 31.18
N LEU D 105 -23.87 25.31 32.00
CA LEU D 105 -24.46 24.00 31.67
C LEU D 105 -25.60 23.78 32.65
N ARG D 106 -26.81 23.55 32.16
CA ARG D 106 -28.01 23.35 33.03
C ARG D 106 -28.12 21.85 33.36
N PHE D 107 -27.84 20.98 32.40
CA PHE D 107 -28.04 19.52 32.58
C PHE D 107 -27.13 18.78 31.61
N LEU D 108 -26.81 17.54 31.99
CA LEU D 108 -25.97 16.64 31.18
C LEU D 108 -26.66 15.28 31.06
N VAL D 109 -26.90 14.88 29.81
CA VAL D 109 -27.49 13.56 29.47
C VAL D 109 -26.40 12.69 28.84
N SER D 110 -26.10 11.54 29.42
CA SER D 110 -25.05 10.66 28.88
C SER D 110 -25.61 9.26 28.60
N GLN D 111 -25.16 8.69 27.52
CA GLN D 111 -25.39 7.27 27.16
C GLN D 111 -24.26 6.40 27.70
N ASN D 112 -23.22 6.98 28.30
CA ASN D 112 -21.98 6.26 28.66
C ASN D 112 -22.17 5.48 29.96
N VAL D 113 -21.73 4.22 29.99
CA VAL D 113 -21.75 3.40 31.24
C VAL D 113 -20.36 3.44 31.91
N ASP D 114 -19.39 4.16 31.35
CA ASP D 114 -17.98 4.16 31.80
C ASP D 114 -17.79 4.79 33.21
N GLY D 115 -18.80 5.45 33.78
CA GLY D 115 -18.73 6.01 35.13
C GLY D 115 -17.86 7.26 35.24
N LEU D 116 -17.37 7.82 34.14
CA LEU D 116 -16.36 8.91 34.19
C LEU D 116 -17.01 10.26 34.55
N HIS D 117 -18.25 10.54 34.13
CA HIS D 117 -18.90 11.80 34.53
C HIS D 117 -18.97 11.85 36.07
N VAL D 118 -19.50 10.80 36.70
CA VAL D 118 -19.61 10.76 38.18
C VAL D 118 -18.20 10.88 38.76
N ARG D 119 -17.26 10.11 38.25
CA ARG D 119 -15.91 10.04 38.89
C ARG D 119 -15.16 11.36 38.69
N SER D 120 -15.49 12.13 37.65
CA SER D 120 -14.95 13.49 37.39
C SER D 120 -15.39 14.50 38.45
N GLY D 121 -16.40 14.19 39.27
CA GLY D 121 -16.96 15.07 40.32
C GLY D 121 -18.13 15.89 39.80
N PHE D 122 -18.69 15.49 38.66
CA PHE D 122 -19.87 16.15 38.05
C PHE D 122 -21.07 15.85 38.95
N PRO D 123 -21.90 16.85 39.32
CA PRO D 123 -22.97 16.62 40.29
C PRO D 123 -24.07 15.69 39.75
N ARG D 124 -24.41 14.67 40.52
CA ARG D 124 -25.35 13.60 40.09
C ARG D 124 -26.74 14.18 39.88
N ASP D 125 -27.11 15.26 40.58
CA ASP D 125 -28.48 15.82 40.44
C ASP D 125 -28.56 16.64 39.14
N LYS D 126 -27.48 16.81 38.38
CA LYS D 126 -27.57 17.44 37.04
C LYS D 126 -27.16 16.45 35.94
N LEU D 127 -27.19 15.16 36.24
CA LEU D 127 -26.73 14.11 35.31
C LEU D 127 -27.83 13.05 35.13
N ALA D 128 -28.15 12.71 33.89
CA ALA D 128 -28.94 11.49 33.57
C ALA D 128 -28.01 10.49 32.91
N GLU D 129 -27.87 9.31 33.50
CA GLU D 129 -27.10 8.18 32.95
C GLU D 129 -28.10 7.20 32.35
N LEU D 130 -28.52 7.46 31.12
CA LEU D 130 -29.68 6.79 30.50
C LEU D 130 -29.42 5.28 30.30
N HIS D 131 -28.16 4.83 30.17
CA HIS D 131 -27.86 3.41 29.88
C HIS D 131 -27.23 2.72 31.10
N GLY D 132 -27.10 3.43 32.21
CA GLY D 132 -26.51 2.89 33.45
C GLY D 132 -25.09 3.36 33.66
N ASN D 133 -24.48 2.84 34.73
CA ASN D 133 -23.13 3.22 35.21
C ASN D 133 -22.53 1.95 35.78
N MET D 134 -21.41 1.50 35.23
CA MET D 134 -20.73 0.22 35.58
C MET D 134 -20.45 0.20 37.10
N PHE D 135 -20.32 1.36 37.75
CA PHE D 135 -19.91 1.49 39.17
C PHE D 135 -21.11 1.59 40.10
N VAL D 136 -22.33 1.66 39.57
CA VAL D 136 -23.54 1.94 40.40
C VAL D 136 -24.41 0.68 40.50
N GLU D 137 -24.76 0.29 41.73
CA GLU D 137 -25.79 -0.76 41.96
C GLU D 137 -26.95 -0.13 42.72
N GLU D 138 -28.12 -0.74 42.59
CA GLU D 138 -29.39 -0.18 43.08
C GLU D 138 -30.16 -1.28 43.82
N CYS D 139 -30.72 -0.94 44.98
CA CYS D 139 -31.54 -1.86 45.80
C CYS D 139 -32.89 -2.08 45.08
N ALA D 140 -33.21 -3.33 44.77
CA ALA D 140 -34.49 -3.71 44.11
C ALA D 140 -35.68 -3.32 45.00
N LYS D 141 -35.51 -3.30 46.34
CA LYS D 141 -36.61 -3.00 47.31
C LYS D 141 -36.79 -1.48 47.48
N CYS D 142 -35.78 -0.72 47.93
CA CYS D 142 -35.92 0.71 48.34
C CYS D 142 -35.41 1.68 47.24
N LYS D 143 -34.74 1.19 46.20
CA LYS D 143 -34.22 2.00 45.06
C LYS D 143 -33.00 2.84 45.47
N THR D 144 -32.45 2.68 46.67
CA THR D 144 -31.19 3.36 47.08
C THR D 144 -30.08 2.93 46.10
N GLN D 145 -29.30 3.88 45.60
CA GLN D 145 -28.14 3.62 44.71
C GLN D 145 -26.84 3.69 45.51
N TYR D 146 -25.86 2.88 45.14
CA TYR D 146 -24.50 2.85 45.74
C TYR D 146 -23.52 3.09 44.60
N VAL D 147 -22.70 4.12 44.73
CA VAL D 147 -21.61 4.39 43.77
C VAL D 147 -20.35 3.74 44.34
N ARG D 148 -19.89 2.63 43.74
CA ARG D 148 -18.71 1.89 44.21
C ARG D 148 -17.43 2.41 43.57
N ASP D 149 -16.31 2.07 44.19
CA ASP D 149 -14.97 2.45 43.72
C ASP D 149 -14.49 1.48 42.64
N THR D 150 -15.21 0.38 42.41
CA THR D 150 -14.84 -0.64 41.38
C THR D 150 -16.12 -1.00 40.62
N VAL D 151 -15.97 -1.56 39.42
CA VAL D 151 -17.15 -1.92 38.61
C VAL D 151 -17.91 -2.99 39.36
N VAL D 152 -19.23 -2.88 39.37
CA VAL D 152 -20.11 -3.91 39.93
C VAL D 152 -20.09 -5.00 38.84
N GLY D 153 -19.82 -6.24 39.21
CA GLY D 153 -19.36 -7.26 38.27
C GLY D 153 -20.48 -7.89 37.46
N THR D 154 -21.69 -7.33 37.38
CA THR D 154 -22.79 -7.88 36.57
C THR D 154 -23.32 -6.81 35.60
N MET D 155 -24.09 -7.24 34.60
CA MET D 155 -24.78 -6.38 33.61
C MET D 155 -26.16 -6.98 33.34
N GLY D 156 -27.12 -6.18 32.89
CA GLY D 156 -28.48 -6.64 32.57
C GLY D 156 -29.38 -6.61 33.80
N LEU D 157 -29.06 -5.77 34.79
CA LEU D 157 -29.90 -5.53 36.00
C LEU D 157 -30.03 -6.84 36.80
N LYS D 158 -28.92 -7.54 36.97
CA LYS D 158 -28.83 -8.82 37.74
C LYS D 158 -28.40 -8.52 39.18
N ALA D 159 -28.66 -9.47 40.09
CA ALA D 159 -28.18 -9.45 41.48
C ALA D 159 -26.65 -9.43 41.47
N THR D 160 -26.01 -8.54 42.24
CA THR D 160 -24.53 -8.43 42.31
C THR D 160 -23.99 -9.37 43.38
N GLY D 161 -24.85 -9.80 44.31
CA GLY D 161 -24.45 -10.65 45.45
C GLY D 161 -24.32 -9.85 46.73
N ARG D 162 -24.43 -8.51 46.66
CA ARG D 162 -24.44 -7.65 47.87
C ARG D 162 -25.88 -7.32 48.22
N LEU D 163 -26.12 -6.98 49.47
CA LEU D 163 -27.46 -6.63 50.00
C LEU D 163 -27.43 -5.18 50.48
N CYS D 164 -28.59 -4.55 50.47
CA CYS D 164 -28.79 -3.14 50.88
C CYS D 164 -28.47 -2.99 52.36
N THR D 165 -27.84 -1.88 52.73
CA THR D 165 -27.32 -1.63 54.10
C THR D 165 -28.00 -0.40 54.69
N VAL D 166 -29.08 0.12 54.09
CA VAL D 166 -29.81 1.31 54.65
C VAL D 166 -30.56 0.83 55.90
N ALA D 167 -30.49 1.59 57.00
CA ALA D 167 -31.25 1.33 58.24
C ALA D 167 -32.54 2.17 58.18
N CYS D 175 -32.56 -2.76 55.57
CA CYS D 175 -33.39 -3.06 54.37
C CYS D 175 -33.11 -4.49 53.85
N ARG D 176 -31.85 -4.81 53.61
CA ARG D 176 -31.38 -6.12 53.12
C ARG D 176 -31.93 -6.44 51.71
N GLY D 177 -32.53 -5.48 51.01
CA GLY D 177 -32.92 -5.64 49.59
C GLY D 177 -31.76 -6.12 48.72
N GLU D 178 -32.09 -6.80 47.61
CA GLU D 178 -31.10 -7.33 46.64
C GLU D 178 -30.53 -6.15 45.83
N LEU D 179 -29.20 -5.97 45.84
CA LEU D 179 -28.56 -4.93 45.00
C LEU D 179 -28.41 -5.50 43.61
N ARG D 180 -28.71 -4.69 42.60
CA ARG D 180 -28.59 -5.09 41.18
C ARG D 180 -27.79 -4.02 40.43
N ASP D 181 -27.10 -4.43 39.38
CA ASP D 181 -26.38 -3.49 38.50
C ASP D 181 -27.43 -2.60 37.80
N THR D 182 -26.98 -1.51 37.18
CA THR D 182 -27.88 -0.55 36.48
C THR D 182 -27.58 -0.58 34.99
N ILE D 183 -26.84 -1.58 34.50
CA ILE D 183 -26.47 -1.68 33.05
C ILE D 183 -27.64 -2.33 32.29
N LEU D 184 -28.35 -1.52 31.50
CA LEU D 184 -29.43 -2.00 30.60
C LEU D 184 -28.83 -3.02 29.63
N ASP D 185 -29.53 -4.15 29.38
CA ASP D 185 -29.29 -4.99 28.18
C ASP D 185 -30.27 -4.49 27.10
N TRP D 186 -30.18 -5.00 25.88
CA TRP D 186 -30.95 -4.46 24.72
C TRP D 186 -32.44 -4.35 25.06
N GLU D 187 -33.01 -5.33 25.77
CA GLU D 187 -34.48 -5.44 25.98
C GLU D 187 -34.95 -4.45 27.05
N ASP D 188 -34.06 -3.91 27.88
CA ASP D 188 -34.43 -3.21 29.14
C ASP D 188 -34.91 -1.79 28.83
N SER D 189 -35.99 -1.36 29.46
CA SER D 189 -36.52 0.03 29.41
C SER D 189 -35.59 0.95 30.21
N LEU D 190 -35.51 2.21 29.81
CA LEU D 190 -34.60 3.21 30.42
C LEU D 190 -35.04 3.51 31.86
N PRO D 191 -34.11 3.85 32.77
CA PRO D 191 -34.48 4.24 34.13
C PRO D 191 -35.44 5.43 34.04
N ASP D 192 -36.57 5.36 34.74
CA ASP D 192 -37.70 6.32 34.56
C ASP D 192 -37.26 7.70 35.08
N ARG D 193 -36.54 7.77 36.21
CA ARG D 193 -36.18 9.08 36.83
C ARG D 193 -35.21 9.79 35.88
N ASP D 194 -34.13 9.10 35.47
CA ASP D 194 -33.09 9.68 34.57
C ASP D 194 -33.78 10.16 33.28
N LEU D 195 -34.64 9.34 32.68
CA LEU D 195 -35.28 9.73 31.39
C LEU D 195 -36.21 10.93 31.59
N ALA D 196 -36.97 10.97 32.67
CA ALA D 196 -37.89 12.11 32.96
C ALA D 196 -37.06 13.41 33.11
N LEU D 197 -35.95 13.34 33.84
CA LEU D 197 -35.07 14.52 34.01
C LEU D 197 -34.48 14.91 32.65
N ALA D 198 -34.02 13.94 31.87
CA ALA D 198 -33.41 14.21 30.54
C ALA D 198 -34.46 14.84 29.61
N ASP D 199 -35.68 14.33 29.64
CA ASP D 199 -36.80 14.83 28.79
C ASP D 199 -37.09 16.28 29.16
N GLU D 200 -37.25 16.56 30.46
CA GLU D 200 -37.53 17.94 30.97
C GLU D 200 -36.40 18.87 30.50
N ALA D 201 -35.15 18.49 30.75
CA ALA D 201 -33.99 19.35 30.41
C ALA D 201 -33.98 19.63 28.90
N SER D 202 -34.20 18.59 28.08
CA SER D 202 -34.07 18.69 26.60
C SER D 202 -35.21 19.57 26.06
N ARG D 203 -36.41 19.40 26.59
CA ARG D 203 -37.61 20.16 26.12
C ARG D 203 -37.49 21.62 26.53
N ASN D 204 -36.89 21.91 27.68
CA ASN D 204 -36.76 23.28 28.26
C ASN D 204 -35.53 24.00 27.70
N ALA D 205 -34.57 23.29 27.09
CA ALA D 205 -33.28 23.89 26.68
C ALA D 205 -33.52 24.86 25.53
N ASP D 206 -32.80 25.97 25.48
CA ASP D 206 -32.74 26.77 24.23
C ASP D 206 -31.51 26.37 23.43
N LEU D 207 -30.60 25.56 24.00
CA LEU D 207 -29.43 25.01 23.25
C LEU D 207 -29.11 23.59 23.73
N SER D 208 -29.10 22.62 22.81
CA SER D 208 -28.62 21.25 23.03
C SER D 208 -27.33 21.06 22.24
N ILE D 209 -26.28 20.57 22.89
CA ILE D 209 -24.95 20.29 22.26
C ILE D 209 -24.67 18.81 22.44
N THR D 210 -24.46 18.07 21.34
CA THR D 210 -24.14 16.63 21.39
C THR D 210 -22.63 16.50 21.19
N LEU D 211 -21.99 15.63 21.97
CA LEU D 211 -20.53 15.39 21.93
C LEU D 211 -20.31 13.88 21.80
N GLY D 212 -19.67 13.45 20.71
CA GLY D 212 -19.20 12.05 20.57
C GLY D 212 -20.34 11.05 20.71
N THR D 213 -21.49 11.33 20.10
CA THR D 213 -22.57 10.34 19.93
C THR D 213 -23.03 10.36 18.47
N SER D 214 -23.30 9.19 17.90
CA SER D 214 -23.81 9.01 16.53
C SER D 214 -25.33 9.21 16.53
N LEU D 215 -25.96 9.28 17.72
CA LEU D 215 -27.41 9.56 17.92
C LEU D 215 -28.28 8.48 17.27
N GLN D 216 -27.76 7.26 17.15
CA GLN D 216 -28.45 6.14 16.44
C GLN D 216 -29.38 5.39 17.38
N ILE D 217 -29.23 5.54 18.71
CA ILE D 217 -30.01 4.71 19.67
C ILE D 217 -31.12 5.57 20.25
N ARG D 218 -32.36 5.09 20.14
CA ARG D 218 -33.59 5.74 20.68
C ARG D 218 -33.81 5.22 22.08
N PRO D 219 -34.43 5.97 23.01
CA PRO D 219 -34.80 7.38 22.78
C PRO D 219 -33.68 8.40 23.04
N SER D 220 -32.53 7.94 23.55
CA SER D 220 -31.40 8.81 23.95
C SER D 220 -31.02 9.76 22.81
N GLY D 221 -30.87 9.23 21.60
CA GLY D 221 -30.39 9.96 20.42
C GLY D 221 -31.39 10.96 19.90
N ASN D 222 -32.65 10.89 20.33
CA ASN D 222 -33.72 11.81 19.85
C ASN D 222 -33.91 12.97 20.83
N LEU D 223 -33.39 12.89 22.05
CA LEU D 223 -33.59 13.96 23.05
C LEU D 223 -33.08 15.30 22.51
N PRO D 224 -31.90 15.39 21.86
CA PRO D 224 -31.43 16.67 21.37
C PRO D 224 -32.35 17.27 20.32
N LEU D 225 -33.07 16.43 19.56
CA LEU D 225 -34.07 16.88 18.56
C LEU D 225 -35.22 17.58 19.25
N ALA D 226 -35.60 17.11 20.46
CA ALA D 226 -36.73 17.70 21.19
C ALA D 226 -36.46 19.18 21.39
N THR D 227 -35.19 19.57 21.65
CA THR D 227 -34.79 20.98 21.83
C THR D 227 -35.11 21.75 20.52
N LYS D 228 -34.73 21.19 19.36
CA LYS D 228 -34.87 21.83 18.04
C LYS D 228 -36.37 21.95 17.71
N ARG D 229 -37.11 20.87 17.89
CA ARG D 229 -38.56 20.80 17.55
C ARG D 229 -39.30 21.94 18.28
N ARG D 230 -38.81 22.36 19.45
CA ARG D 230 -39.49 23.38 20.29
C ARG D 230 -38.87 24.76 20.08
N GLY D 231 -38.01 24.95 19.06
CA GLY D 231 -37.50 26.29 18.71
C GLY D 231 -36.13 26.58 19.32
N GLY D 232 -35.55 25.67 20.09
CA GLY D 232 -34.14 25.77 20.55
C GLY D 232 -33.16 25.52 19.43
N ARG D 233 -31.85 25.71 19.69
CA ARG D 233 -30.79 25.43 18.70
C ARG D 233 -30.11 24.10 19.04
N LEU D 234 -29.50 23.49 18.03
CA LEU D 234 -28.89 22.13 18.11
C LEU D 234 -27.51 22.20 17.49
N VAL D 235 -26.50 21.79 18.26
CA VAL D 235 -25.09 21.70 17.80
C VAL D 235 -24.68 20.23 17.92
N ILE D 236 -24.11 19.68 16.87
CA ILE D 236 -23.61 18.27 16.88
C ILE D 236 -22.09 18.32 16.70
N VAL D 237 -21.35 17.78 17.65
CA VAL D 237 -19.88 17.64 17.59
C VAL D 237 -19.60 16.16 17.47
N ASN D 238 -18.97 15.76 16.36
CA ASN D 238 -18.80 14.33 16.06
C ASN D 238 -17.87 14.15 14.86
N LEU D 239 -17.04 13.12 14.89
CA LEU D 239 -16.14 12.79 13.74
C LEU D 239 -16.96 12.15 12.62
N GLN D 240 -17.90 11.28 12.92
CA GLN D 240 -18.74 10.63 11.89
C GLN D 240 -20.00 11.46 11.69
N PRO D 241 -20.68 11.25 10.54
CA PRO D 241 -22.07 11.67 10.40
C PRO D 241 -22.89 11.11 11.55
N THR D 242 -24.00 11.76 11.86
CA THR D 242 -24.96 11.30 12.89
C THR D 242 -26.31 11.18 12.24
N LYS D 243 -27.19 10.43 12.89
CA LYS D 243 -28.59 10.24 12.43
C LYS D 243 -29.25 11.59 12.14
N HIS D 244 -28.99 12.65 12.92
CA HIS D 244 -29.80 13.89 12.92
C HIS D 244 -29.03 15.09 12.37
N ASP D 245 -27.97 14.85 11.61
CA ASP D 245 -27.14 15.92 11.00
C ASP D 245 -28.01 17.00 10.34
N ARG D 246 -29.05 16.63 9.61
CA ARG D 246 -29.79 17.63 8.78
C ARG D 246 -30.47 18.65 9.71
N HIS D 247 -30.75 18.31 10.96
CA HIS D 247 -31.52 19.20 11.87
C HIS D 247 -30.61 20.12 12.71
N ALA D 248 -29.30 19.97 12.64
CA ALA D 248 -28.35 20.77 13.44
C ALA D 248 -28.26 22.18 12.86
N ASP D 249 -28.21 23.18 13.73
CA ASP D 249 -27.84 24.57 13.36
C ASP D 249 -26.35 24.63 13.07
N LEU D 250 -25.56 23.78 13.72
CA LEU D 250 -24.10 23.81 13.62
C LEU D 250 -23.58 22.40 13.80
N ARG D 251 -22.73 21.97 12.88
CA ARG D 251 -22.10 20.63 12.89
C ARG D 251 -20.61 20.83 12.95
N ILE D 252 -19.94 20.30 13.96
CA ILE D 252 -18.47 20.46 14.13
C ILE D 252 -17.83 19.09 14.03
N HIS D 253 -16.95 18.91 13.05
CA HIS D 253 -16.27 17.63 12.73
C HIS D 253 -14.82 17.77 13.16
N GLY D 254 -14.51 17.30 14.35
CA GLY D 254 -13.16 17.37 14.94
C GLY D 254 -13.13 16.53 16.20
N TYR D 255 -11.94 16.35 16.78
CA TYR D 255 -11.79 15.72 18.11
C TYR D 255 -12.45 16.61 19.14
N VAL D 256 -13.31 15.99 19.93
CA VAL D 256 -14.11 16.73 20.94
C VAL D 256 -13.18 17.42 21.94
N ASP D 257 -12.04 16.85 22.28
CA ASP D 257 -11.10 17.52 23.22
C ASP D 257 -10.59 18.84 22.60
N GLU D 258 -10.28 18.83 21.30
CA GLU D 258 -9.81 20.07 20.61
C GLU D 258 -10.94 21.09 20.60
N VAL D 259 -12.15 20.67 20.29
CA VAL D 259 -13.34 21.57 20.26
C VAL D 259 -13.56 22.16 21.65
N MET D 260 -13.56 21.32 22.70
CA MET D 260 -13.91 21.78 24.06
C MET D 260 -12.80 22.65 24.63
N THR D 261 -11.51 22.37 24.35
CA THR D 261 -10.40 23.22 24.87
C THR D 261 -10.46 24.59 24.19
N ARG D 262 -10.73 24.65 22.88
CA ARG D 262 -10.88 25.93 22.15
C ARG D 262 -12.11 26.69 22.68
N LEU D 263 -13.22 25.99 22.91
CA LEU D 263 -14.43 26.62 23.48
C LEU D 263 -14.12 27.27 24.82
N MET D 264 -13.45 26.52 25.70
CA MET D 264 -13.16 27.02 27.07
C MET D 264 -12.26 28.26 26.99
N LYS D 265 -11.31 28.28 26.05
CA LYS D 265 -10.43 29.46 25.83
C LYS D 265 -11.31 30.66 25.44
N HIS D 266 -12.23 30.51 24.50
CA HIS D 266 -13.14 31.60 24.08
C HIS D 266 -13.95 32.09 25.29
N LEU D 267 -14.45 31.17 26.12
CA LEU D 267 -15.31 31.54 27.28
C LEU D 267 -14.47 32.14 28.43
N GLY D 268 -13.14 32.08 28.35
CA GLY D 268 -12.24 32.58 29.38
C GLY D 268 -12.26 31.71 30.61
N LEU D 269 -12.49 30.39 30.45
CA LEU D 269 -12.61 29.46 31.59
C LEU D 269 -11.44 28.47 31.56
N GLU D 270 -10.90 28.11 32.72
CA GLU D 270 -9.84 27.09 32.86
C GLU D 270 -10.51 25.73 32.95
N ILE D 271 -9.87 24.70 32.44
CA ILE D 271 -10.30 23.30 32.68
C ILE D 271 -9.70 22.86 34.02
N PRO D 272 -10.53 22.54 35.03
CA PRO D 272 -10.01 22.27 36.37
C PRO D 272 -9.28 20.92 36.45
N ALA D 273 -8.42 20.83 37.44
CA ALA D 273 -7.65 19.61 37.82
C ALA D 273 -8.64 18.54 38.27
N TRP D 274 -8.35 17.29 37.96
CA TRP D 274 -9.09 16.14 38.53
C TRP D 274 -8.45 15.68 39.83
N ASP D 275 -9.23 15.66 40.92
CA ASP D 275 -8.76 15.24 42.27
C ASP D 275 -8.80 13.72 42.43
N GLY D 276 -8.84 12.92 41.37
CA GLY D 276 -9.04 11.46 41.45
C GLY D 276 -10.51 11.17 41.63
N PRO D 277 -10.94 9.90 41.70
CA PRO D 277 -12.37 9.58 41.73
C PRO D 277 -13.09 10.21 42.92
N ARG D 278 -14.15 10.95 42.67
CA ARG D 278 -14.93 11.66 43.72
C ARG D 278 -16.38 11.70 43.29
N VAL D 279 -17.31 11.54 44.24
CA VAL D 279 -18.77 11.55 43.98
C VAL D 279 -19.34 12.82 44.59
N LEU D 280 -20.02 13.63 43.78
CA LEU D 280 -20.76 14.81 44.26
C LEU D 280 -22.24 14.56 43.98
N GLU D 281 -23.06 14.45 45.02
CA GLU D 281 -24.50 14.13 44.91
C GLU D 281 -25.25 15.36 44.38
N ARG D 282 -24.94 16.55 44.89
CA ARG D 282 -25.72 17.78 44.60
C ARG D 282 -24.81 18.91 44.13
N ALA D 283 -25.24 19.61 43.08
CA ALA D 283 -24.57 20.79 42.51
C ALA D 283 -24.43 21.86 43.61
N LEU D 284 -23.26 22.49 43.69
CA LEU D 284 -22.91 23.54 44.69
C LEU D 284 -23.33 24.88 44.08
N PRO D 285 -23.42 25.98 44.85
CA PRO D 285 -23.93 27.22 44.27
C PRO D 285 -22.97 27.67 43.14
N PRO D 286 -23.49 28.27 42.07
CA PRO D 286 -22.66 28.61 40.92
C PRO D 286 -21.56 29.63 41.22
N LEU D 287 -20.39 29.40 40.63
CA LEU D 287 -19.18 30.21 40.80
C LEU D 287 -19.27 31.41 39.89
N PRO D 288 -18.44 32.44 40.12
CA PRO D 288 -18.37 33.62 39.25
C PRO D 288 -17.93 33.20 37.84
N ARG D 289 -18.37 33.93 36.81
CA ARG D 289 -17.86 33.68 35.43
C ARG D 289 -17.57 35.00 34.73
N PRO D 290 -16.73 34.96 33.67
CA PRO D 290 -16.36 36.18 32.98
C PRO D 290 -17.59 36.91 32.46
N PRO D 291 -17.53 38.24 32.34
CA PRO D 291 -18.62 38.97 31.67
C PRO D 291 -18.63 38.57 30.18
N THR D 292 -19.76 38.78 29.53
CA THR D 292 -20.06 38.26 28.18
C THR D 292 -19.64 39.29 27.13
N PRO D 293 -19.15 38.88 25.94
CA PRO D 293 -18.82 39.85 24.90
C PRO D 293 -20.09 40.47 24.31
N LYS D 294 -19.93 41.66 23.73
CA LYS D 294 -20.93 42.32 22.87
C LYS D 294 -20.79 41.65 21.51
N LEU D 295 -21.81 40.91 21.08
CA LEU D 295 -21.74 40.17 19.79
C LEU D 295 -22.35 40.98 18.64
N GLU D 296 -21.60 41.04 17.52
CA GLU D 296 -21.73 42.02 16.40
C GLU D 296 -21.20 43.38 16.87
N ALA E 11 30.01 6.59 -5.58
CA ALA E 11 30.00 7.99 -6.10
C ALA E 11 29.87 8.96 -4.94
N ASP E 12 30.51 10.14 -5.02
CA ASP E 12 30.19 11.30 -4.14
C ASP E 12 28.99 12.03 -4.74
N LYS E 13 27.89 12.16 -3.97
CA LYS E 13 26.58 12.66 -4.43
C LYS E 13 26.44 14.15 -4.09
N GLY E 14 27.41 14.74 -3.37
CA GLY E 14 27.44 16.17 -3.04
C GLY E 14 26.28 16.59 -2.14
N LYS E 15 25.91 17.87 -2.20
CA LYS E 15 24.85 18.48 -1.36
C LYS E 15 23.49 18.32 -2.05
N CYS E 16 22.60 17.55 -1.43
CA CYS E 16 21.24 17.18 -1.91
C CYS E 16 20.20 17.96 -1.13
N GLY E 17 19.15 18.42 -1.81
CA GLY E 17 17.95 18.98 -1.17
C GLY E 17 18.19 20.35 -0.55
N LEU E 18 19.15 21.14 -1.02
CA LEU E 18 19.26 22.55 -0.59
C LEU E 18 17.93 23.24 -0.89
N PRO E 19 17.55 24.24 -0.08
CA PRO E 19 16.34 25.01 -0.33
C PRO E 19 16.41 25.76 -1.66
N GLU E 20 15.25 25.88 -2.30
CA GLU E 20 15.08 26.65 -3.56
C GLU E 20 14.99 28.14 -3.22
N ILE E 21 15.46 28.99 -4.11
CA ILE E 21 15.33 30.47 -4.04
C ILE E 21 14.52 30.93 -5.24
N PHE E 22 13.61 31.87 -5.03
CA PHE E 22 12.77 32.51 -6.08
C PHE E 22 13.01 34.01 -6.00
N ASP E 23 13.66 34.58 -7.02
CA ASP E 23 13.69 36.05 -7.20
C ASP E 23 12.25 36.52 -7.30
N PRO E 24 11.86 37.60 -6.58
CA PRO E 24 10.52 38.14 -6.73
C PRO E 24 10.35 38.69 -8.15
N PRO E 25 9.08 38.82 -8.61
CA PRO E 25 8.79 39.14 -10.01
C PRO E 25 9.55 40.34 -10.60
N GLU E 26 9.58 41.49 -9.91
CA GLU E 26 10.22 42.71 -10.46
C GLU E 26 11.73 42.45 -10.60
N GLU E 27 12.33 41.74 -9.66
CA GLU E 27 13.78 41.45 -9.69
C GLU E 27 14.04 40.43 -10.81
N LEU E 28 13.18 39.42 -10.94
CA LEU E 28 13.31 38.42 -12.03
C LEU E 28 13.27 39.15 -13.37
N GLU E 29 12.32 40.06 -13.56
CA GLU E 29 12.18 40.80 -14.85
C GLU E 29 13.46 41.61 -15.11
N ARG E 30 14.00 42.29 -14.10
CA ARG E 30 15.23 43.09 -14.24
C ARG E 30 16.38 42.17 -14.67
N LYS E 31 16.52 41.01 -14.06
CA LYS E 31 17.65 40.10 -14.33
C LYS E 31 17.55 39.51 -15.74
N VAL E 32 16.34 39.19 -16.20
CA VAL E 32 16.19 38.60 -17.57
C VAL E 32 16.48 39.69 -18.62
N TRP E 33 16.10 40.95 -18.35
CA TRP E 33 16.49 42.08 -19.23
C TRP E 33 18.01 42.18 -19.27
N GLU E 34 18.67 42.04 -18.11
CA GLU E 34 20.16 42.10 -18.05
C GLU E 34 20.74 40.92 -18.84
N LEU E 35 20.14 39.73 -18.75
CA LEU E 35 20.62 38.57 -19.55
C LEU E 35 20.48 38.90 -21.05
N ALA E 36 19.37 39.46 -21.49
CA ALA E 36 19.19 39.87 -22.91
C ALA E 36 20.31 40.85 -23.31
N ARG E 37 20.63 41.83 -22.47
CA ARG E 37 21.72 42.81 -22.75
C ARG E 37 23.03 42.04 -22.95
N LEU E 38 23.34 41.07 -22.09
CA LEU E 38 24.62 40.31 -22.19
C LEU E 38 24.63 39.49 -23.48
N VAL E 39 23.51 38.90 -23.86
CA VAL E 39 23.43 38.09 -25.11
C VAL E 39 23.66 39.03 -26.31
N TRP E 40 23.01 40.19 -26.35
CA TRP E 40 23.14 41.15 -27.47
C TRP E 40 24.59 41.60 -27.61
N GLN E 41 25.29 41.78 -26.50
CA GLN E 41 26.64 42.41 -26.46
C GLN E 41 27.74 41.37 -26.58
N SER E 42 27.46 40.08 -26.49
CA SER E 42 28.50 39.01 -26.49
C SER E 42 28.64 38.43 -27.90
N SER E 43 29.88 38.10 -28.28
CA SER E 43 30.25 37.54 -29.61
C SER E 43 30.17 36.01 -29.59
N SER E 44 30.54 35.36 -28.49
CA SER E 44 30.71 33.88 -28.39
C SER E 44 30.04 33.42 -27.09
N VAL E 45 28.82 32.90 -27.21
CA VAL E 45 27.96 32.49 -26.06
C VAL E 45 27.96 30.97 -25.98
N VAL E 46 28.29 30.43 -24.82
CA VAL E 46 28.25 28.97 -24.54
C VAL E 46 27.23 28.72 -23.43
N PHE E 47 26.32 27.78 -23.69
CA PHE E 47 25.33 27.34 -22.68
C PHE E 47 25.82 26.02 -22.11
N HIS E 48 25.57 25.87 -20.80
CA HIS E 48 25.88 24.66 -20.01
C HIS E 48 24.58 24.17 -19.38
N THR E 49 24.14 22.96 -19.71
CA THR E 49 22.83 22.46 -19.24
C THR E 49 23.02 21.24 -18.35
N GLY E 50 22.17 21.15 -17.34
CA GLY E 50 22.05 19.96 -16.48
C GLY E 50 20.60 19.58 -16.32
N ALA E 51 20.32 18.72 -15.35
CA ALA E 51 19.06 17.96 -15.26
C ALA E 51 17.88 18.90 -15.03
N GLY E 52 18.11 20.10 -14.54
CA GLY E 52 17.02 21.04 -14.25
C GLY E 52 16.28 21.51 -15.52
N ILE E 53 16.89 21.39 -16.71
CA ILE E 53 16.20 21.81 -17.96
C ILE E 53 15.26 20.70 -18.45
N SER E 54 15.23 19.52 -17.80
CA SER E 54 14.32 18.42 -18.23
C SER E 54 13.28 18.10 -17.18
N THR E 55 13.29 18.76 -16.03
CA THR E 55 12.30 18.49 -14.97
C THR E 55 10.90 18.86 -15.45
N ALA E 56 10.74 19.92 -16.24
CA ALA E 56 9.41 20.33 -16.76
C ALA E 56 8.92 19.40 -17.90
N SER E 57 9.70 18.39 -18.32
CA SER E 57 9.24 17.31 -19.23
C SER E 57 9.03 15.98 -18.49
N GLY E 58 9.12 15.99 -17.16
CA GLY E 58 8.79 14.81 -16.32
C GLY E 58 9.99 13.96 -15.92
N ILE E 59 11.20 14.45 -16.16
CA ILE E 59 12.45 13.71 -15.82
C ILE E 59 13.03 14.34 -14.57
N PRO E 60 13.19 13.57 -13.47
CA PRO E 60 13.67 14.15 -12.21
C PRO E 60 15.14 14.54 -12.29
N ASP E 61 15.56 15.49 -11.46
CA ASP E 61 16.99 15.86 -11.32
C ASP E 61 17.63 14.96 -10.25
N PHE E 62 18.87 15.26 -9.86
CA PHE E 62 19.65 14.44 -8.90
C PHE E 62 19.57 15.04 -7.48
N ARG E 63 19.62 16.36 -7.35
CA ARG E 63 19.87 17.03 -6.03
C ARG E 63 18.77 18.02 -5.68
N GLY E 64 17.74 18.17 -6.52
CA GLY E 64 16.61 19.03 -6.17
C GLY E 64 15.84 18.41 -5.00
N PRO E 65 14.79 19.10 -4.51
CA PRO E 65 14.01 18.58 -3.38
C PRO E 65 13.50 17.15 -3.61
N HIS E 66 13.16 16.75 -4.85
CA HIS E 66 12.71 15.36 -5.13
C HIS E 66 13.69 14.69 -6.08
N GLY E 67 14.94 15.12 -6.07
CA GLY E 67 16.00 14.55 -6.92
C GLY E 67 16.29 13.10 -6.57
N VAL E 68 16.92 12.37 -7.49
CA VAL E 68 17.34 10.95 -7.30
C VAL E 68 18.00 10.79 -5.92
N TRP E 69 19.05 11.56 -5.62
CA TRP E 69 19.85 11.37 -4.38
C TRP E 69 19.07 11.85 -3.17
N THR E 70 18.36 12.98 -3.29
CA THR E 70 17.54 13.52 -2.18
C THR E 70 16.53 12.46 -1.75
N MET E 71 15.87 11.80 -2.71
CA MET E 71 14.81 10.81 -2.40
C MET E 71 15.44 9.52 -1.84
N GLU E 72 16.59 9.12 -2.39
CA GLU E 72 17.32 7.92 -1.94
C GLU E 72 17.62 8.04 -0.44
N GLU E 73 18.05 9.22 0.03
CA GLU E 73 18.29 9.49 1.47
C GLU E 73 17.07 9.12 2.33
N ARG E 74 15.86 9.24 1.81
CA ARG E 74 14.61 8.97 2.57
C ARG E 74 14.11 7.55 2.31
N GLY E 75 14.86 6.76 1.55
CA GLY E 75 14.49 5.40 1.13
C GLY E 75 13.37 5.42 0.11
N LEU E 76 13.27 6.51 -0.67
CA LEU E 76 12.24 6.68 -1.72
C LEU E 76 12.95 6.71 -3.07
N ALA E 77 12.14 6.64 -4.12
CA ALA E 77 12.60 6.59 -5.50
C ALA E 77 12.37 7.97 -6.12
N PRO E 78 13.19 8.35 -7.12
CA PRO E 78 12.85 9.51 -7.94
C PRO E 78 11.60 9.13 -8.76
N LYS E 79 10.81 10.12 -9.16
CA LYS E 79 9.58 9.86 -9.93
C LYS E 79 9.77 10.39 -11.36
N PHE E 80 9.55 9.52 -12.33
CA PHE E 80 9.41 9.86 -13.77
C PHE E 80 7.94 10.01 -14.11
N ASP E 81 7.58 11.07 -14.86
CA ASP E 81 6.21 11.28 -15.36
C ASP E 81 6.16 10.92 -16.85
N THR E 82 7.22 10.31 -17.37
CA THR E 82 7.36 9.94 -18.80
C THR E 82 8.43 8.85 -18.89
N THR E 83 8.58 8.22 -20.05
CA THR E 83 9.79 7.42 -20.37
C THR E 83 10.78 8.35 -21.08
N PHE E 84 12.06 7.98 -21.14
CA PHE E 84 13.03 8.73 -21.97
C PHE E 84 12.54 8.78 -23.42
N GLU E 85 11.97 7.68 -23.93
CA GLU E 85 11.51 7.59 -25.35
C GLU E 85 10.31 8.50 -25.60
N SER E 86 9.41 8.66 -24.65
CA SER E 86 8.15 9.43 -24.82
C SER E 86 8.33 10.89 -24.43
N ALA E 87 9.43 11.25 -23.76
CA ALA E 87 9.69 12.63 -23.29
C ALA E 87 9.76 13.57 -24.49
N ARG E 88 9.25 14.78 -24.33
CA ARG E 88 9.39 15.83 -25.36
C ARG E 88 10.36 16.89 -24.84
N PRO E 89 11.05 17.60 -25.75
CA PRO E 89 11.89 18.73 -25.36
C PRO E 89 11.06 19.82 -24.70
N THR E 90 11.62 20.46 -23.68
CA THR E 90 11.00 21.62 -23.00
C THR E 90 11.08 22.87 -23.90
N GLN E 91 10.40 23.92 -23.47
CA GLN E 91 10.52 25.29 -24.06
C GLN E 91 12.00 25.71 -24.04
N THR E 92 12.74 25.35 -23.00
CA THR E 92 14.18 25.70 -22.87
C THR E 92 14.95 24.95 -23.97
N HIS E 93 14.71 23.66 -24.16
CA HIS E 93 15.38 22.86 -25.20
C HIS E 93 15.15 23.53 -26.56
N MET E 94 13.91 23.90 -26.86
CA MET E 94 13.57 24.45 -28.20
C MET E 94 14.08 25.89 -28.32
N ALA E 95 14.15 26.66 -27.23
CA ALA E 95 14.78 27.99 -27.24
C ALA E 95 16.26 27.87 -27.62
N LEU E 96 16.97 26.88 -27.08
CA LEU E 96 18.41 26.69 -27.39
C LEU E 96 18.56 26.32 -28.87
N VAL E 97 17.65 25.53 -29.41
CA VAL E 97 17.68 25.21 -30.87
C VAL E 97 17.64 26.52 -31.66
N GLN E 98 16.71 27.42 -31.32
CA GLN E 98 16.52 28.69 -32.08
C GLN E 98 17.73 29.58 -31.87
N LEU E 99 18.28 29.68 -30.66
CA LEU E 99 19.45 30.56 -30.40
C LEU E 99 20.62 30.10 -31.28
N GLU E 100 20.82 28.79 -31.44
CA GLU E 100 21.87 28.26 -32.34
C GLU E 100 21.53 28.65 -33.78
N ARG E 101 20.27 28.49 -34.19
CA ARG E 101 19.88 28.69 -35.61
C ARG E 101 20.14 30.15 -36.02
N VAL E 102 19.96 31.12 -35.11
CA VAL E 102 20.10 32.57 -35.45
C VAL E 102 21.49 33.07 -35.08
N GLY E 103 22.40 32.19 -34.64
CA GLY E 103 23.82 32.52 -34.43
C GLY E 103 24.08 33.19 -33.10
N LEU E 104 23.17 33.11 -32.13
CA LEU E 104 23.38 33.73 -30.80
C LEU E 104 23.98 32.71 -29.81
N LEU E 105 24.11 31.44 -30.19
CA LEU E 105 24.70 30.38 -29.34
C LEU E 105 25.84 29.78 -30.15
N ARG E 106 27.06 29.74 -29.61
CA ARG E 106 28.24 29.19 -30.34
C ARG E 106 28.38 27.71 -30.02
N PHE E 107 28.13 27.28 -28.78
CA PHE E 107 28.34 25.89 -28.35
C PHE E 107 27.44 25.59 -27.16
N LEU E 108 27.12 24.32 -26.99
CA LEU E 108 26.25 23.79 -25.92
C LEU E 108 26.94 22.60 -25.27
N VAL E 109 27.16 22.70 -23.96
CA VAL E 109 27.77 21.64 -23.13
C VAL E 109 26.70 21.09 -22.19
N SER E 110 26.41 19.80 -22.27
CA SER E 110 25.35 19.22 -21.41
C SER E 110 25.90 18.06 -20.60
N GLN E 111 25.44 17.97 -19.37
CA GLN E 111 25.68 16.81 -18.48
C GLN E 111 24.55 15.79 -18.62
N ASN E 112 23.51 16.09 -19.39
CA ASN E 112 22.26 15.28 -19.43
C ASN E 112 22.43 14.08 -20.33
N VAL E 113 22.00 12.90 -19.86
CA VAL E 113 22.01 11.64 -20.65
C VAL E 113 20.63 11.41 -21.28
N ASP E 114 19.67 12.30 -21.07
CA ASP E 114 18.25 12.11 -21.48
C ASP E 114 18.07 12.12 -23.02
N GLY E 115 19.09 12.51 -23.80
CA GLY E 115 19.00 12.45 -25.28
C GLY E 115 18.12 13.57 -25.88
N LEU E 116 17.62 14.51 -25.09
CA LEU E 116 16.61 15.49 -25.59
C LEU E 116 17.29 16.59 -26.43
N HIS E 117 18.53 17.00 -26.15
CA HIS E 117 19.17 18.00 -27.05
C HIS E 117 19.25 17.45 -28.47
N VAL E 118 19.77 16.23 -28.62
CA VAL E 118 19.87 15.59 -29.96
C VAL E 118 18.47 15.46 -30.55
N ARG E 119 17.51 14.96 -29.77
CA ARG E 119 16.17 14.64 -30.33
C ARG E 119 15.41 15.93 -30.66
N SER E 120 15.76 17.05 -30.01
CA SER E 120 15.20 18.40 -30.29
C SER E 120 15.65 18.91 -31.68
N GLY E 121 16.67 18.30 -32.30
CA GLY E 121 17.21 18.71 -33.61
C GLY E 121 18.38 19.67 -33.47
N PHE E 122 18.95 19.75 -32.28
CA PHE E 122 20.14 20.60 -32.00
C PHE E 122 21.34 19.98 -32.72
N PRO E 123 22.15 20.75 -33.48
CA PRO E 123 23.24 20.16 -34.26
C PRO E 123 24.33 19.52 -33.39
N ARG E 124 24.68 18.27 -33.70
CA ARG E 124 25.62 17.48 -32.86
C ARG E 124 27.03 18.10 -32.91
N ASP E 125 27.40 18.82 -33.97
CA ASP E 125 28.75 19.43 -34.08
C ASP E 125 28.81 20.68 -33.21
N LYS E 126 27.73 21.12 -32.58
CA LYS E 126 27.83 22.23 -31.59
C LYS E 126 27.44 21.74 -30.19
N LEU E 127 27.46 20.44 -29.95
CA LEU E 127 27.02 19.83 -28.68
C LEU E 127 28.11 18.91 -28.12
N ALA E 128 28.43 19.09 -26.84
CA ALA E 128 29.23 18.10 -26.08
C ALA E 128 28.32 17.44 -25.05
N GLU E 129 28.19 16.12 -25.13
CA GLU E 129 27.39 15.32 -24.18
C GLU E 129 28.38 14.64 -23.24
N LEU E 130 28.78 15.38 -22.20
CA LEU E 130 29.96 15.00 -21.36
C LEU E 130 29.70 13.70 -20.60
N HIS E 131 28.44 13.35 -20.27
CA HIS E 131 28.15 12.17 -19.43
C HIS E 131 27.50 11.06 -20.25
N GLY E 132 27.34 11.27 -21.56
CA GLY E 132 26.76 10.27 -22.48
C GLY E 132 25.32 10.61 -22.86
N ASN E 133 24.70 9.69 -23.57
CA ASN E 133 23.38 9.85 -24.22
C ASN E 133 22.76 8.45 -24.21
N MET E 134 21.62 8.29 -23.53
CA MET E 134 20.95 6.97 -23.33
C MET E 134 20.67 6.33 -24.69
N PHE E 135 20.57 7.12 -25.76
CA PHE E 135 20.15 6.64 -27.10
C PHE E 135 21.35 6.35 -28.00
N VAL E 136 22.57 6.65 -27.53
CA VAL E 136 23.77 6.56 -28.41
C VAL E 136 24.64 5.37 -27.99
N GLU E 137 25.00 4.52 -28.95
CA GLU E 137 26.01 3.46 -28.74
C GLU E 137 27.17 3.72 -29.69
N GLU E 138 28.34 3.24 -29.29
CA GLU E 138 29.61 3.53 -29.98
C GLU E 138 30.38 2.24 -30.21
N CYS E 139 30.96 2.08 -31.39
CA CYS E 139 31.81 0.93 -31.77
C CYS E 139 33.14 1.02 -31.00
N ALA E 140 33.46 0.01 -30.19
CA ALA E 140 34.74 -0.07 -29.43
C ALA E 140 35.92 -0.07 -30.40
N LYS E 141 35.78 -0.61 -31.62
CA LYS E 141 36.87 -0.72 -32.63
C LYS E 141 37.05 0.60 -33.41
N CYS E 142 36.03 1.08 -34.15
CA CYS E 142 36.17 2.22 -35.11
C CYS E 142 35.65 3.55 -34.53
N LYS E 143 34.99 3.54 -33.37
CA LYS E 143 34.48 4.75 -32.67
C LYS E 143 33.26 5.35 -33.37
N THR E 144 32.72 4.72 -34.41
CA THR E 144 31.46 5.18 -35.07
C THR E 144 30.33 5.15 -34.03
N GLN E 145 29.54 6.22 -33.95
CA GLN E 145 28.38 6.34 -33.04
C GLN E 145 27.09 6.09 -33.80
N TYR E 146 26.10 5.50 -33.14
CA TYR E 146 24.75 5.25 -33.68
C TYR E 146 23.76 5.93 -32.75
N VAL E 147 22.93 6.84 -33.28
CA VAL E 147 21.85 7.46 -32.49
C VAL E 147 20.58 6.63 -32.73
N ARG E 148 20.15 5.88 -31.73
CA ARG E 148 18.98 4.98 -31.86
C ARG E 148 17.69 5.71 -31.47
N ASP E 149 16.57 5.15 -31.91
CA ASP E 149 15.22 5.68 -31.65
C ASP E 149 14.74 5.23 -30.27
N THR E 150 15.44 4.31 -29.60
CA THR E 150 15.08 3.80 -28.25
C THR E 150 16.34 3.79 -27.40
N VAL E 151 16.19 3.77 -26.08
CA VAL E 151 17.38 3.79 -25.19
C VAL E 151 18.15 2.48 -25.44
N VAL E 152 19.46 2.60 -25.50
CA VAL E 152 20.35 1.41 -25.59
C VAL E 152 20.32 0.86 -24.14
N GLY E 153 20.03 -0.42 -23.98
CA GLY E 153 19.58 -0.97 -22.69
C GLY E 153 20.68 -1.19 -21.67
N THR E 154 21.90 -0.66 -21.85
CA THR E 154 23.01 -0.83 -20.89
C THR E 154 23.54 0.53 -20.43
N MET E 155 24.31 0.55 -19.35
CA MET E 155 24.99 1.75 -18.79
C MET E 155 26.37 1.30 -18.30
N GLY E 156 27.33 2.21 -18.21
CA GLY E 156 28.70 1.93 -17.74
C GLY E 156 29.58 1.44 -18.86
N LEU E 157 29.28 1.80 -20.11
CA LEU E 157 30.12 1.53 -21.30
C LEU E 157 30.24 0.02 -21.51
N LYS E 158 29.13 -0.71 -21.38
CA LYS E 158 29.05 -2.18 -21.59
C LYS E 158 28.62 -2.49 -23.03
N ALA E 159 28.88 -3.71 -23.49
CA ALA E 159 28.41 -4.28 -24.78
C ALA E 159 26.87 -4.25 -24.77
N THR E 160 26.25 -3.78 -25.85
CA THR E 160 24.77 -3.69 -25.95
C THR E 160 24.21 -4.98 -26.55
N GLY E 161 25.06 -5.77 -27.21
CA GLY E 161 24.65 -6.99 -27.91
C GLY E 161 24.61 -6.78 -29.42
N ARG E 162 24.72 -5.53 -29.90
CA ARG E 162 24.72 -5.24 -31.35
C ARG E 162 26.15 -5.05 -31.81
N LEU E 163 26.38 -5.22 -33.12
CA LEU E 163 27.72 -5.12 -33.74
C LEU E 163 27.70 -3.97 -34.75
N CYS E 164 28.86 -3.39 -35.01
CA CYS E 164 29.07 -2.27 -35.94
C CYS E 164 28.77 -2.74 -37.36
N THR E 165 28.15 -1.87 -38.16
CA THR E 165 27.66 -2.18 -39.52
C THR E 165 28.36 -1.31 -40.56
N VAL E 166 29.43 -0.59 -40.21
CA VAL E 166 30.17 0.23 -41.20
C VAL E 166 30.93 -0.72 -42.15
N ALA E 167 30.90 -0.43 -43.45
CA ALA E 167 31.68 -1.14 -44.49
C ALA E 167 33.04 -0.44 -44.65
N CYS E 175 32.90 -3.89 -40.35
CA CYS E 175 33.70 -3.66 -39.12
C CYS E 175 33.39 -4.74 -38.08
N ARG E 176 32.12 -4.93 -37.74
CA ARG E 176 31.63 -5.94 -36.76
C ARG E 176 32.19 -5.67 -35.35
N GLY E 177 32.80 -4.50 -35.10
CA GLY E 177 33.18 -4.08 -33.73
C GLY E 177 32.02 -4.16 -32.74
N GLU E 178 32.33 -4.33 -31.47
CA GLU E 178 31.34 -4.43 -30.35
C GLU E 178 30.78 -3.02 -30.09
N LEU E 179 29.46 -2.85 -30.18
CA LEU E 179 28.80 -1.57 -29.83
C LEU E 179 28.66 -1.53 -28.31
N ARG E 180 28.97 -0.39 -27.70
CA ARG E 180 28.82 -0.17 -26.26
C ARG E 180 28.01 1.09 -26.00
N ASP E 181 27.33 1.16 -24.87
CA ASP E 181 26.60 2.38 -24.45
C ASP E 181 27.65 3.46 -24.19
N THR E 182 27.23 4.72 -24.05
CA THR E 182 28.10 5.87 -23.81
C THR E 182 27.80 6.46 -22.43
N ILE E 183 27.05 5.75 -21.59
CA ILE E 183 26.70 6.25 -20.22
C ILE E 183 27.86 5.97 -19.26
N LEU E 184 28.60 7.01 -18.90
CA LEU E 184 29.68 6.95 -17.90
C LEU E 184 29.09 6.46 -16.57
N ASP E 185 29.80 5.56 -15.88
CA ASP E 185 29.60 5.27 -14.44
C ASP E 185 30.52 6.22 -13.65
N TRP E 186 30.40 6.28 -12.32
CA TRP E 186 31.20 7.23 -11.49
C TRP E 186 32.69 7.18 -11.86
N GLU E 187 33.25 5.98 -12.09
CA GLU E 187 34.72 5.79 -12.21
C GLU E 187 35.21 6.23 -13.59
N ASP E 188 34.32 6.37 -14.57
CA ASP E 188 34.70 6.48 -16.01
C ASP E 188 35.20 7.88 -16.30
N SER E 189 36.29 7.99 -17.07
CA SER E 189 36.83 9.24 -17.65
C SER E 189 35.83 9.79 -18.69
N LEU E 190 35.76 11.11 -18.83
CA LEU E 190 34.86 11.78 -19.80
C LEU E 190 35.33 11.46 -21.21
N PRO E 191 34.44 11.41 -22.23
CA PRO E 191 34.86 11.23 -23.62
C PRO E 191 35.86 12.34 -23.96
N ASP E 192 37.02 11.98 -24.52
CA ASP E 192 38.15 12.92 -24.73
C ASP E 192 37.76 14.02 -25.74
N ARG E 193 37.11 13.63 -26.83
CA ARG E 193 36.77 14.59 -27.92
C ARG E 193 35.75 15.59 -27.37
N ASP E 194 34.64 15.13 -26.78
CA ASP E 194 33.58 16.01 -26.23
C ASP E 194 34.21 16.96 -25.19
N LEU E 195 35.05 16.45 -24.28
CA LEU E 195 35.62 17.30 -23.21
C LEU E 195 36.55 18.35 -23.81
N ALA E 196 37.38 17.97 -24.78
CA ALA E 196 38.32 18.90 -25.43
C ALA E 196 37.53 20.01 -26.13
N LEU E 197 36.47 19.66 -26.85
CA LEU E 197 35.61 20.66 -27.54
C LEU E 197 34.95 21.56 -26.50
N ALA E 198 34.42 20.98 -25.42
CA ALA E 198 33.71 21.75 -24.38
C ALA E 198 34.69 22.73 -23.72
N ASP E 199 35.90 22.25 -23.43
CA ASP E 199 36.93 23.07 -22.76
C ASP E 199 37.32 24.24 -23.67
N GLU E 200 37.58 23.97 -24.95
CA GLU E 200 37.94 25.01 -25.95
C GLU E 200 36.80 26.03 -26.03
N ALA E 201 35.55 25.58 -26.18
CA ALA E 201 34.39 26.50 -26.32
C ALA E 201 34.29 27.38 -25.06
N SER E 202 34.46 26.78 -23.87
CA SER E 202 34.30 27.50 -22.57
C SER E 202 35.41 28.54 -22.43
N ARG E 203 36.65 28.19 -22.79
CA ARG E 203 37.83 29.10 -22.68
C ARG E 203 37.70 30.27 -23.67
N ASN E 204 37.13 30.02 -24.85
CA ASN E 204 36.97 31.01 -25.95
C ASN E 204 35.74 31.91 -25.73
N ALA E 205 34.76 31.50 -24.90
CA ALA E 205 33.47 32.22 -24.79
C ALA E 205 33.70 33.59 -24.14
N ASP E 206 32.98 34.63 -24.54
CA ASP E 206 32.92 35.87 -23.73
C ASP E 206 31.71 35.80 -22.79
N LEU E 207 30.80 34.83 -22.97
CA LEU E 207 29.64 34.63 -22.08
C LEU E 207 29.34 33.13 -21.93
N SER E 208 29.32 32.62 -20.69
CA SER E 208 28.86 31.25 -20.34
C SER E 208 27.57 31.44 -19.53
N ILE E 209 26.52 30.72 -19.92
CA ILE E 209 25.22 30.71 -19.21
C ILE E 209 24.94 29.26 -18.77
N THR E 210 24.74 29.03 -17.48
CA THR E 210 24.44 27.69 -16.94
C THR E 210 22.92 27.67 -16.69
N LEU E 211 22.29 26.55 -17.05
CA LEU E 211 20.83 26.35 -16.91
C LEU E 211 20.61 25.02 -16.19
N GLY E 212 20.00 25.06 -15.01
CA GLY E 212 19.53 23.83 -14.36
C GLY E 212 20.66 22.86 -14.07
N THR E 213 21.81 23.36 -13.63
CA THR E 213 22.88 22.52 -13.05
C THR E 213 23.35 23.13 -11.73
N SER E 214 23.59 22.28 -10.74
CA SER E 214 24.11 22.68 -9.41
C SER E 214 25.64 22.86 -9.48
N LEU E 215 26.27 22.46 -10.59
CA LEU E 215 27.73 22.64 -10.88
C LEU E 215 28.60 21.88 -9.85
N GLN E 216 28.06 20.81 -9.27
CA GLN E 216 28.74 20.07 -8.18
C GLN E 216 29.67 18.99 -8.74
N ILE E 217 29.52 18.58 -10.00
CA ILE E 217 30.27 17.40 -10.53
C ILE E 217 31.39 17.92 -11.44
N ARG E 218 32.63 17.52 -11.14
CA ARG E 218 33.86 17.90 -11.89
C ARG E 218 34.09 16.85 -12.98
N PRO E 219 34.72 17.19 -14.12
CA PRO E 219 35.10 18.56 -14.47
C PRO E 219 33.98 19.41 -15.12
N SER E 220 32.85 18.78 -15.43
CA SER E 220 31.72 19.44 -16.15
C SER E 220 31.33 20.75 -15.47
N GLY E 221 31.15 20.73 -14.14
CA GLY E 221 30.69 21.88 -13.35
C GLY E 221 31.70 23.01 -13.29
N ASN E 222 32.96 22.76 -13.66
CA ASN E 222 34.03 23.81 -13.61
C ASN E 222 34.21 24.48 -14.97
N LEU E 223 33.69 23.92 -16.04
CA LEU E 223 33.89 24.49 -17.40
C LEU E 223 33.37 25.92 -17.46
N PRO E 224 32.20 26.26 -16.88
CA PRO E 224 31.74 27.64 -16.94
C PRO E 224 32.70 28.62 -16.28
N LEU E 225 33.43 28.16 -15.27
CA LEU E 225 34.47 28.97 -14.58
C LEU E 225 35.59 29.30 -15.54
N ALA E 226 35.93 28.41 -16.46
CA ALA E 226 37.02 28.64 -17.44
C ALA E 226 36.73 29.94 -18.19
N THR E 227 35.46 30.21 -18.50
CA THR E 227 35.05 31.47 -19.17
C THR E 227 35.39 32.66 -18.27
N LYS E 228 35.06 32.58 -16.98
CA LYS E 228 35.26 33.69 -15.99
C LYS E 228 36.77 33.91 -15.78
N ARG E 229 37.52 32.82 -15.60
CA ARG E 229 38.99 32.88 -15.35
C ARG E 229 39.66 33.63 -16.49
N ARG E 230 39.12 33.61 -17.70
CA ARG E 230 39.73 34.22 -18.90
C ARG E 230 39.10 35.60 -19.17
N GLY E 231 38.30 36.16 -18.26
CA GLY E 231 37.75 37.51 -18.39
C GLY E 231 36.37 37.58 -19.02
N GLY E 232 35.77 36.43 -19.38
CA GLY E 232 34.38 36.36 -19.91
C GLY E 232 33.38 36.56 -18.78
N ARG E 233 32.09 36.66 -19.10
CA ARG E 233 31.02 36.81 -18.09
C ARG E 233 30.33 35.47 -17.84
N LEU E 234 29.74 35.33 -16.65
CA LEU E 234 29.14 34.06 -16.17
C LEU E 234 27.75 34.37 -15.63
N VAL E 235 26.75 33.68 -16.16
CA VAL E 235 25.34 33.77 -15.70
C VAL E 235 24.95 32.37 -15.23
N ILE E 236 24.34 32.30 -14.06
CA ILE E 236 23.86 31.01 -13.49
C ILE E 236 22.36 31.14 -13.34
N VAL E 237 21.62 30.24 -13.98
CA VAL E 237 20.14 30.14 -13.85
C VAL E 237 19.87 28.84 -13.12
N ASN E 238 19.28 28.90 -11.94
CA ASN E 238 19.08 27.71 -11.11
C ASN E 238 18.16 28.04 -9.94
N LEU E 239 17.31 27.10 -9.53
CA LEU E 239 16.43 27.29 -8.34
C LEU E 239 17.26 27.18 -7.06
N GLN E 240 18.18 26.24 -6.98
CA GLN E 240 19.03 26.03 -5.79
C GLN E 240 20.29 26.88 -5.95
N PRO E 241 20.97 27.15 -4.81
CA PRO E 241 22.37 27.62 -4.86
C PRO E 241 23.18 26.63 -5.71
N THR E 242 24.30 27.09 -6.27
CA THR E 242 25.24 26.25 -7.02
C THR E 242 26.61 26.42 -6.39
N LYS E 243 27.50 25.47 -6.67
CA LYS E 243 28.90 25.51 -6.17
C LYS E 243 29.57 26.85 -6.52
N HIS E 244 29.27 27.46 -7.67
CA HIS E 244 30.07 28.61 -8.20
C HIS E 244 29.31 29.93 -8.15
N ASP E 245 28.26 30.02 -7.33
CA ASP E 245 27.44 31.25 -7.20
C ASP E 245 28.32 32.49 -7.04
N ARG E 246 29.37 32.42 -6.20
CA ARG E 246 30.14 33.65 -5.86
C ARG E 246 30.82 34.20 -7.12
N HIS E 247 31.08 33.39 -8.15
CA HIS E 247 31.83 33.82 -9.35
C HIS E 247 30.92 34.35 -10.45
N ALA E 248 29.60 34.26 -10.32
CA ALA E 248 28.64 34.68 -11.36
C ALA E 248 28.56 36.21 -11.41
N ASP E 249 28.46 36.77 -12.59
CA ASP E 249 28.09 38.20 -12.81
C ASP E 249 26.61 38.37 -12.54
N LEU E 250 25.83 37.31 -12.78
CA LEU E 250 24.36 37.39 -12.70
C LEU E 250 23.85 36.01 -12.28
N ARG E 251 23.02 35.98 -11.25
CA ARG E 251 22.40 34.75 -10.72
C ARG E 251 20.89 34.94 -10.84
N ILE E 252 20.22 34.03 -11.54
CA ILE E 252 18.76 34.13 -11.75
C ILE E 252 18.13 32.90 -11.10
N HIS E 253 17.28 33.16 -10.11
CA HIS E 253 16.58 32.12 -9.31
C HIS E 253 15.12 32.10 -9.76
N GLY E 254 14.81 31.17 -10.64
CA GLY E 254 13.48 31.01 -11.24
C GLY E 254 13.47 29.75 -12.10
N TYR E 255 12.28 29.38 -12.57
CA TYR E 255 12.12 28.23 -13.48
C TYR E 255 12.78 28.58 -14.79
N VAL E 256 13.63 27.70 -15.27
CA VAL E 256 14.41 27.93 -16.51
C VAL E 256 13.48 28.23 -17.69
N ASP E 257 12.31 27.56 -17.77
CA ASP E 257 11.39 27.82 -18.90
C ASP E 257 10.87 29.24 -18.83
N GLU E 258 10.58 29.77 -17.63
CA GLU E 258 10.07 31.15 -17.50
C GLU E 258 11.18 32.12 -17.90
N VAL E 259 12.40 31.87 -17.46
CA VAL E 259 13.57 32.73 -17.80
C VAL E 259 13.76 32.71 -19.33
N MET E 260 13.78 31.52 -19.93
CA MET E 260 14.14 31.39 -21.36
C MET E 260 13.01 31.92 -22.24
N THR E 261 11.73 31.76 -21.88
CA THR E 261 10.61 32.31 -22.70
C THR E 261 10.64 33.85 -22.62
N ARG E 262 10.90 34.43 -21.45
CA ARG E 262 11.02 35.90 -21.32
C ARG E 262 12.25 36.38 -22.11
N LEU E 263 13.37 35.69 -22.04
CA LEU E 263 14.57 36.05 -22.83
C LEU E 263 14.24 36.07 -24.32
N MET E 264 13.59 35.03 -24.82
CA MET E 264 13.28 34.91 -26.27
C MET E 264 12.34 36.07 -26.67
N LYS E 265 11.39 36.47 -25.81
CA LYS E 265 10.51 37.62 -26.08
C LYS E 265 11.34 38.89 -26.19
N HIS E 266 12.27 39.15 -25.27
CA HIS E 266 13.18 40.33 -25.37
C HIS E 266 13.95 40.28 -26.68
N LEU E 267 14.45 39.12 -27.09
CA LEU E 267 15.28 38.99 -28.32
C LEU E 267 14.41 39.06 -29.58
N GLY E 268 13.08 39.04 -29.44
CA GLY E 268 12.14 39.06 -30.60
C GLY E 268 12.16 37.74 -31.34
N LEU E 269 12.44 36.63 -30.66
CA LEU E 269 12.59 35.30 -31.31
C LEU E 269 11.44 34.40 -30.88
N GLU E 270 10.90 33.62 -31.81
CA GLU E 270 9.87 32.59 -31.54
C GLU E 270 10.58 31.32 -31.10
N ILE E 271 9.96 30.56 -30.23
CA ILE E 271 10.44 29.20 -29.90
C ILE E 271 9.87 28.24 -30.95
N PRO E 272 10.71 27.58 -31.74
CA PRO E 272 10.22 26.77 -32.86
C PRO E 272 9.49 25.49 -32.40
N ALA E 273 8.63 25.02 -33.28
CA ALA E 273 7.86 23.77 -33.18
C ALA E 273 8.84 22.60 -33.13
N TRP E 274 8.52 21.57 -32.37
CA TRP E 274 9.28 20.31 -32.42
C TRP E 274 8.66 19.35 -33.44
N ASP E 275 9.45 18.91 -34.42
CA ASP E 275 8.98 17.98 -35.49
C ASP E 275 9.06 16.51 -35.04
N GLY E 276 9.10 16.22 -33.72
CA GLY E 276 9.31 14.85 -33.19
C GLY E 276 10.80 14.52 -33.26
N PRO E 277 11.25 13.34 -32.81
CA PRO E 277 12.67 13.06 -32.68
C PRO E 277 13.39 13.13 -34.03
N ARG E 278 14.45 13.94 -34.12
CA ARG E 278 15.20 14.16 -35.38
C ARG E 278 16.65 14.42 -35.01
N VAL E 279 17.57 13.87 -35.79
CA VAL E 279 19.03 13.99 -35.58
C VAL E 279 19.61 14.91 -36.65
N LEU E 280 20.26 15.99 -36.23
CA LEU E 280 21.00 16.89 -37.15
C LEU E 280 22.49 16.79 -36.81
N GLU E 281 23.31 16.29 -37.74
CA GLU E 281 24.76 16.12 -37.51
C GLU E 281 25.46 17.48 -37.52
N ARG E 282 25.12 18.38 -38.45
CA ARG E 282 25.92 19.62 -38.66
C ARG E 282 25.04 20.86 -38.69
N ALA E 283 25.49 21.90 -37.99
CA ALA E 283 24.85 23.23 -37.92
C ALA E 283 24.84 23.83 -39.33
N LEU E 284 23.83 24.68 -39.62
CA LEU E 284 23.78 25.54 -40.84
C LEU E 284 24.34 26.92 -40.51
N PRO E 285 24.66 27.74 -41.54
CA PRO E 285 24.91 29.16 -41.32
C PRO E 285 23.67 29.79 -40.71
N PRO E 286 23.83 30.87 -39.92
CA PRO E 286 22.72 31.47 -39.22
C PRO E 286 21.56 31.96 -40.10
N LEU E 287 20.35 31.78 -39.58
CA LEU E 287 19.11 32.39 -40.09
C LEU E 287 19.09 33.89 -39.72
N PRO E 288 18.24 34.67 -40.39
CA PRO E 288 18.08 36.09 -40.05
C PRO E 288 17.56 36.27 -38.61
N ARG E 289 17.95 37.36 -37.97
CA ARG E 289 17.44 37.68 -36.61
C ARG E 289 17.12 39.16 -36.52
N PRO E 290 16.30 39.56 -35.54
CA PRO E 290 15.86 40.96 -35.47
C PRO E 290 17.07 41.87 -35.31
N PRO E 291 16.96 43.12 -35.77
CA PRO E 291 18.00 44.10 -35.45
C PRO E 291 18.04 44.35 -33.93
N THR E 292 19.18 44.82 -33.45
CA THR E 292 19.56 44.91 -32.03
C THR E 292 19.09 46.24 -31.45
N PRO E 293 18.64 46.29 -30.18
CA PRO E 293 18.28 47.57 -29.57
C PRO E 293 19.51 48.46 -29.34
N LYS E 294 19.27 49.76 -29.23
CA LYS E 294 20.25 50.74 -28.71
C LYS E 294 20.25 50.59 -27.19
N LEU E 295 21.34 50.10 -26.62
CA LEU E 295 21.47 49.94 -25.15
C LEU E 295 22.21 51.16 -24.58
N GLU E 296 21.56 51.88 -23.66
CA GLU E 296 22.13 52.95 -22.82
C GLU E 296 23.08 52.34 -21.78
N VAL F 1 2.19 15.46 8.40
CA VAL F 1 3.14 14.34 8.64
C VAL F 1 2.41 13.24 9.41
N ASN F 2 2.53 12.03 8.92
CA ASN F 2 2.15 10.79 9.64
C ASN F 2 3.44 10.01 9.83
N TYR F 3 3.96 9.94 11.06
CA TYR F 3 5.27 9.32 11.42
C TYR F 3 5.38 7.94 10.76
N ALA F 4 4.36 7.11 10.95
CA ALA F 4 4.32 5.74 10.39
C ALA F 4 4.46 5.82 8.87
N ALA F 5 3.59 6.59 8.20
CA ALA F 5 3.59 6.75 6.72
C ALA F 5 4.96 7.25 6.24
N GLY F 6 5.60 8.16 6.98
CA GLY F 6 6.82 8.87 6.56
C GLY F 6 8.08 8.05 6.81
N LEU F 7 7.99 6.91 7.49
CA LEU F 7 9.16 6.01 7.70
C LEU F 7 9.50 5.32 6.38
N SER F 8 10.80 5.17 6.08
CA SER F 8 11.32 4.49 4.87
C SER F 8 10.61 3.14 4.68
N PRO F 9 10.15 2.78 3.45
CA PRO F 9 9.55 1.46 3.22
C PRO F 9 10.51 0.30 3.49
N TYR F 10 11.81 0.58 3.66
CA TYR F 10 12.87 -0.44 3.88
C TYR F 10 12.97 -0.75 5.38
N ALA F 11 12.17 -0.10 6.24
CA ALA F 11 12.22 -0.28 7.70
C ALA F 11 11.73 -1.68 8.09
N ASP F 12 12.42 -2.33 9.04
CA ASP F 12 12.03 -3.65 9.60
C ASP F 12 11.00 -3.40 10.71
N LYS F 13 9.83 -4.00 10.59
CA LYS F 13 8.65 -3.78 11.47
C LYS F 13 8.59 -4.83 12.59
N GLY F 14 9.45 -5.86 12.58
CA GLY F 14 9.53 -6.87 13.66
C GLY F 14 8.24 -7.70 13.83
N LYS F 15 8.01 -8.24 15.03
CA LYS F 15 6.88 -9.16 15.32
C LYS F 15 5.67 -8.34 15.79
N CYS F 16 4.59 -8.35 15.00
CA CYS F 16 3.36 -7.53 15.21
C CYS F 16 2.24 -8.42 15.73
N GLY F 17 1.43 -7.92 16.66
CA GLY F 17 0.15 -8.55 17.03
C GLY F 17 0.30 -9.79 17.86
N LEU F 18 1.40 -9.93 18.61
CA LEU F 18 1.49 -11.01 19.63
C LEU F 18 0.33 -10.85 20.59
N PRO F 19 -0.18 -11.96 21.15
CA PRO F 19 -1.27 -11.88 22.12
C PRO F 19 -0.82 -11.15 23.39
N GLU F 20 -1.76 -10.44 24.00
CA GLU F 20 -1.57 -9.76 25.29
C GLU F 20 -1.66 -10.79 26.41
N ILE F 21 -0.93 -10.53 27.48
CA ILE F 21 -0.95 -11.32 28.74
C ILE F 21 -1.44 -10.38 29.84
N PHE F 22 -2.31 -10.87 30.70
CA PHE F 22 -2.83 -10.15 31.90
C PHE F 22 -2.53 -10.99 33.13
N ASP F 23 -1.63 -10.51 33.98
CA ASP F 23 -1.45 -11.08 35.32
C ASP F 23 -2.79 -11.02 36.04
N PRO F 24 -3.23 -12.12 36.69
CA PRO F 24 -4.46 -12.06 37.47
C PRO F 24 -4.28 -11.11 38.65
N PRO F 25 -5.39 -10.59 39.21
CA PRO F 25 -5.33 -9.50 40.19
C PRO F 25 -4.36 -9.71 41.37
N GLU F 26 -4.39 -10.88 42.03
CA GLU F 26 -3.56 -11.10 43.24
C GLU F 26 -2.09 -11.09 42.80
N GLU F 27 -1.78 -11.65 41.63
CA GLU F 27 -0.38 -11.70 41.13
C GLU F 27 0.05 -10.28 40.73
N LEU F 28 -0.83 -9.53 40.08
CA LEU F 28 -0.54 -8.14 39.69
C LEU F 28 -0.21 -7.34 40.96
N GLU F 29 -1.03 -7.48 42.01
CA GLU F 29 -0.82 -6.73 43.26
C GLU F 29 0.54 -7.08 43.87
N ARG F 30 0.89 -8.37 43.88
CA ARG F 30 2.18 -8.84 44.43
C ARG F 30 3.33 -8.20 43.64
N LYS F 31 3.23 -8.18 42.32
CA LYS F 31 4.34 -7.68 41.46
C LYS F 31 4.51 -6.16 41.62
N VAL F 32 3.41 -5.42 41.78
CA VAL F 32 3.54 -3.94 41.93
C VAL F 32 4.14 -3.62 43.32
N TRP F 33 3.80 -4.41 44.35
CA TRP F 33 4.47 -4.28 45.67
C TRP F 33 5.97 -4.56 45.50
N GLU F 34 6.33 -5.58 44.73
CA GLU F 34 7.76 -5.92 44.50
C GLU F 34 8.43 -4.77 43.73
N LEU F 35 7.74 -4.15 42.77
CA LEU F 35 8.29 -2.98 42.05
C LEU F 35 8.54 -1.85 43.05
N ALA F 36 7.60 -1.55 43.94
CA ALA F 36 7.81 -0.52 44.99
C ALA F 36 9.06 -0.85 45.82
N ARG F 37 9.24 -2.11 46.23
CA ARG F 37 10.43 -2.54 47.01
C ARG F 37 11.69 -2.20 46.21
N LEU F 38 11.73 -2.52 44.91
CA LEU F 38 12.93 -2.27 44.08
C LEU F 38 13.19 -0.76 43.96
N VAL F 39 12.15 0.04 43.82
CA VAL F 39 12.31 1.52 43.71
C VAL F 39 12.88 2.04 45.04
N TRP F 40 12.33 1.61 46.18
CA TRP F 40 12.78 2.09 47.52
C TRP F 40 14.25 1.74 47.73
N GLN F 41 14.69 0.58 47.25
CA GLN F 41 16.03 0.01 47.56
C GLN F 41 17.07 0.46 46.52
N SER F 42 16.67 1.05 45.40
CA SER F 42 17.63 1.41 44.32
C SER F 42 18.07 2.87 44.43
N SER F 43 19.33 3.15 44.12
CA SER F 43 19.96 4.49 44.21
C SER F 43 19.79 5.26 42.89
N SER F 44 19.88 4.57 41.75
CA SER F 44 19.84 5.20 40.40
C SER F 44 18.84 4.43 39.54
N VAL F 45 17.63 5.00 39.38
CA VAL F 45 16.50 4.36 38.66
C VAL F 45 16.37 5.04 37.29
N VAL F 46 16.40 4.26 36.22
CA VAL F 46 16.20 4.76 34.83
C VAL F 46 14.93 4.09 34.27
N PHE F 47 14.04 4.91 33.73
CA PHE F 47 12.82 4.45 33.04
C PHE F 47 13.10 4.54 31.53
N HIS F 48 12.56 3.57 30.83
CA HIS F 48 12.58 3.43 29.36
C HIS F 48 11.14 3.36 28.88
N THR F 49 10.70 4.31 28.06
CA THR F 49 9.27 4.35 27.63
C THR F 49 9.18 4.17 26.13
N GLY F 50 8.10 3.52 25.71
CA GLY F 50 7.69 3.41 24.30
C GLY F 50 6.23 3.71 24.16
N ALA F 51 5.68 3.37 23.01
CA ALA F 51 4.38 3.88 22.53
C ALA F 51 3.26 3.41 23.45
N GLY F 52 3.45 2.33 24.21
CA GLY F 52 2.37 1.81 25.07
C GLY F 52 1.99 2.78 26.19
N ILE F 53 2.84 3.74 26.55
CA ILE F 53 2.48 4.71 27.63
C ILE F 53 1.61 5.84 27.07
N SER F 54 1.36 5.91 25.76
CA SER F 54 0.50 6.99 25.17
C SER F 54 -0.77 6.41 24.55
N THR F 55 -0.96 5.08 24.58
CA THR F 55 -2.18 4.48 24.02
C THR F 55 -3.41 4.95 24.81
N ALA F 56 -3.32 5.12 26.13
CA ALA F 56 -4.46 5.57 26.96
C ALA F 56 -4.73 7.07 26.78
N SER F 57 -3.97 7.81 25.99
CA SER F 57 -4.30 9.20 25.57
C SER F 57 -4.76 9.26 24.10
N GLY F 58 -4.97 8.11 23.46
CA GLY F 58 -5.60 8.00 22.12
C GLY F 58 -4.58 7.85 21.00
N ILE F 59 -3.29 7.68 21.28
CA ILE F 59 -2.25 7.53 20.22
C ILE F 59 -1.91 6.05 20.09
N PRO F 60 -2.08 5.45 18.90
CA PRO F 60 -1.91 4.00 18.74
C PRO F 60 -0.43 3.61 18.82
N ASP F 61 -0.13 2.39 19.21
CA ASP F 61 1.25 1.87 19.22
C ASP F 61 1.55 1.28 17.82
N PHE F 62 2.67 0.58 17.68
CA PHE F 62 3.13 0.03 16.37
C PHE F 62 2.78 -1.46 16.27
N ARG F 63 2.93 -2.23 17.36
CA ARG F 63 2.91 -3.72 17.29
C ARG F 63 1.86 -4.32 18.21
N GLY F 64 1.09 -3.51 18.92
CA GLY F 64 -0.03 -4.03 19.72
C GLY F 64 -1.11 -4.60 18.81
N PRO F 65 -2.18 -5.18 19.39
CA PRO F 65 -3.26 -5.75 18.56
C PRO F 65 -3.82 -4.79 17.52
N HIS F 66 -3.91 -3.49 17.84
CA HIS F 66 -4.41 -2.46 16.90
C HIS F 66 -3.29 -1.47 16.59
N GLY F 67 -2.04 -1.92 16.69
CA GLY F 67 -0.87 -1.13 16.33
C GLY F 67 -0.84 -0.80 14.86
N VAL F 68 -0.07 0.23 14.49
CA VAL F 68 0.06 0.66 13.08
C VAL F 68 0.38 -0.57 12.19
N TRP F 69 1.43 -1.32 12.51
CA TRP F 69 1.92 -2.42 11.64
C TRP F 69 0.94 -3.60 11.70
N THR F 70 0.41 -3.92 12.88
CA THR F 70 -0.55 -5.03 13.06
C THR F 70 -1.76 -4.76 12.16
N MET F 71 -2.29 -3.53 12.16
CA MET F 71 -3.50 -3.20 11.39
C MET F 71 -3.17 -3.23 9.89
N GLU F 72 -2.02 -2.70 9.50
CA GLU F 72 -1.57 -2.66 8.09
C GLU F 72 -1.60 -4.09 7.50
N GLU F 73 -1.05 -5.07 8.25
CA GLU F 73 -1.03 -6.50 7.83
C GLU F 73 -2.44 -7.00 7.48
N ARG F 74 -3.47 -6.48 8.14
CA ARG F 74 -4.87 -6.93 7.97
C ARG F 74 -5.60 -6.06 6.93
N GLY F 75 -4.89 -5.11 6.31
CA GLY F 75 -5.47 -4.16 5.35
C GLY F 75 -6.34 -3.13 6.04
N LEU F 76 -6.06 -2.83 7.32
CA LEU F 76 -6.79 -1.81 8.12
C LEU F 76 -5.81 -0.67 8.47
N ALA F 77 -6.30 0.40 9.06
CA ALA F 77 -5.49 1.59 9.42
C ALA F 77 -5.41 1.66 10.94
N PRO F 78 -4.35 2.28 11.49
CA PRO F 78 -4.33 2.58 12.93
C PRO F 78 -5.37 3.68 13.17
N LYS F 79 -5.88 3.80 14.39
CA LYS F 79 -6.84 4.87 14.74
C LYS F 79 -6.20 5.82 15.76
N PHE F 80 -6.24 7.12 15.51
CA PHE F 80 -5.97 8.17 16.53
C PHE F 80 -7.29 8.65 17.12
N ASP F 81 -7.37 8.81 18.44
CA ASP F 81 -8.55 9.43 19.11
C ASP F 81 -8.20 10.86 19.53
N THR F 82 -7.06 11.36 19.06
CA THR F 82 -6.59 12.72 19.35
C THR F 82 -5.64 13.16 18.24
N THR F 83 -5.30 14.46 18.20
CA THR F 83 -4.11 14.92 17.46
C THR F 83 -2.94 14.92 18.44
N PHE F 84 -1.71 15.01 17.94
CA PHE F 84 -0.54 15.19 18.82
C PHE F 84 -0.73 16.46 19.67
N GLU F 85 -1.27 17.53 19.08
CA GLU F 85 -1.45 18.85 19.75
C GLU F 85 -2.51 18.78 20.85
N SER F 86 -3.57 18.00 20.66
CA SER F 86 -4.71 17.93 21.61
C SER F 86 -4.51 16.81 22.64
N ALA F 87 -3.50 15.96 22.48
CA ALA F 87 -3.23 14.83 23.40
C ALA F 87 -2.90 15.39 24.79
N ARG F 88 -3.36 14.73 25.84
CA ARG F 88 -2.91 15.07 27.22
C ARG F 88 -2.01 13.95 27.71
N PRO F 89 -1.04 14.27 28.58
CA PRO F 89 -0.21 13.23 29.20
C PRO F 89 -1.09 12.28 30.00
N THR F 90 -0.71 11.00 29.97
CA THR F 90 -1.41 9.95 30.75
C THR F 90 -1.04 10.08 32.24
N GLN F 91 -1.72 9.32 33.07
CA GLN F 91 -1.37 9.13 34.50
C GLN F 91 0.09 8.66 34.60
N THR F 92 0.53 7.79 33.70
CA THR F 92 1.93 7.29 33.67
C THR F 92 2.88 8.48 33.40
N HIS F 93 2.60 9.30 32.40
CA HIS F 93 3.45 10.49 32.07
C HIS F 93 3.60 11.36 33.33
N MET F 94 2.49 11.64 33.99
CA MET F 94 2.49 12.57 35.16
C MET F 94 3.11 11.88 36.37
N ALA F 95 2.98 10.56 36.51
CA ALA F 95 3.67 9.80 37.58
C ALA F 95 5.19 9.95 37.40
N LEU F 96 5.69 9.85 36.18
CA LEU F 96 7.14 9.95 35.91
C LEU F 96 7.60 11.37 36.26
N VAL F 97 6.78 12.38 36.00
CA VAL F 97 7.12 13.79 36.37
C VAL F 97 7.34 13.83 37.89
N GLN F 98 6.43 13.25 38.66
CA GLN F 98 6.50 13.29 40.14
C GLN F 98 7.70 12.47 40.63
N LEU F 99 7.96 11.30 40.04
CA LEU F 99 9.10 10.46 40.47
C LEU F 99 10.40 11.25 40.27
N GLU F 100 10.54 11.98 39.18
CA GLU F 100 11.74 12.83 38.95
C GLU F 100 11.76 13.94 40.02
N ARG F 101 10.62 14.57 40.30
CA ARG F 101 10.59 15.75 41.22
C ARG F 101 11.07 15.32 42.60
N VAL F 102 10.76 14.10 43.05
CA VAL F 102 11.08 13.67 44.44
C VAL F 102 12.40 12.88 44.46
N GLY F 103 13.11 12.77 43.33
CA GLY F 103 14.44 12.14 43.25
C GLY F 103 14.39 10.62 43.20
N LEU F 104 13.27 10.01 42.84
CA LEU F 104 13.20 8.53 42.71
C LEU F 104 13.47 8.10 41.26
N LEU F 105 13.58 9.03 40.32
CA LEU F 105 13.89 8.73 38.90
C LEU F 105 15.14 9.53 38.56
N ARG F 106 16.21 8.90 38.09
CA ARG F 106 17.48 9.61 37.76
C ARG F 106 17.46 10.04 36.29
N PHE F 107 16.93 9.23 35.39
CA PHE F 107 16.94 9.54 33.95
C PHE F 107 15.77 8.82 33.27
N LEU F 108 15.33 9.38 32.16
CA LEU F 108 14.22 8.84 31.33
C LEU F 108 14.68 8.75 29.87
N VAL F 109 14.61 7.55 29.32
CA VAL F 109 14.93 7.25 27.89
C VAL F 109 13.63 6.92 27.17
N SER F 110 13.26 7.68 26.15
CA SER F 110 12.01 7.41 25.42
C SER F 110 12.29 7.21 23.93
N GLN F 111 11.54 6.29 23.35
CA GLN F 111 11.47 6.07 21.89
C GLN F 111 10.34 6.88 21.29
N ASN F 112 9.53 7.57 22.09
CA ASN F 112 8.29 8.22 21.61
C ASN F 112 8.60 9.56 20.95
N VAL F 113 7.99 9.81 19.80
CA VAL F 113 8.10 11.11 19.08
C VAL F 113 6.87 11.99 19.40
N ASP F 114 5.94 11.51 20.25
CA ASP F 114 4.64 12.19 20.51
C ASP F 114 4.80 13.51 21.27
N GLY F 115 5.98 13.83 21.81
CA GLY F 115 6.23 15.12 22.49
C GLY F 115 5.59 15.23 23.88
N LEU F 116 5.00 14.16 24.41
CA LEU F 116 4.21 14.25 25.67
C LEU F 116 5.12 14.34 26.89
N HIS F 117 6.29 13.71 26.92
CA HIS F 117 7.19 13.84 28.10
C HIS F 117 7.55 15.32 28.26
N VAL F 118 8.01 15.97 27.20
CA VAL F 118 8.36 17.41 27.26
C VAL F 118 7.13 18.21 27.66
N ARG F 119 5.99 17.96 27.02
CA ARG F 119 4.80 18.80 27.23
C ARG F 119 4.22 18.57 28.64
N SER F 120 4.50 17.41 29.25
CA SER F 120 4.11 17.08 30.65
C SER F 120 4.87 17.93 31.66
N GLY F 121 5.96 18.60 31.26
CA GLY F 121 6.81 19.41 32.15
C GLY F 121 7.98 18.62 32.68
N PHE F 122 8.27 17.46 32.11
CA PHE F 122 9.43 16.64 32.51
C PHE F 122 10.71 17.34 32.09
N PRO F 123 11.72 17.49 32.97
CA PRO F 123 12.90 18.29 32.64
C PRO F 123 13.73 17.69 31.49
N ARG F 124 14.04 18.51 30.50
CA ARG F 124 14.70 18.05 29.25
C ARG F 124 16.12 17.56 29.57
N ASP F 125 16.77 18.05 30.62
CA ASP F 125 18.15 17.62 30.96
C ASP F 125 18.13 16.25 31.60
N LYS F 126 16.96 15.66 31.88
CA LYS F 126 16.93 14.24 32.37
C LYS F 126 16.20 13.34 31.37
N LEU F 127 16.08 13.78 30.13
CA LEU F 127 15.33 13.05 29.09
C LEU F 127 16.22 12.84 27.86
N ALA F 128 16.27 11.60 27.36
CA ALA F 128 16.78 11.30 26.00
C ALA F 128 15.60 10.92 25.11
N GLU F 129 15.38 11.67 24.04
CA GLU F 129 14.35 11.39 23.03
C GLU F 129 15.06 10.75 21.83
N LEU F 130 15.28 9.45 21.90
CA LEU F 130 16.21 8.74 20.97
C LEU F 130 15.71 8.79 19.52
N HIS F 131 14.39 8.89 19.28
CA HIS F 131 13.84 8.84 17.90
C HIS F 131 13.33 10.21 17.46
N GLY F 132 13.48 11.24 18.31
CA GLY F 132 13.04 12.62 18.00
C GLY F 132 11.77 13.00 18.73
N ASN F 133 11.30 14.21 18.41
CA ASN F 133 10.12 14.85 19.04
C ASN F 133 9.44 15.64 17.92
N MET F 134 8.19 15.31 17.62
CA MET F 134 7.41 15.90 16.51
C MET F 134 7.35 17.42 16.66
N PHE F 135 7.52 17.96 17.87
CA PHE F 135 7.35 19.42 18.16
C PHE F 135 8.71 20.15 18.15
N VAL F 136 9.82 19.43 18.00
CA VAL F 136 11.17 20.05 18.17
C VAL F 136 11.87 20.18 16.81
N GLU F 137 12.35 21.38 16.49
CA GLU F 137 13.25 21.61 15.34
C GLU F 137 14.57 22.15 15.86
N GLU F 138 15.63 21.90 15.11
CA GLU F 138 17.03 22.16 15.51
C GLU F 138 17.76 22.90 14.40
N CYS F 139 18.54 23.92 14.75
CA CYS F 139 19.37 24.69 13.79
C CYS F 139 20.54 23.83 13.33
N ALA F 140 20.64 23.59 12.03
CA ALA F 140 21.75 22.82 11.41
C ALA F 140 23.10 23.49 11.71
N LYS F 141 23.16 24.82 11.86
CA LYS F 141 24.42 25.59 12.09
C LYS F 141 24.82 25.59 13.58
N CYS F 142 23.98 26.10 14.51
CA CYS F 142 24.37 26.32 15.94
C CYS F 142 23.82 25.23 16.88
N LYS F 143 22.94 24.34 16.40
CA LYS F 143 22.37 23.20 17.17
C LYS F 143 21.33 23.68 18.20
N THR F 144 20.96 24.95 18.21
CA THR F 144 19.89 25.46 19.11
C THR F 144 18.58 24.74 18.75
N GLN F 145 17.86 24.25 19.75
CA GLN F 145 16.56 23.55 19.57
C GLN F 145 15.42 24.51 19.90
N TYR F 146 14.30 24.37 19.21
CA TYR F 146 13.06 25.13 19.43
C TYR F 146 11.95 24.11 19.71
N VAL F 147 11.28 24.24 20.84
CA VAL F 147 10.13 23.38 21.18
C VAL F 147 8.89 24.18 20.78
N ARG F 148 8.22 23.78 19.70
CA ARG F 148 7.04 24.51 19.18
C ARG F 148 5.75 24.02 19.83
N ASP F 149 4.70 24.82 19.72
CA ASP F 149 3.37 24.51 20.29
C ASP F 149 2.59 23.62 19.31
N THR F 150 3.09 23.42 18.09
CA THR F 150 2.45 22.57 17.06
C THR F 150 3.51 21.68 16.44
N VAL F 151 3.09 20.58 15.83
CA VAL F 151 4.04 19.60 15.22
C VAL F 151 4.76 20.32 14.10
N VAL F 152 6.05 20.13 14.04
CA VAL F 152 6.93 20.57 12.93
C VAL F 152 6.55 19.63 11.77
N GLY F 153 6.19 20.20 10.64
CA GLY F 153 5.48 19.44 9.60
C GLY F 153 6.40 18.59 8.73
N THR F 154 7.66 18.33 9.11
CA THR F 154 8.59 17.50 8.31
C THR F 154 9.12 16.35 9.16
N MET F 155 9.64 15.32 8.50
CA MET F 155 10.30 14.16 9.13
C MET F 155 11.53 13.80 8.29
N GLY F 156 12.49 13.11 8.91
CA GLY F 156 13.72 12.65 8.24
C GLY F 156 14.78 13.72 8.27
N LEU F 157 14.74 14.63 9.25
CA LEU F 157 15.79 15.66 9.50
C LEU F 157 15.90 16.60 8.30
N LYS F 158 14.77 17.04 7.77
CA LYS F 158 14.68 17.95 6.60
C LYS F 158 14.47 19.39 7.09
N ALA F 159 14.74 20.37 6.22
CA ALA F 159 14.46 21.81 6.42
C ALA F 159 12.95 21.98 6.65
N THR F 160 12.56 22.75 7.65
CA THR F 160 11.13 22.99 7.98
C THR F 160 10.63 24.23 7.23
N GLY F 161 11.55 25.08 6.77
CA GLY F 161 11.21 26.35 6.11
C GLY F 161 11.48 27.52 7.01
N ARG F 162 11.71 27.30 8.31
CA ARG F 162 11.99 28.40 9.28
C ARG F 162 13.50 28.49 9.47
N LEU F 163 13.96 29.65 9.91
CA LEU F 163 15.39 29.94 10.11
C LEU F 163 15.64 30.24 11.58
N CYS F 164 16.86 29.99 12.02
CA CYS F 164 17.30 30.22 13.41
C CYS F 164 17.25 31.71 13.73
N THR F 165 16.86 32.06 14.96
CA THR F 165 16.64 33.45 15.42
C THR F 165 17.58 33.77 16.58
N VAL F 166 18.59 32.96 16.86
CA VAL F 166 19.61 33.25 17.91
C VAL F 166 20.49 34.40 17.38
N ALA F 167 20.82 35.38 18.21
CA ALA F 167 21.77 36.47 17.88
C ALA F 167 23.18 36.07 18.31
N CYS F 175 21.80 34.29 13.48
CA CYS F 175 22.37 32.98 13.01
C CYS F 175 21.81 32.66 11.63
N ARG F 176 20.48 32.64 11.50
CA ARG F 176 19.76 32.38 10.23
C ARG F 176 20.05 30.95 9.72
N GLY F 177 20.65 30.08 10.52
CA GLY F 177 20.82 28.65 10.19
C GLY F 177 19.48 28.01 9.83
N GLU F 178 19.54 26.93 9.05
CA GLU F 178 18.34 26.20 8.56
C GLU F 178 17.81 25.35 9.73
N LEU F 179 16.54 25.53 10.10
CA LEU F 179 15.90 24.67 11.15
C LEU F 179 15.47 23.37 10.47
N ARG F 180 15.73 22.25 11.14
CA ARG F 180 15.35 20.92 10.64
C ARG F 180 14.59 20.17 11.72
N ASP F 181 13.71 19.27 11.32
CA ASP F 181 12.98 18.40 12.26
C ASP F 181 14.00 17.46 12.90
N THR F 182 13.61 16.77 13.96
CA THR F 182 14.47 15.85 14.73
C THR F 182 13.92 14.43 14.61
N ILE F 183 12.98 14.20 13.68
CA ILE F 183 12.37 12.84 13.47
C ILE F 183 13.31 11.99 12.59
N LEU F 184 13.98 11.01 13.20
CA LEU F 184 14.81 10.03 12.46
C LEU F 184 13.91 9.26 11.48
N ASP F 185 14.39 9.04 10.25
CA ASP F 185 13.84 8.02 9.34
C ASP F 185 14.63 6.72 9.57
N TRP F 186 14.22 5.60 8.99
CA TRP F 186 14.84 4.27 9.27
C TRP F 186 16.38 4.34 9.14
N GLU F 187 16.89 5.04 8.13
CA GLU F 187 18.34 5.00 7.78
C GLU F 187 19.16 5.88 8.75
N ASP F 188 18.53 6.78 9.50
CA ASP F 188 19.22 7.85 10.26
C ASP F 188 19.83 7.23 11.54
N SER F 189 21.08 7.57 11.85
CA SER F 189 21.74 7.26 13.14
C SER F 189 21.09 8.11 14.25
N LEU F 190 21.10 7.58 15.47
CA LEU F 190 20.47 8.23 16.65
C LEU F 190 21.23 9.52 16.98
N PRO F 191 20.56 10.56 17.53
CA PRO F 191 21.27 11.77 17.95
C PRO F 191 22.38 11.37 18.93
N ASP F 192 23.63 11.79 18.70
CA ASP F 192 24.80 11.29 19.45
C ASP F 192 24.73 11.71 20.92
N ARG F 193 24.32 12.94 21.21
CA ARG F 193 24.23 13.46 22.59
C ARG F 193 23.20 12.63 23.37
N ASP F 194 21.95 12.53 22.87
CA ASP F 194 20.87 11.77 23.56
C ASP F 194 21.32 10.32 23.76
N LEU F 195 21.90 9.67 22.76
CA LEU F 195 22.30 8.23 22.86
C LEU F 195 23.41 8.09 23.91
N ALA F 196 24.40 8.98 23.92
CA ALA F 196 25.52 8.92 24.88
C ALA F 196 24.96 9.09 26.30
N LEU F 197 24.06 10.05 26.50
CA LEU F 197 23.45 10.27 27.84
C LEU F 197 22.63 9.03 28.22
N ALA F 198 21.86 8.45 27.30
CA ALA F 198 20.99 7.29 27.58
C ALA F 198 21.89 6.09 27.95
N ASP F 199 22.98 5.91 27.20
CA ASP F 199 23.91 4.77 27.45
C ASP F 199 24.56 4.94 28.82
N GLU F 200 25.06 6.14 29.14
CA GLU F 200 25.67 6.44 30.47
C GLU F 200 24.65 6.15 31.58
N ALA F 201 23.43 6.70 31.46
CA ALA F 201 22.39 6.51 32.50
C ALA F 201 22.08 5.03 32.67
N SER F 202 21.96 4.28 31.56
CA SER F 202 21.57 2.85 31.60
C SER F 202 22.69 2.03 32.25
N ARG F 203 23.96 2.32 31.92
CA ARG F 203 25.13 1.58 32.47
C ARG F 203 25.27 1.86 33.97
N ASN F 204 24.96 3.09 34.42
CA ASN F 204 25.12 3.57 35.81
C ASN F 204 23.92 3.16 36.68
N ALA F 205 22.77 2.79 36.09
CA ALA F 205 21.54 2.50 36.86
C ALA F 205 21.73 1.22 37.68
N ASP F 206 21.18 1.17 38.89
CA ASP F 206 20.99 -0.07 39.65
C ASP F 206 19.65 -0.71 39.25
N LEU F 207 18.73 0.09 38.70
CA LEU F 207 17.39 -0.40 38.29
C LEU F 207 16.96 0.28 36.99
N SER F 208 16.66 -0.52 35.96
CA SER F 208 16.03 -0.07 34.69
C SER F 208 14.60 -0.63 34.68
N ILE F 209 13.62 0.23 34.43
CA ILE F 209 12.19 -0.15 34.31
C ILE F 209 11.73 0.23 32.91
N THR F 210 11.22 -0.73 32.13
CA THR F 210 10.67 -0.47 30.77
C THR F 210 9.15 -0.41 30.91
N LEU F 211 8.54 0.55 30.23
CA LEU F 211 7.08 0.77 30.25
C LEU F 211 6.59 0.86 28.79
N GLY F 212 5.73 -0.05 28.38
CA GLY F 212 5.03 0.08 27.09
C GLY F 212 5.98 0.14 25.92
N THR F 213 7.02 -0.68 25.93
CA THR F 213 7.88 -0.91 24.74
C THR F 213 8.08 -2.43 24.56
N SER F 214 8.04 -2.88 23.32
CA SER F 214 8.28 -4.29 22.94
C SER F 214 9.79 -4.56 22.87
N LEU F 215 10.61 -3.51 22.95
CA LEU F 215 12.12 -3.57 22.97
C LEU F 215 12.66 -4.25 21.69
N GLN F 216 11.93 -4.14 20.58
CA GLN F 216 12.29 -4.82 19.31
C GLN F 216 13.21 -3.93 18.48
N ILE F 217 13.29 -2.63 18.76
CA ILE F 217 14.03 -1.69 17.87
C ILE F 217 15.36 -1.34 18.54
N ARG F 218 16.47 -1.60 17.82
CA ARG F 218 17.86 -1.39 18.26
C ARG F 218 18.26 0.03 17.85
N PRO F 219 19.19 0.69 18.57
CA PRO F 219 19.74 0.20 19.83
C PRO F 219 18.90 0.53 21.08
N SER F 220 17.83 1.31 20.92
CA SER F 220 16.96 1.79 22.02
C SER F 220 16.53 0.61 22.90
N GLY F 221 16.05 -0.47 22.28
CA GLY F 221 15.51 -1.66 22.98
C GLY F 221 16.55 -2.42 23.77
N ASN F 222 17.84 -2.21 23.52
CA ASN F 222 18.94 -2.96 24.19
C ASN F 222 19.51 -2.17 25.37
N LEU F 223 19.21 -0.87 25.48
CA LEU F 223 19.78 -0.04 26.57
C LEU F 223 19.43 -0.61 27.94
N PRO F 224 18.20 -1.10 28.20
CA PRO F 224 17.89 -1.64 29.52
C PRO F 224 18.77 -2.84 29.89
N LEU F 225 19.26 -3.59 28.89
CA LEU F 225 20.20 -4.73 29.11
C LEU F 225 21.53 -4.22 29.65
N ALA F 226 21.96 -3.01 29.28
CA ALA F 226 23.24 -2.45 29.77
C ALA F 226 23.21 -2.41 31.30
N THR F 227 22.04 -2.13 31.88
CA THR F 227 21.84 -2.13 33.36
C THR F 227 22.11 -3.54 33.92
N LYS F 228 21.56 -4.56 33.27
CA LYS F 228 21.66 -5.98 33.69
C LYS F 228 23.11 -6.43 33.59
N ARG F 229 23.76 -6.13 32.47
CA ARG F 229 25.16 -6.55 32.20
C ARG F 229 26.07 -6.05 33.33
N ARG F 230 25.74 -4.94 33.99
CA ARG F 230 26.59 -4.37 35.07
C ARG F 230 26.08 -4.78 36.46
N GLY F 231 25.15 -5.72 36.56
CA GLY F 231 24.66 -6.25 37.85
C GLY F 231 23.44 -5.52 38.40
N GLY F 232 22.89 -4.55 37.67
CA GLY F 232 21.62 -3.88 38.02
C GLY F 232 20.42 -4.78 37.77
N ARG F 233 19.24 -4.37 38.21
CA ARG F 233 17.99 -5.15 38.03
C ARG F 233 17.18 -4.56 36.87
N LEU F 234 16.34 -5.39 36.26
CA LEU F 234 15.53 -5.05 35.06
C LEU F 234 14.09 -5.44 35.32
N VAL F 235 13.18 -4.48 35.18
CA VAL F 235 11.72 -4.69 35.29
C VAL F 235 11.13 -4.32 33.93
N ILE F 236 10.27 -5.20 33.40
CA ILE F 236 9.58 -4.97 32.12
C ILE F 236 8.09 -4.92 32.45
N VAL F 237 7.46 -3.79 32.10
CA VAL F 237 5.99 -3.62 32.22
C VAL F 237 5.45 -3.53 30.81
N ASN F 238 4.63 -4.49 30.41
CA ASN F 238 4.13 -4.56 29.02
C ASN F 238 2.98 -5.55 28.93
N LEU F 239 1.99 -5.29 28.09
CA LEU F 239 0.88 -6.25 27.86
C LEU F 239 1.36 -7.42 27.00
N GLN F 240 2.16 -7.15 25.98
CA GLN F 240 2.71 -8.22 25.11
C GLN F 240 4.04 -8.70 25.66
N PRO F 241 4.48 -9.90 25.24
CA PRO F 241 5.89 -10.31 25.38
C PRO F 241 6.78 -9.23 24.79
N THR F 242 8.02 -9.16 25.25
CA THR F 242 9.06 -8.28 24.70
C THR F 242 10.26 -9.12 24.30
N LYS F 243 11.12 -8.54 23.47
CA LYS F 243 12.36 -9.22 22.99
C LYS F 243 13.18 -9.72 24.19
N HIS F 244 13.22 -9.01 25.32
CA HIS F 244 14.20 -9.26 26.41
C HIS F 244 13.53 -9.83 27.66
N ASP F 245 12.34 -10.41 27.54
CA ASP F 245 11.61 -11.01 28.69
C ASP F 245 12.52 -11.90 29.53
N ARG F 246 13.34 -12.72 28.90
CA ARG F 246 14.16 -13.73 29.63
C ARG F 246 15.14 -13.03 30.57
N HIS F 247 15.52 -11.76 30.32
CA HIS F 247 16.56 -11.07 31.13
C HIS F 247 15.95 -10.29 32.30
N ALA F 248 14.62 -10.18 32.39
CA ALA F 248 13.94 -9.37 33.40
C ALA F 248 13.99 -10.08 34.75
N ASP F 249 14.23 -9.34 35.82
CA ASP F 249 14.08 -9.81 37.21
C ASP F 249 12.60 -9.84 37.54
N LEU F 250 11.80 -8.99 36.89
CA LEU F 250 10.35 -8.85 37.21
C LEU F 250 9.65 -8.45 35.92
N ARG F 251 8.61 -9.18 35.57
CA ARG F 251 7.77 -8.94 34.37
C ARG F 251 6.35 -8.67 34.86
N ILE F 252 5.80 -7.50 34.52
CA ILE F 252 4.42 -7.14 34.93
C ILE F 252 3.59 -6.99 33.67
N HIS F 253 2.55 -7.80 33.58
CA HIS F 253 1.61 -7.86 32.42
C HIS F 253 0.31 -7.21 32.86
N GLY F 254 0.15 -5.94 32.53
CA GLY F 254 -1.00 -5.12 32.93
C GLY F 254 -0.95 -3.78 32.24
N TYR F 255 -2.03 -3.03 32.31
CA TYR F 255 -2.10 -1.64 31.79
C TYR F 255 -1.15 -0.79 32.60
N VAL F 256 -0.27 -0.08 31.90
CA VAL F 256 0.81 0.70 32.58
C VAL F 256 0.19 1.73 33.53
N ASP F 257 -0.95 2.34 33.20
CA ASP F 257 -1.58 3.33 34.11
C ASP F 257 -2.03 2.64 35.40
N GLU F 258 -2.55 1.42 35.34
CA GLU F 258 -2.96 0.68 36.55
C GLU F 258 -1.70 0.38 37.39
N VAL F 259 -0.64 -0.08 36.74
CA VAL F 259 0.63 -0.40 37.45
C VAL F 259 1.17 0.88 38.10
N MET F 260 1.24 1.99 37.36
CA MET F 260 1.92 3.21 37.86
C MET F 260 1.07 3.88 38.92
N THR F 261 -0.28 3.87 38.83
CA THR F 261 -1.12 4.49 39.89
C THR F 261 -1.00 3.66 41.17
N ARG F 262 -0.97 2.32 41.07
CA ARG F 262 -0.80 1.47 42.28
C ARG F 262 0.61 1.70 42.86
N LEU F 263 1.64 1.78 42.02
CA LEU F 263 3.01 2.08 42.51
C LEU F 263 3.03 3.41 43.28
N MET F 264 2.44 4.46 42.72
CA MET F 264 2.46 5.80 43.35
C MET F 264 1.74 5.74 44.70
N LYS F 265 0.65 4.98 44.80
CA LYS F 265 -0.06 4.78 46.10
C LYS F 265 0.88 4.11 47.10
N HIS F 266 1.58 3.04 46.71
CA HIS F 266 2.56 2.38 47.62
C HIS F 266 3.63 3.39 48.05
N LEU F 267 4.13 4.23 47.14
CA LEU F 267 5.20 5.20 47.46
C LEU F 267 4.67 6.38 48.28
N GLY F 268 3.35 6.52 48.42
CA GLY F 268 2.74 7.64 49.17
C GLY F 268 2.83 8.92 48.38
N LEU F 269 2.84 8.85 47.05
CA LEU F 269 3.03 10.04 46.18
C LEU F 269 1.73 10.34 45.41
N GLU F 270 1.40 11.61 45.26
CA GLU F 270 0.27 12.08 44.43
C GLU F 270 0.75 12.17 42.98
N ILE F 271 -0.14 11.91 42.04
CA ILE F 271 0.14 12.20 40.62
C ILE F 271 -0.24 13.65 40.39
N PRO F 272 0.69 14.53 40.01
CA PRO F 272 0.41 15.96 39.94
C PRO F 272 -0.51 16.32 38.77
N ALA F 273 -1.18 17.47 38.95
CA ALA F 273 -2.06 18.11 37.95
C ALA F 273 -1.21 18.49 36.73
N TRP F 274 -1.77 18.39 35.54
CA TRP F 274 -1.08 18.90 34.32
C TRP F 274 -1.57 20.31 34.05
N ASP F 275 -0.65 21.28 33.99
CA ASP F 275 -0.95 22.72 33.80
C ASP F 275 -1.08 23.04 32.30
N GLY F 276 -1.31 22.06 31.41
CA GLY F 276 -1.28 22.26 29.95
C GLY F 276 0.16 22.24 29.47
N PRO F 277 0.44 22.36 28.16
CA PRO F 277 1.80 22.16 27.66
C PRO F 277 2.77 23.16 28.28
N ARG F 278 3.86 22.67 28.84
CA ARG F 278 4.90 23.48 29.51
C ARG F 278 6.25 22.82 29.27
N VAL F 279 7.26 23.63 29.00
CA VAL F 279 8.64 23.18 28.70
C VAL F 279 9.53 23.55 29.88
N LEU F 280 10.18 22.56 30.48
CA LEU F 280 11.16 22.77 31.55
C LEU F 280 12.51 22.27 31.04
N GLU F 281 13.48 23.17 30.89
CA GLU F 281 14.83 22.83 30.38
C GLU F 281 15.61 22.04 31.42
N ARG F 282 15.56 22.42 32.70
CA ARG F 282 16.49 21.89 33.74
C ARG F 282 15.73 21.44 34.99
N ALA F 283 16.07 20.27 35.49
CA ALA F 283 15.52 19.65 36.72
C ALA F 283 15.85 20.55 37.90
N LEU F 284 15.02 20.53 38.94
CA LEU F 284 15.29 21.15 40.28
C LEU F 284 15.90 20.13 41.22
N PRO F 285 16.49 20.57 42.36
CA PRO F 285 16.83 19.64 43.43
C PRO F 285 15.55 18.95 43.90
N PRO F 286 15.64 17.69 44.38
CA PRO F 286 14.45 16.94 44.75
C PRO F 286 13.58 17.59 45.83
N LEU F 287 12.26 17.48 45.64
CA LEU F 287 11.24 17.83 46.64
C LEU F 287 11.23 16.79 47.76
N PRO F 288 10.61 17.11 48.91
CA PRO F 288 10.48 16.14 49.99
C PRO F 288 9.69 14.91 49.55
N ARG F 289 10.01 13.75 50.11
CA ARG F 289 9.23 12.53 49.83
C ARG F 289 9.01 11.75 51.12
N PRO F 290 7.99 10.88 51.14
CA PRO F 290 7.68 10.16 52.37
C PRO F 290 8.88 9.32 52.81
N PRO F 291 9.03 9.08 54.11
CA PRO F 291 10.06 8.16 54.59
C PRO F 291 9.71 6.75 54.10
N THR F 292 10.73 5.90 54.04
CA THR F 292 10.67 4.57 53.37
C THR F 292 10.23 3.52 54.37
N PRO F 293 9.45 2.50 53.95
CA PRO F 293 9.05 1.43 54.86
C PRO F 293 10.25 0.55 55.26
N LYS F 294 10.11 -0.13 56.39
CA LYS F 294 11.03 -1.20 56.84
C LYS F 294 10.67 -2.45 56.03
N LEU F 295 11.52 -2.88 55.12
CA LEU F 295 11.26 -4.08 54.28
C LEU F 295 11.91 -5.32 54.90
N GLU F 296 11.15 -6.42 54.98
CA GLU F 296 11.43 -7.69 55.71
C GLU F 296 11.10 -7.46 57.21
N1 AR6 G . -4.95 -21.48 0.88
C2 AR6 G . -5.91 -20.78 1.49
N3 AR6 G . -6.70 -19.81 1.01
C4 AR6 G . -6.45 -19.61 -0.30
C5 AR6 G . -5.50 -20.28 -1.07
C6 AR6 G . -4.70 -21.25 -0.43
N6 AR6 G . -3.78 -21.99 -1.07
N7 AR6 G . -5.53 -19.80 -2.38
C8 AR6 G . -6.49 -18.92 -2.38
N9 AR6 G . -7.07 -18.73 -1.14
PA AR6 G . -12.76 -16.54 -4.40
PB AR6 G . -14.78 -18.59 -4.49
C1' AR6 G . -8.22 -17.89 -0.83
O1A AR6 G . -13.87 -15.58 -4.10
O1B AR6 G . -14.67 -20.07 -4.84
C1D AR6 G . -17.39 -16.94 -8.94
O1D AR6 G . -18.40 -16.12 -9.55
C2' AR6 G . -8.19 -16.47 -1.38
O2' AR6 G . -7.60 -15.64 -0.42
O2A AR6 G . -11.63 -16.22 -5.29
O2B AR6 G . -15.11 -18.22 -3.09
C2D AR6 G . -17.57 -18.44 -9.23
O2D AR6 G . -18.91 -18.83 -9.52
C3' AR6 G . -9.68 -16.15 -1.62
O3' AR6 G . -10.25 -15.34 -0.61
O3A AR6 G . -13.41 -17.91 -4.92
C3D AR6 G . -17.11 -19.10 -7.93
O3D AR6 G . -17.58 -20.43 -7.71
C4' AR6 G . -10.37 -17.51 -1.58
O4' AR6 G . -9.32 -18.48 -1.46
C4D AR6 G . -17.73 -18.11 -6.93
O4D AR6 G . -17.49 -16.81 -7.53
C5' AR6 G . -11.15 -17.86 -2.81
O5' AR6 G . -12.23 -16.93 -2.95
C5D AR6 G . -17.19 -18.15 -5.52
O5D AR6 G . -15.77 -17.87 -5.53
ZN ZN H . -31.56 -38.56 -22.18
N1 NCA I . -10.91 -20.03 -11.78
C2 NCA I . -11.14 -21.10 -10.91
C3 NCA I . -12.01 -22.14 -11.24
C4 NCA I . -12.64 -22.10 -12.48
C5 NCA I . -12.40 -21.04 -13.38
C6 NCA I . -11.52 -20.01 -13.01
C7 NCA I . -12.26 -23.34 -10.25
O7 NCA I . -13.30 -24.01 -10.40
N7 NCA I . -11.38 -23.68 -9.24
C1 GOL J . -3.95 -41.52 18.12
O1 GOL J . -4.84 -42.53 17.64
C2 GOL J . -3.84 -40.37 17.13
O2 GOL J . -3.48 -40.87 15.84
C3 GOL J . -5.12 -39.56 17.02
O3 GOL J . -6.28 -40.36 16.84
C1 GOL K . -24.21 -18.31 -10.27
O1 GOL K . -24.73 -18.09 -8.96
C2 GOL K . -22.70 -18.45 -10.24
O2 GOL K . -22.17 -18.47 -11.58
C3 GOL K . -22.01 -17.36 -9.48
O3 GOL K . -21.15 -16.60 -10.34
S SO4 L . -7.92 -14.28 14.08
O1 SO4 L . -8.51 -15.48 14.63
O2 SO4 L . -7.90 -13.25 15.09
O3 SO4 L . -6.56 -14.55 13.67
O4 SO4 L . -8.66 -13.83 12.94
S SO4 M . -17.44 -29.77 -26.88
O1 SO4 M . -17.87 -30.03 -25.48
O2 SO4 M . -17.64 -28.38 -27.19
O3 SO4 M . -16.05 -30.11 -27.06
O4 SO4 M . -18.21 -30.58 -27.79
N1 AR6 N . 4.79 -25.74 -18.62
C2 AR6 N . 5.70 -25.29 -19.50
N3 AR6 N . 6.48 -24.22 -19.45
C4 AR6 N . 6.23 -23.52 -18.33
C5 AR6 N . 5.33 -23.85 -17.34
C6 AR6 N . 4.56 -25.01 -17.50
N6 AR6 N . 3.72 -25.48 -16.58
N7 AR6 N . 5.38 -22.89 -16.33
C8 AR6 N . 6.30 -22.05 -16.73
N9 AR6 N . 6.83 -22.35 -17.94
PA AR6 N . 12.42 -18.81 -16.00
PB AR6 N . 14.53 -20.58 -15.06
C1' AR6 N . 7.97 -21.73 -18.59
O1A AR6 N . 13.48 -17.96 -16.63
O1B AR6 N . 14.47 -21.77 -14.17
C1D AR6 N . 17.07 -17.11 -11.65
O1D AR6 N . 18.18 -16.31 -11.39
C2' AR6 N . 7.93 -20.20 -18.74
O2' AR6 N . 7.26 -19.88 -19.95
O2A AR6 N . 11.28 -18.24 -15.27
O2B AR6 N . 14.93 -20.80 -16.49
C2D AR6 N . 17.16 -18.37 -10.78
O2D AR6 N . 18.46 -18.56 -10.29
C3' AR6 N . 9.39 -19.79 -18.66
O3' AR6 N . 9.90 -19.52 -19.96
O3A AR6 N . 13.11 -19.85 -14.98
C3D AR6 N . 16.72 -19.49 -11.70
O3D AR6 N . 17.28 -20.74 -11.32
C4' AR6 N . 10.11 -21.00 -18.04
O4' AR6 N . 9.09 -22.00 -17.76
C4D AR6 N . 17.32 -18.99 -13.01
O4D AR6 N . 17.08 -17.57 -13.00
C5' AR6 N . 10.86 -20.72 -16.78
O5' AR6 N . 11.93 -19.81 -17.13
C5D AR6 N . 16.79 -19.64 -14.26
O5D AR6 N . 15.38 -19.43 -14.38
ZN ZN O . 32.09 -30.85 8.73
N1 NCA P . 10.70 -19.12 -7.83
C2 NCA P . 10.98 -20.39 -8.21
C3 NCA P . 11.80 -21.21 -7.42
C4 NCA P . 12.31 -20.63 -6.25
C5 NCA P . 12.03 -19.32 -5.89
C6 NCA P . 11.20 -18.56 -6.70
C7 NCA P . 12.11 -22.69 -7.76
O7 NCA P . 13.13 -23.21 -7.29
N7 NCA P . 11.23 -23.41 -8.53
C1 GOL Q . 7.91 -20.36 0.86
O1 GOL Q . 8.13 -21.07 2.08
C2 GOL Q . 7.05 -19.13 1.04
O2 GOL Q . 7.60 -18.09 0.25
C3 GOL Q . 5.61 -19.36 0.64
O3 GOL Q . 4.77 -18.24 0.87
C1 GOL R . 22.24 -17.13 -11.02
O1 GOL R . 21.80 -18.19 -10.19
C2 GOL R . 23.72 -17.25 -11.31
O2 GOL R . 24.18 -16.14 -12.07
C3 GOL R . 24.56 -17.37 -10.07
O3 GOL R . 25.95 -17.17 -10.35
S SO4 S . 7.94 -24.82 -33.95
O1 SO4 S . 6.76 -25.44 -33.46
O2 SO4 S . 8.52 -23.97 -32.94
O3 SO4 S . 8.84 -25.86 -34.35
O4 SO4 S . 7.60 -24.01 -35.07
S SO4 T . 0.51 -39.31 -5.30
O1 SO4 T . 0.71 -40.70 -4.97
O2 SO4 T . 0.31 -38.59 -4.07
O3 SO4 T . 1.68 -38.74 -5.95
O4 SO4 T . -0.66 -39.18 -6.14
S SO4 U . 27.45 -44.20 -22.66
O1 SO4 U . 27.57 -44.71 -21.32
O2 SO4 U . 28.00 -42.86 -22.71
O3 SO4 U . 28.18 -45.05 -23.56
O4 SO4 U . 26.06 -44.17 -23.05
S SO4 V . 27.60 -42.69 -16.76
O1 SO4 V . 27.93 -42.72 -15.35
O2 SO4 V . 26.57 -41.71 -16.98
O3 SO4 V . 28.77 -42.34 -17.52
O4 SO4 V . 27.13 -43.98 -17.16
S SO4 W . 28.99 -20.69 -20.73
O1 SO4 W . 29.18 -19.55 -19.85
O2 SO4 W . 29.66 -21.84 -20.19
O3 SO4 W . 29.53 -20.41 -22.04
O4 SO4 W . 27.58 -20.98 -20.84
S SO4 X . -0.31 -16.74 -10.53
O1 SO4 X . -0.09 -16.83 -9.12
O2 SO4 X . -0.19 -15.37 -10.96
O3 SO4 X . 0.67 -17.55 -11.21
O4 SO4 X . -1.66 -17.20 -10.83
S SO4 Y . 17.95 -21.73 10.19
O1 SO4 Y . 18.99 -22.09 11.12
O2 SO4 Y . 16.69 -22.06 10.80
O3 SO4 Y . 18.14 -22.47 8.94
O4 SO4 Y . 18.03 -20.30 9.93
N1 AR6 Z . 0.34 8.81 -17.02
C2 AR6 Z . -0.67 8.09 -16.52
N3 AR6 Z . -1.22 8.15 -15.30
C4 AR6 Z . -0.63 9.09 -14.56
C5 AR6 Z . 0.41 9.91 -14.93
C6 AR6 Z . 0.93 9.74 -16.24
N6 AR6 Z . 1.91 10.50 -16.74
N7 AR6 Z . 0.76 10.78 -13.90
C8 AR6 Z . -0.10 10.51 -12.96
N9 AR6 Z . -0.93 9.45 -13.27
PA AR6 Z . -5.30 12.11 -8.60
PB AR6 Z . -7.41 13.58 -9.91
C1' AR6 Z . -2.04 9.00 -12.49
O1A AR6 Z . -6.35 11.63 -7.65
O1B AR6 Z . -7.45 14.59 -11.02
C1D AR6 Z . -8.46 16.82 -5.86
O1D AR6 Z . -9.09 17.09 -4.63
C2' AR6 Z . -1.73 8.68 -11.02
O2' AR6 Z . -1.35 7.33 -10.93
O2A AR6 Z . -3.95 12.54 -8.14
O2B AR6 Z . -8.08 12.29 -10.15
C2D AR6 Z . -8.76 17.91 -6.89
O2D AR6 Z . -9.97 18.62 -6.71
C3' AR6 Z . -3.05 9.05 -10.31
O3' AR6 Z . -3.81 7.91 -9.97
O3A AR6 Z . -5.88 13.33 -9.46
C3D AR6 Z . -8.78 17.10 -8.18
O3D AR6 Z . -9.45 17.79 -9.19
C4' AR6 Z . -3.84 9.90 -11.33
O4' AR6 Z . -2.98 10.05 -12.48
C4D AR6 Z . -9.52 15.85 -7.71
O4D AR6 Z . -8.98 15.63 -6.37
C5' AR6 Z . -4.26 11.26 -10.86
O5' AR6 Z . -5.17 11.03 -9.76
C5D AR6 Z . -9.34 14.59 -8.52
O5D AR6 Z . -7.94 14.29 -8.58
ZN ZN AA . -21.10 41.30 -15.09
N1 NCA BA . -2.02 19.82 -8.69
C2 NCA BA . -2.58 19.63 -9.92
C3 NCA BA . -3.42 20.63 -10.45
C4 NCA BA . -3.63 21.77 -9.68
C5 NCA BA . -3.04 21.93 -8.43
C6 NCA BA . -2.20 20.93 -7.96
C7 NCA BA . -4.03 20.49 -11.88
O7 NCA BA . -5.06 21.14 -12.20
N7 NCA BA . -3.40 19.66 -12.79
S SO4 CA . -24.33 27.34 -11.56
O1 SO4 CA . -25.23 26.48 -10.82
O2 SO4 CA . -23.27 27.78 -10.68
O3 SO4 CA . -23.75 26.63 -12.68
O4 SO4 CA . -25.06 28.48 -12.06
S SO4 DA . 8.38 14.97 -8.57
O1 SO4 DA . 8.44 14.47 -7.21
O2 SO4 DA . 8.34 16.40 -8.54
O3 SO4 DA . 9.58 14.58 -9.28
O4 SO4 DA . 7.24 14.46 -9.26
S SO4 EA . -5.39 38.87 -8.59
O1 SO4 EA . -6.10 38.82 -7.32
O2 SO4 EA . -5.48 40.20 -9.14
O3 SO4 EA . -4.01 38.55 -8.43
O4 SO4 EA . -6.01 37.92 -9.50
N1 AR6 FA . -14.05 13.28 19.00
C2 AR6 FA . -15.23 13.39 18.37
N3 AR6 FA . -16.06 12.43 17.98
C4 AR6 FA . -15.59 11.21 18.32
C5 AR6 FA . -14.42 10.95 18.98
C6 AR6 FA . -13.61 12.04 19.35
N6 AR6 FA . -12.47 11.92 20.05
N7 AR6 FA . -14.27 9.58 19.16
C8 AR6 FA . -15.37 9.07 18.67
N9 AR6 FA . -16.16 9.98 18.10
PA AR6 FA . -21.27 5.45 18.94
PB AR6 FA . -22.88 6.16 21.25
C1' AR6 FA . -17.43 9.73 17.53
O1A AR6 FA . -22.59 5.09 18.35
O1B AR6 FA . -22.54 6.59 22.66
C1D AR6 FA . -24.72 1.21 22.37
O1D AR6 FA . -25.73 0.22 22.26
C2' AR6 FA . -17.54 8.58 16.51
O2' AR6 FA . -17.33 9.03 15.19
O2A AR6 FA . -20.02 4.65 18.85
O2B AR6 FA . -23.56 7.17 20.42
C2D AR6 FA . -24.49 1.60 23.85
O2D AR6 FA . -25.61 1.33 24.67
C3' AR6 FA . -18.97 8.08 16.72
O3' AR6 FA . -19.84 8.51 15.68
O3A AR6 FA . -21.59 5.66 20.50
C3D AR6 FA . -24.20 3.11 23.76
O3D AR6 FA . -24.46 3.85 24.94
C4' AR6 FA . -19.39 8.64 18.09
O4' AR6 FA . -18.25 9.34 18.61
C4D AR6 FA . -25.20 3.50 22.67
O4D AR6 FA . -25.11 2.44 21.69
C5' AR6 FA . -19.78 7.56 19.08
O5' AR6 FA . -20.93 6.94 18.56
C5D AR6 FA . -24.97 4.83 22.01
O5D AR6 FA . -23.74 4.82 21.32
ZN ZN GA . -32.74 -1.16 50.11
N1 NCA HA . -17.50 1.17 24.92
C2 NCA HA . -17.72 2.40 25.47
C3 NCA HA . -18.26 2.50 26.77
C4 NCA HA . -18.60 1.32 27.43
C5 NCA HA . -18.36 0.08 26.83
C6 NCA HA . -17.79 0.02 25.56
C7 NCA HA . -18.52 3.86 27.43
O7 NCA HA . -19.38 3.93 28.32
N7 NCA HA . -17.83 4.93 27.03
C1 GOL IA . -28.31 -0.37 25.97
O1 GOL IA . -28.62 -1.75 25.78
C2 GOL IA . -29.39 0.51 25.39
O2 GOL IA . -28.88 1.08 24.19
C3 GOL IA . -30.70 -0.23 25.14
O3 GOL IA . -31.77 0.62 24.76
S SO4 JA . -5.30 16.80 36.00
O1 SO4 JA . -4.90 15.52 36.54
O2 SO4 JA . -5.28 17.79 37.03
O3 SO4 JA . -4.40 17.17 34.96
O4 SO4 JA . -6.65 16.65 35.47
S SO4 KA . -21.16 20.98 7.51
O1 SO4 KA . -21.79 21.91 8.41
O2 SO4 KA . -19.75 20.95 7.75
O3 SO4 KA . -21.40 21.37 6.15
O4 SO4 KA . -21.71 19.65 7.72
S SO4 LA . -7.88 1.42 18.80
O1 SO4 LA . -7.41 0.67 19.91
O2 SO4 LA . -9.10 2.10 19.12
O3 SO4 LA . -6.81 2.32 18.45
O4 SO4 LA . -8.14 0.53 17.68
S SO4 MA . -19.12 -7.85 42.17
O1 SO4 MA . -19.32 -8.13 43.55
O2 SO4 MA . -19.70 -6.55 41.81
O3 SO4 MA . -17.71 -7.86 41.96
O4 SO4 MA . -19.77 -8.85 41.34
N1 AR6 NA . 14.33 25.59 -13.35
C2 AR6 NA . 15.48 25.94 -12.74
N3 AR6 NA . 16.30 25.20 -12.00
C4 AR6 NA . 15.84 23.94 -11.90
C5 AR6 NA . 14.69 23.44 -12.44
C6 AR6 NA . 13.89 24.31 -13.20
N6 AR6 NA . 12.77 23.95 -13.81
N7 AR6 NA . 14.55 22.09 -12.10
C8 AR6 NA . 15.62 21.80 -11.42
N9 AR6 NA . 16.43 22.91 -11.22
PA AR6 NA . 21.59 18.39 -10.20
PB AR6 NA . 23.20 18.19 -12.58
C1' AR6 NA . 17.73 22.91 -10.53
O1A AR6 NA . 22.86 18.32 -9.40
O1B AR6 NA . 22.78 17.95 -14.02
C1D AR6 NA . 25.02 13.19 -11.67
O1D AR6 NA . 25.98 12.36 -11.05
C2' AR6 NA . 17.83 22.21 -9.18
O2' AR6 NA . 17.69 23.17 -8.15
O2A AR6 NA . 20.34 17.68 -9.80
O2B AR6 NA . 23.84 19.49 -12.21
C2D AR6 NA . 24.90 12.99 -13.20
O2D AR6 NA . 26.07 12.52 -13.82
C3' AR6 NA . 19.27 21.64 -9.16
O3' AR6 NA . 20.11 22.53 -8.44
O3A AR6 NA . 21.91 17.94 -11.69
C3D AR6 NA . 24.59 14.39 -13.72
O3D AR6 NA . 24.83 14.55 -15.12
C4' AR6 NA . 19.71 21.63 -10.63
O4' AR6 NA . 18.58 22.16 -11.38
C4D AR6 NA . 25.53 15.18 -12.82
O4D AR6 NA . 25.36 14.57 -11.50
C5' AR6 NA . 20.13 20.30 -11.17
O5' AR6 NA . 21.31 19.92 -10.42
C5D AR6 NA . 25.31 16.66 -12.73
O5D AR6 NA . 24.06 16.93 -12.08
ZN ZN OA . 33.01 -0.15 -35.97
N1 NCA PA . 17.86 12.16 -13.88
C2 NCA PA . 18.07 13.06 -14.89
C3 NCA PA . 18.60 12.61 -16.12
C4 NCA PA . 18.91 11.24 -16.20
C5 NCA PA . 18.67 10.35 -15.15
C6 NCA PA . 18.13 10.83 -13.97
C7 NCA PA . 18.87 13.57 -17.30
O7 NCA PA . 19.73 13.20 -18.13
N7 NCA PA . 18.14 14.75 -17.43
C1 GOL QA . 32.46 11.50 -14.35
O1 GOL QA . 33.49 12.03 -13.52
C2 GOL QA . 31.27 10.98 -13.57
O2 GOL QA . 31.11 11.74 -12.36
C3 GOL QA . 29.96 10.99 -14.35
O3 GOL QA . 28.91 11.56 -13.57
S SO4 RA . 5.60 22.02 -30.38
O1 SO4 RA . 4.76 22.84 -29.56
O2 SO4 RA . 6.96 22.13 -29.88
O3 SO4 RA . 5.22 20.62 -30.33
O4 SO4 RA . 5.45 22.51 -31.71
S SO4 SA . 21.45 37.35 -5.97
O1 SO4 SA . 21.53 38.13 -4.78
O2 SO4 SA . 20.09 37.14 -6.32
O3 SO4 SA . 22.08 36.08 -5.74
O4 SO4 SA . 22.12 38.07 -7.03
S SO4 TA . 14.20 43.75 -30.83
O1 SO4 TA . 14.23 44.20 -29.47
O2 SO4 TA . 13.96 44.87 -31.72
O3 SO4 TA . 15.48 43.13 -31.15
O4 SO4 TA . 13.11 42.79 -30.97
S SO4 UA . 19.61 -3.15 -25.97
O1 SO4 UA . 20.23 -3.65 -24.76
O2 SO4 UA . 20.12 -1.80 -26.24
O3 SO4 UA . 19.95 -4.02 -27.06
O4 SO4 UA . 18.18 -3.13 -25.85
N1 AR6 VA . -0.08 -0.81 29.08
C2 AR6 VA . 0.92 -1.69 28.87
N3 AR6 VA . 1.48 -2.06 27.71
C4 AR6 VA . 0.88 -1.46 26.67
C5 AR6 VA . -0.17 -0.56 26.72
C6 AR6 VA . -0.68 -0.23 27.99
N6 AR6 VA . -1.67 0.65 28.15
N7 AR6 VA . -0.54 -0.15 25.44
C8 AR6 VA . 0.32 -0.77 24.65
N9 AR6 VA . 1.17 -1.61 25.35
PA AR6 VA . 5.66 -1.09 20.08
PB AR6 VA . 7.81 0.78 20.71
C1' AR6 VA . 2.29 -2.38 24.82
O1A AR6 VA . 6.69 -1.93 19.41
O1B AR6 VA . 7.72 2.14 21.35
C1D AR6 VA . 8.95 2.26 15.55
O1D AR6 VA . 9.70 2.01 14.35
C2' AR6 VA . 2.03 -3.26 23.59
O2' AR6 VA . 1.69 -4.54 24.07
O2A AR6 VA . 4.29 -0.90 19.50
O2B AR6 VA . 8.49 -0.26 21.54
C2D AR6 VA . 9.11 3.66 16.13
O2D AR6 VA . 10.31 4.33 15.76
C3' AR6 VA . 3.37 -3.24 22.85
O3' AR6 VA . 4.15 -4.40 23.08
O3A AR6 VA . 6.31 0.37 20.28
C3D AR6 VA . 9.11 3.46 17.65
O3D AR6 VA . 9.78 4.49 18.37
C4' AR6 VA . 4.13 -2.05 23.44
O4' AR6 VA . 3.29 -1.45 24.46
C4D AR6 VA . 9.89 2.14 17.73
O4D AR6 VA . 9.38 1.37 16.61
C5' AR6 VA . 4.52 -1.01 22.43
O5' AR6 VA . 5.54 -1.60 21.57
C5D AR6 VA . 9.77 1.34 19.01
O5D AR6 VA . 8.40 0.90 19.21
ZN ZN WA . 21.26 28.74 14.73
N1 NCA XA . 2.41 5.73 17.00
C2 NCA XA . 2.97 6.09 18.21
C3 NCA XA . 3.73 7.25 18.31
C4 NCA XA . 3.86 8.02 17.16
C5 NCA XA . 3.24 7.63 15.93
C6 NCA XA . 2.50 6.47 15.87
C7 NCA XA . 4.34 7.73 19.67
O7 NCA XA . 5.38 8.44 19.65
N7 NCA XA . 3.65 7.39 20.85
C1 GOL YA . 15.18 3.35 14.86
O1 GOL YA . 16.47 3.79 14.46
C2 GOL YA . 14.14 3.63 13.81
O2 GOL YA . 12.90 3.02 14.15
C3 GOL YA . 13.90 5.12 13.59
O3 GOL YA . 13.15 5.34 12.40
C1 GOL ZA . 5.38 4.58 53.93
O1 GOL ZA . 4.86 5.29 55.05
C2 GOL ZA . 5.46 5.47 52.73
O2 GOL ZA . 6.62 5.13 51.97
C3 GOL ZA . 4.19 5.41 51.91
O3 GOL ZA . 3.16 6.22 52.47
S SO4 AB . 5.86 -14.15 34.38
O1 SO4 AB . 4.74 -13.27 34.15
O2 SO4 AB . 6.63 -13.68 35.50
O3 SO4 AB . 6.66 -14.17 33.19
O4 SO4 AB . 5.36 -15.47 34.68
S SO4 BB . 5.63 23.37 9.36
O1 SO4 BB . 6.16 22.79 10.58
O2 SO4 BB . 5.99 24.77 9.30
O3 SO4 BB . 6.22 22.68 8.23
O4 SO4 BB . 4.19 23.27 9.33
#